data_8CFS
#
_entry.id   8CFS
#
_cell.length_a   73.330
_cell.length_b   132.850
_cell.length_c   98.900
_cell.angle_alpha   90.00
_cell.angle_beta   101.08
_cell.angle_gamma   90.00
#
_symmetry.space_group_name_H-M   'P 1 21 1'
#
loop_
_entity.id
_entity.type
_entity.pdbx_description
1 polymer Adenosylhomocysteinase
2 non-polymer NICOTINAMIDE-ADENINE-DINUCLEOTIDE
3 non-polymer ADENINE
4 non-polymer N-[3-(hydroxymethyl)phenyl]ethanamide
5 non-polymer 'POTASSIUM ION'
6 non-polymer 'PHOSPHATE ION'
7 non-polymer GLYCEROL
8 water water
#
_entity_poly.entity_id   1
_entity_poly.type   'polypeptide(L)'
_entity_poly.pdbx_seq_one_letter_code
;SNAMSAVMTPAGFTDYKVADITLAAWGRRELIIAESEMPALMGLRRKYAGQQPLKGAKILGCIHMTIQTGVLIETLVALG
AEVRWSSCNIFSTQDQAAAAIAAAGIPVFAWKGETEEEYEWCIEQTILKDGQPWDANMVLDDGGDLTEILHKKYPQMLER
IHGITEETTTGVHRLLDMLKNGTLKVPAINVNDSVTKSKNDNKYGCRHSLNDAIKRGTDHLLSGKQALVIGYGDVGKGSS
QSLRQEGMIVKVAEVDPICAMQACMDGFEVVSPYKNGINDGTEASIDAALLGKIDLIVTTTGNVNVCDANMLKALKKRAV
VCNIGHFDNEIDTAFMRKNWAWEEVKPQVHKIHRTGKDGFDAHNDDYLILLAEGRLVNLGNATGHPSRIMDGSFANQVLA
QIHLFEQKYADLPAAEKAKRLSVEVLPKKLDEEVALEMVKGFGGVVTQLTPKQAEYIGVSVEGPFKPDTYRY
;
_entity_poly.pdbx_strand_id   A,B,C,D
#
loop_
_chem_comp.id
_chem_comp.type
_chem_comp.name
_chem_comp.formula
ADE non-polymer ADENINE 'C5 H5 N5'
GOL non-polymer GLYCEROL 'C3 H8 O3'
K non-polymer 'POTASSIUM ION' 'K 1'
NAD non-polymer NICOTINAMIDE-ADENINE-DINUCLEOTIDE 'C21 H27 N7 O14 P2'
PO4 non-polymer 'PHOSPHATE ION' 'O4 P -3'
UI7 non-polymer N-[3-(hydroxymethyl)phenyl]ethanamide 'C9 H11 N O2'
#
# COMPACT_ATOMS: atom_id res chain seq x y z
N THR A 9 -0.28 47.48 3.42
CA THR A 9 0.01 48.58 4.34
C THR A 9 0.05 49.98 3.69
N PRO A 10 0.66 50.15 2.50
CA PRO A 10 0.87 51.50 1.96
C PRO A 10 -0.39 52.36 2.03
N ALA A 11 -0.21 53.65 2.37
CA ALA A 11 -1.37 54.52 2.53
C ALA A 11 -2.11 54.66 1.21
N GLY A 12 -3.43 54.54 1.26
CA GLY A 12 -4.23 54.79 0.08
C GLY A 12 -4.17 53.71 -0.97
N PHE A 13 -3.61 52.53 -0.67
CA PHE A 13 -3.44 51.49 -1.66
C PHE A 13 -4.79 51.00 -2.20
N THR A 14 -4.97 51.13 -3.53
CA THR A 14 -6.17 50.65 -4.21
C THR A 14 -5.84 49.84 -5.46
N ASP A 15 -4.57 49.53 -5.69
CA ASP A 15 -4.12 48.92 -6.94
C ASP A 15 -4.20 47.40 -6.85
N TYR A 16 -5.44 46.92 -6.70
CA TYR A 16 -5.70 45.48 -6.58
C TYR A 16 -7.18 45.25 -6.81
N LYS A 17 -7.55 43.99 -6.97
CA LYS A 17 -8.95 43.59 -6.95
C LYS A 17 -9.03 42.17 -6.39
N VAL A 18 -9.65 42.03 -5.23
CA VAL A 18 -9.79 40.73 -4.57
C VAL A 18 -11.24 40.61 -4.09
N ALA A 19 -11.60 39.43 -3.60
CA ALA A 19 -12.98 39.19 -3.17
C ALA A 19 -13.31 39.89 -1.86
N ASP A 20 -12.40 39.86 -0.89
CA ASP A 20 -12.79 40.23 0.47
C ASP A 20 -11.52 40.58 1.26
N ILE A 21 -11.24 41.88 1.39
CA ILE A 21 -10.01 42.35 2.03
C ILE A 21 -9.97 41.96 3.50
N THR A 22 -11.12 41.72 4.13
CA THR A 22 -11.12 41.42 5.57
C THR A 22 -10.60 40.02 5.87
N LEU A 23 -10.38 39.20 4.84
CA LEU A 23 -9.73 37.91 5.01
C LEU A 23 -8.22 38.02 5.18
N ALA A 24 -7.65 39.23 5.13
CA ALA A 24 -6.20 39.38 5.05
C ALA A 24 -5.50 38.80 6.28
N ALA A 25 -6.03 39.08 7.48
CA ALA A 25 -5.36 38.60 8.69
C ALA A 25 -5.32 37.08 8.74
N TRP A 26 -6.43 36.44 8.34
CA TRP A 26 -6.47 34.99 8.16
C TRP A 26 -5.39 34.53 7.16
N GLY A 27 -5.37 35.14 5.98
CA GLY A 27 -4.35 34.78 5.01
C GLY A 27 -2.94 34.94 5.54
N ARG A 28 -2.66 36.02 6.28
CA ARG A 28 -1.35 36.23 6.87
C ARG A 28 -1.01 35.11 7.87
N ARG A 29 -1.96 34.70 8.70
CA ARG A 29 -1.71 33.58 9.61
C ARG A 29 -1.33 32.34 8.82
N GLU A 30 -2.00 32.10 7.69
CA GLU A 30 -1.68 30.90 6.92
C GLU A 30 -0.35 31.04 6.18
N LEU A 31 0.02 32.26 5.79
CA LEU A 31 1.32 32.46 5.16
C LEU A 31 2.45 32.19 6.15
N ILE A 32 2.30 32.63 7.40
CA ILE A 32 3.31 32.38 8.44
C ILE A 32 3.47 30.88 8.69
N ILE A 33 2.37 30.12 8.74
CA ILE A 33 2.47 28.67 8.79
C ILE A 33 3.15 28.11 7.54
N ALA A 34 2.73 28.58 6.35
CA ALA A 34 3.33 28.07 5.11
C ALA A 34 4.84 28.33 5.07
N GLU A 35 5.28 29.46 5.58
CA GLU A 35 6.72 29.73 5.60
C GLU A 35 7.48 28.61 6.32
N SER A 36 6.87 28.05 7.38
CA SER A 36 7.52 26.99 8.13
C SER A 36 7.50 25.66 7.39
N GLU A 37 6.64 25.54 6.39
CA GLU A 37 6.53 24.35 5.55
C GLU A 37 7.32 24.46 4.25
N MET A 38 8.00 25.58 3.99
CA MET A 38 8.70 25.78 2.72
C MET A 38 10.15 26.12 2.96
N PRO A 39 10.93 25.16 3.46
CA PRO A 39 12.32 25.47 3.81
C PRO A 39 13.22 25.84 2.63
N ALA A 40 13.01 25.25 1.45
CA ALA A 40 13.88 25.64 0.33
C ALA A 40 13.62 27.08 -0.08
N LEU A 41 12.34 27.44 -0.19
CA LEU A 41 11.99 28.80 -0.57
C LEU A 41 12.42 29.80 0.52
N MET A 42 12.15 29.46 1.78
N MET A 42 12.17 29.48 1.79
CA MET A 42 12.59 30.32 2.88
CA MET A 42 12.60 30.41 2.82
C MET A 42 14.11 30.44 2.89
C MET A 42 14.12 30.43 2.97
N GLY A 43 14.81 29.35 2.60
CA GLY A 43 16.26 29.39 2.61
C GLY A 43 16.80 30.37 1.59
N LEU A 44 16.16 30.43 0.42
CA LEU A 44 16.57 31.39 -0.60
C LEU A 44 16.32 32.81 -0.15
N ARG A 45 15.18 33.02 0.51
CA ARG A 45 14.90 34.32 1.12
C ARG A 45 16.03 34.74 2.04
N ARG A 46 16.42 33.86 2.97
CA ARG A 46 17.48 34.20 3.91
C ARG A 46 18.83 34.34 3.21
N LYS A 47 19.11 33.49 2.24
CA LYS A 47 20.42 33.50 1.60
C LYS A 47 20.63 34.75 0.77
N TYR A 48 19.61 35.19 0.03
CA TYR A 48 19.78 36.21 -0.98
C TYR A 48 19.23 37.57 -0.61
N ALA A 49 18.57 37.71 0.54
CA ALA A 49 17.91 38.98 0.85
C ALA A 49 18.89 40.14 0.87
N GLY A 50 20.05 39.94 1.48
CA GLY A 50 21.05 41.00 1.53
C GLY A 50 21.59 41.36 0.15
N GLN A 51 21.78 40.36 -0.71
CA GLN A 51 22.30 40.60 -2.04
C GLN A 51 21.29 41.32 -2.94
N GLN A 52 20.00 41.24 -2.66
CA GLN A 52 18.96 41.85 -3.50
C GLN A 52 19.14 41.51 -4.99
N PRO A 53 19.18 40.23 -5.34
CA PRO A 53 19.45 39.88 -6.75
C PRO A 53 18.35 40.28 -7.70
N LEU A 54 17.12 40.50 -7.21
CA LEU A 54 16.03 40.95 -8.06
C LEU A 54 15.75 42.44 -7.94
N LYS A 55 16.66 43.21 -7.34
CA LYS A 55 16.49 44.66 -7.34
C LYS A 55 16.39 45.18 -8.76
N GLY A 56 15.30 45.88 -9.04
CA GLY A 56 15.03 46.39 -10.37
C GLY A 56 14.18 45.47 -11.22
N ALA A 57 13.94 44.25 -10.76
CA ALA A 57 13.07 43.35 -11.51
C ALA A 57 11.63 43.81 -11.37
N LYS A 58 10.90 43.78 -12.47
CA LYS A 58 9.47 44.10 -12.48
C LYS A 58 8.75 42.93 -13.14
N ILE A 59 8.16 42.07 -12.30
CA ILE A 59 7.71 40.75 -12.70
C ILE A 59 6.19 40.77 -12.91
N LEU A 60 5.75 40.40 -14.10
CA LEU A 60 4.35 40.05 -14.30
C LEU A 60 4.18 38.58 -13.93
N GLY A 61 3.33 38.29 -12.98
CA GLY A 61 3.11 36.91 -12.54
C GLY A 61 1.68 36.45 -12.81
N CYS A 62 1.55 35.23 -13.32
CA CYS A 62 0.25 34.64 -13.58
C CYS A 62 0.30 33.20 -13.09
N ILE A 63 -0.14 32.98 -11.84
CA ILE A 63 -0.22 31.62 -11.30
C ILE A 63 -1.21 31.63 -10.14
N HIS A 64 -1.99 30.55 -10.06
CA HIS A 64 -2.94 30.25 -9.00
C HIS A 64 -2.65 31.02 -7.72
N MET A 65 -3.55 31.93 -7.33
CA MET A 65 -3.29 32.83 -6.21
C MET A 65 -3.63 32.13 -4.89
N THR A 66 -2.78 31.20 -4.53
CA THR A 66 -2.89 30.38 -3.31
C THR A 66 -1.99 30.94 -2.23
N ILE A 67 -2.11 30.37 -1.04
CA ILE A 67 -1.18 30.67 0.04
C ILE A 67 0.26 30.37 -0.40
N GLN A 68 0.45 29.27 -1.14
CA GLN A 68 1.79 28.87 -1.58
C GLN A 68 2.37 29.90 -2.55
N THR A 69 1.56 30.37 -3.48
CA THR A 69 1.98 31.44 -4.36
C THR A 69 2.27 32.72 -3.57
N GLY A 70 1.51 32.97 -2.49
CA GLY A 70 1.80 34.12 -1.62
C GLY A 70 3.22 34.09 -1.08
N VAL A 71 3.68 32.93 -0.60
CA VAL A 71 5.05 32.82 -0.12
C VAL A 71 6.05 33.05 -1.25
N LEU A 72 5.75 32.53 -2.45
CA LEU A 72 6.59 32.80 -3.62
C LEU A 72 6.67 34.29 -3.90
N ILE A 73 5.51 34.94 -3.99
CA ILE A 73 5.47 36.37 -4.27
C ILE A 73 6.31 37.14 -3.26
N GLU A 74 6.13 36.86 -1.95
CA GLU A 74 6.84 37.66 -0.97
C GLU A 74 8.33 37.32 -0.92
N THR A 75 8.72 36.16 -1.44
CA THR A 75 10.15 35.88 -1.60
C THR A 75 10.73 36.72 -2.72
N LEU A 76 10.05 36.80 -3.86
CA LEU A 76 10.54 37.64 -4.95
C LEU A 76 10.67 39.08 -4.47
N VAL A 77 9.68 39.56 -3.73
CA VAL A 77 9.69 40.93 -3.20
C VAL A 77 10.83 41.13 -2.21
N ALA A 78 11.04 40.14 -1.34
CA ALA A 78 12.10 40.21 -0.35
C ALA A 78 13.46 40.27 -1.02
N LEU A 79 13.59 39.70 -2.22
CA LEU A 79 14.84 39.72 -2.96
C LEU A 79 14.96 40.95 -3.86
N GLY A 80 14.01 41.89 -3.77
CA GLY A 80 14.12 43.17 -4.45
C GLY A 80 13.11 43.41 -5.54
N ALA A 81 12.29 42.44 -5.91
CA ALA A 81 11.44 42.59 -7.08
C ALA A 81 10.20 43.43 -6.75
N GLU A 82 9.67 44.11 -7.78
CA GLU A 82 8.28 44.54 -7.82
C GLU A 82 7.51 43.54 -8.67
N VAL A 83 6.25 43.30 -8.32
CA VAL A 83 5.42 42.36 -9.05
C VAL A 83 4.01 42.92 -9.22
N ARG A 84 3.32 42.41 -10.24
CA ARG A 84 1.88 42.59 -10.46
C ARG A 84 1.33 41.22 -10.82
N TRP A 85 0.27 40.77 -10.11
CA TRP A 85 -0.07 39.36 -10.06
C TRP A 85 -1.52 39.08 -10.45
N SER A 86 -1.76 37.94 -11.10
CA SER A 86 -3.10 37.41 -11.36
C SER A 86 -3.05 35.89 -11.20
N SER A 87 -4.23 35.27 -11.07
CA SER A 87 -4.30 33.82 -11.06
C SER A 87 -4.31 33.30 -12.49
N CYS A 88 -3.87 32.06 -12.67
CA CYS A 88 -3.98 31.40 -13.98
C CYS A 88 -5.18 30.46 -14.07
N ASN A 89 -6.14 30.55 -13.14
CA ASN A 89 -7.37 29.77 -13.26
C ASN A 89 -8.49 30.49 -12.53
N ILE A 90 -9.70 30.41 -13.09
CA ILE A 90 -10.82 31.15 -12.50
C ILE A 90 -11.22 30.64 -11.13
N PHE A 91 -10.88 29.39 -10.78
CA PHE A 91 -11.36 28.80 -9.51
C PHE A 91 -10.23 28.53 -8.52
N SER A 92 -8.98 28.88 -8.85
CA SER A 92 -7.88 28.38 -8.03
C SER A 92 -7.44 29.34 -6.94
N THR A 93 -7.82 30.60 -7.00
CA THR A 93 -7.45 31.55 -5.96
C THR A 93 -7.99 31.12 -4.60
N GLN A 94 -7.17 31.26 -3.56
CA GLN A 94 -7.65 31.26 -2.19
C GLN A 94 -7.84 32.71 -1.78
N ASP A 95 -9.09 33.10 -1.47
CA ASP A 95 -9.36 34.52 -1.28
C ASP A 95 -8.59 35.10 -0.10
N GLN A 96 -8.32 34.30 0.94
CA GLN A 96 -7.53 34.84 2.05
C GLN A 96 -6.06 35.07 1.63
N ALA A 97 -5.55 34.29 0.68
CA ALA A 97 -4.19 34.53 0.18
C ALA A 97 -4.14 35.81 -0.63
N ALA A 98 -5.09 35.98 -1.55
CA ALA A 98 -5.17 37.21 -2.32
C ALA A 98 -5.32 38.42 -1.40
N ALA A 99 -6.17 38.32 -0.37
CA ALA A 99 -6.36 39.45 0.51
C ALA A 99 -5.08 39.82 1.23
N ALA A 100 -4.36 38.82 1.73
CA ALA A 100 -3.11 39.11 2.46
C ALA A 100 -2.07 39.77 1.56
N ILE A 101 -2.01 39.36 0.29
CA ILE A 101 -1.05 39.96 -0.62
C ILE A 101 -1.44 41.40 -0.94
N ALA A 102 -2.72 41.66 -1.19
CA ALA A 102 -3.16 43.04 -1.41
C ALA A 102 -2.92 43.90 -0.18
N ALA A 103 -3.20 43.35 1.01
CA ALA A 103 -2.99 44.12 2.24
C ALA A 103 -1.52 44.45 2.46
N ALA A 104 -0.63 43.71 1.83
CA ALA A 104 0.79 44.00 1.90
C ALA A 104 1.23 45.05 0.91
N GLY A 105 0.30 45.63 0.14
CA GLY A 105 0.66 46.64 -0.85
C GLY A 105 1.16 46.06 -2.16
N ILE A 106 0.79 44.84 -2.48
CA ILE A 106 1.24 44.17 -3.69
C ILE A 106 0.06 44.10 -4.66
N PRO A 107 0.19 44.59 -5.89
CA PRO A 107 -0.93 44.55 -6.83
C PRO A 107 -1.28 43.11 -7.20
N VAL A 108 -2.53 42.74 -6.93
CA VAL A 108 -3.03 41.39 -7.20
C VAL A 108 -4.48 41.51 -7.63
N PHE A 109 -4.84 40.78 -8.70
CA PHE A 109 -6.17 40.80 -9.29
C PHE A 109 -6.61 39.33 -9.43
N ALA A 110 -7.38 38.87 -8.44
CA ALA A 110 -7.63 37.43 -8.34
C ALA A 110 -8.70 37.18 -7.31
N TRP A 111 -9.68 36.35 -7.65
CA TRP A 111 -10.61 35.83 -6.66
C TRP A 111 -11.13 34.50 -7.15
N LYS A 112 -11.63 33.71 -6.20
CA LYS A 112 -12.17 32.42 -6.55
C LYS A 112 -13.54 32.60 -7.18
N GLY A 113 -13.73 32.03 -8.37
CA GLY A 113 -15.02 32.11 -9.05
C GLY A 113 -15.12 33.23 -10.07
N GLU A 114 -14.01 33.60 -10.69
CA GLU A 114 -14.03 34.59 -11.78
C GLU A 114 -14.84 34.08 -12.97
N THR A 115 -15.43 35.01 -13.72
CA THR A 115 -15.87 34.64 -15.06
C THR A 115 -14.69 34.67 -16.02
N GLU A 116 -14.89 34.11 -17.22
CA GLU A 116 -13.81 34.14 -18.21
C GLU A 116 -13.45 35.58 -18.58
N GLU A 117 -14.45 36.46 -18.64
CA GLU A 117 -14.19 37.87 -18.89
C GLU A 117 -13.37 38.49 -17.76
N GLU A 118 -13.78 38.23 -16.51
CA GLU A 118 -13.00 38.73 -15.37
C GLU A 118 -11.58 38.17 -15.38
N TYR A 119 -11.42 36.90 -15.78
CA TYR A 119 -10.09 36.28 -15.84
C TYR A 119 -9.15 37.07 -16.75
N GLU A 120 -9.61 37.39 -17.96
CA GLU A 120 -8.79 38.16 -18.89
C GLU A 120 -8.54 39.56 -18.36
N TRP A 121 -9.55 40.18 -17.75
CA TRP A 121 -9.39 41.52 -17.21
C TRP A 121 -8.35 41.54 -16.10
N CYS A 122 -8.34 40.50 -15.25
CA CYS A 122 -7.34 40.45 -14.19
C CYS A 122 -5.93 40.40 -14.77
N ILE A 123 -5.71 39.61 -15.82
CA ILE A 123 -4.36 39.59 -16.45
C ILE A 123 -4.01 40.98 -17.00
N GLU A 124 -4.99 41.63 -17.61
CA GLU A 124 -4.72 42.94 -18.23
C GLU A 124 -4.40 43.99 -17.16
N GLN A 125 -4.97 43.84 -15.96
CA GLN A 125 -4.65 44.77 -14.85
C GLN A 125 -3.20 44.58 -14.39
N THR A 126 -2.64 43.39 -14.57
CA THR A 126 -1.21 43.27 -14.25
C THR A 126 -0.38 43.93 -15.33
N ILE A 127 -0.79 43.72 -16.60
CA ILE A 127 -0.06 44.24 -17.74
C ILE A 127 -0.10 45.76 -17.78
N LEU A 128 -1.27 46.33 -17.49
CA LEU A 128 -1.47 47.78 -17.51
C LEU A 128 -1.31 48.35 -16.10
N LYS A 129 -0.67 49.51 -16.01
CA LYS A 129 -0.67 50.26 -14.77
C LYS A 129 -1.07 51.69 -15.10
N ASP A 130 -2.15 52.16 -14.47
CA ASP A 130 -2.70 53.50 -14.74
C ASP A 130 -3.00 53.67 -16.23
N GLY A 131 -3.58 52.63 -16.84
CA GLY A 131 -4.04 52.72 -18.21
C GLY A 131 -2.99 52.52 -19.28
N GLN A 132 -1.72 52.33 -18.90
CA GLN A 132 -0.64 52.19 -19.86
C GLN A 132 0.20 50.98 -19.48
N PRO A 133 0.87 50.37 -20.45
CA PRO A 133 1.69 49.18 -20.12
C PRO A 133 2.67 49.49 -19.00
N TRP A 134 2.67 48.63 -17.99
CA TRP A 134 3.70 48.68 -16.96
C TRP A 134 5.05 48.44 -17.61
N ASP A 135 6.11 48.97 -16.99
CA ASP A 135 7.47 48.73 -17.47
C ASP A 135 8.01 47.41 -16.92
N ALA A 136 7.29 46.34 -17.24
CA ALA A 136 7.69 45.00 -16.84
C ALA A 136 8.95 44.56 -17.58
N ASN A 137 9.78 43.74 -16.91
CA ASN A 137 10.95 43.18 -17.56
C ASN A 137 11.13 41.70 -17.26
N MET A 138 10.18 41.08 -16.55
CA MET A 138 10.21 39.65 -16.25
C MET A 138 8.80 39.12 -16.24
N VAL A 139 8.66 37.84 -16.62
CA VAL A 139 7.37 37.16 -16.65
C VAL A 139 7.52 35.85 -15.88
N LEU A 140 6.54 35.54 -15.04
CA LEU A 140 6.43 34.25 -14.39
C LEU A 140 5.03 33.73 -14.70
N ASP A 141 4.94 32.58 -15.37
CA ASP A 141 3.69 32.11 -15.96
C ASP A 141 3.48 30.65 -15.60
N ASP A 142 2.19 30.25 -15.62
CA ASP A 142 1.74 28.90 -15.29
C ASP A 142 0.64 28.54 -16.28
N GLY A 143 1.02 27.88 -17.38
CA GLY A 143 0.10 27.42 -18.39
C GLY A 143 0.16 28.22 -19.67
N GLY A 144 0.87 29.36 -19.67
CA GLY A 144 1.12 30.09 -20.90
C GLY A 144 0.13 31.18 -21.25
N ASP A 145 -0.87 31.45 -20.41
CA ASP A 145 -1.90 32.41 -20.82
C ASP A 145 -1.36 33.83 -20.86
N LEU A 146 -0.59 34.22 -19.84
CA LEU A 146 0.03 35.55 -19.83
C LEU A 146 1.05 35.70 -20.94
N THR A 147 1.89 34.68 -21.13
CA THR A 147 2.82 34.64 -22.26
C THR A 147 2.06 34.89 -23.56
N GLU A 148 0.93 34.19 -23.75
CA GLU A 148 0.20 34.32 -25.01
C GLU A 148 -0.34 35.72 -25.21
N ILE A 149 -0.92 36.31 -24.14
CA ILE A 149 -1.51 37.65 -24.25
C ILE A 149 -0.43 38.69 -24.58
N LEU A 150 0.73 38.61 -23.93
CA LEU A 150 1.83 39.51 -24.27
C LEU A 150 2.23 39.40 -25.74
N HIS A 151 2.44 38.17 -26.24
CA HIS A 151 2.88 38.05 -27.63
C HIS A 151 1.77 38.49 -28.59
N LYS A 152 0.53 38.19 -28.25
CA LYS A 152 -0.56 38.43 -29.19
C LYS A 152 -0.98 39.90 -29.18
N LYS A 153 -1.03 40.51 -28.01
CA LYS A 153 -1.67 41.81 -27.82
C LYS A 153 -0.71 42.90 -27.37
N TYR A 154 0.36 42.56 -26.65
CA TYR A 154 1.29 43.61 -26.25
C TYR A 154 2.69 43.27 -26.72
N PRO A 155 2.90 42.97 -28.01
CA PRO A 155 4.24 42.52 -28.43
C PRO A 155 5.34 43.52 -28.13
N GLN A 156 5.05 44.83 -28.13
CA GLN A 156 6.10 45.80 -27.86
C GLN A 156 6.60 45.71 -26.43
N MET A 157 5.78 45.25 -25.48
CA MET A 157 6.27 45.07 -24.11
C MET A 157 7.36 44.01 -24.04
N LEU A 158 7.34 43.04 -24.96
CA LEU A 158 8.35 41.99 -24.93
C LEU A 158 9.74 42.52 -25.29
N GLU A 159 9.82 43.70 -25.90
CA GLU A 159 11.13 44.27 -26.20
C GLU A 159 11.93 44.57 -24.94
N ARG A 160 11.26 44.73 -23.79
CA ARG A 160 11.95 45.07 -22.56
C ARG A 160 12.01 43.91 -21.56
N ILE A 161 11.53 42.73 -21.95
CA ILE A 161 11.41 41.61 -21.03
C ILE A 161 12.57 40.66 -21.22
N HIS A 162 13.25 40.32 -20.11
CA HIS A 162 14.46 39.50 -20.16
C HIS A 162 14.17 38.00 -20.20
N GLY A 163 13.00 37.56 -19.77
CA GLY A 163 12.73 36.13 -19.83
C GLY A 163 11.38 35.80 -19.22
N ILE A 164 10.96 34.57 -19.50
CA ILE A 164 9.76 33.95 -18.95
C ILE A 164 10.21 32.75 -18.14
N THR A 165 9.63 32.56 -16.96
CA THR A 165 9.83 31.33 -16.21
C THR A 165 8.48 30.61 -16.12
N GLU A 166 8.36 29.44 -16.77
CA GLU A 166 7.10 28.76 -16.97
C GLU A 166 7.00 27.54 -16.06
N GLU A 167 5.88 27.41 -15.37
CA GLU A 167 5.69 26.45 -14.29
C GLU A 167 5.30 25.05 -14.76
N THR A 168 4.45 24.91 -15.77
CA THR A 168 3.73 23.65 -15.89
C THR A 168 3.86 23.04 -17.28
N THR A 169 3.53 21.74 -17.37
CA THR A 169 3.80 20.97 -18.57
C THR A 169 3.14 21.61 -19.79
N THR A 170 1.89 22.02 -19.65
CA THR A 170 1.16 22.60 -20.77
C THR A 170 1.80 23.91 -21.25
N GLY A 171 2.26 24.73 -20.30
CA GLY A 171 2.91 25.97 -20.67
C GLY A 171 4.21 25.73 -21.41
N VAL A 172 5.00 24.78 -20.94
CA VAL A 172 6.25 24.48 -21.66
C VAL A 172 5.94 24.02 -23.08
N HIS A 173 4.92 23.19 -23.24
CA HIS A 173 4.60 22.72 -24.59
C HIS A 173 4.29 23.89 -25.51
N ARG A 174 3.51 24.86 -25.02
CA ARG A 174 3.23 26.04 -25.84
C ARG A 174 4.51 26.82 -26.14
N LEU A 175 5.41 26.95 -25.15
CA LEU A 175 6.68 27.65 -25.40
C LEU A 175 7.50 26.95 -26.48
N LEU A 176 7.57 25.63 -26.44
CA LEU A 176 8.35 24.89 -27.43
C LEU A 176 7.74 25.02 -28.81
N ASP A 177 6.41 25.03 -28.90
CA ASP A 177 5.76 25.26 -30.18
CA ASP A 177 5.76 25.26 -30.18
C ASP A 177 6.12 26.64 -30.73
N MET A 178 6.07 27.67 -29.87
CA MET A 178 6.45 29.01 -30.30
C MET A 178 7.90 29.07 -30.75
N LEU A 179 8.79 28.44 -29.99
CA LEU A 179 10.20 28.46 -30.34
C LEU A 179 10.41 27.82 -31.69
N LYS A 180 9.72 26.70 -31.94
CA LYS A 180 9.87 25.98 -33.21
C LYS A 180 9.33 26.81 -34.38
N ASN A 181 8.24 27.54 -34.16
CA ASN A 181 7.63 28.34 -35.22
C ASN A 181 8.23 29.74 -35.32
N GLY A 182 9.24 30.06 -34.51
CA GLY A 182 9.90 31.35 -34.62
C GLY A 182 9.13 32.52 -34.04
N THR A 183 8.16 32.25 -33.18
CA THR A 183 7.27 33.29 -32.65
C THR A 183 7.53 33.62 -31.17
N LEU A 184 8.42 32.90 -30.51
CA LEU A 184 8.81 33.25 -29.15
C LEU A 184 9.80 34.41 -29.17
N LYS A 185 9.49 35.45 -28.40
CA LYS A 185 10.26 36.70 -28.48
C LYS A 185 11.30 36.86 -27.38
N VAL A 186 11.25 36.06 -26.32
CA VAL A 186 12.22 36.15 -25.20
C VAL A 186 12.55 34.76 -24.71
N PRO A 187 13.75 34.59 -24.14
CA PRO A 187 14.12 33.27 -23.62
C PRO A 187 13.26 32.88 -22.43
N ALA A 188 13.28 31.59 -22.13
CA ALA A 188 12.46 31.04 -21.07
C ALA A 188 13.22 29.93 -20.36
N ILE A 189 12.92 29.77 -19.09
CA ILE A 189 13.31 28.59 -18.33
C ILE A 189 12.08 27.72 -18.11
N ASN A 190 12.19 26.46 -18.51
CA ASN A 190 11.26 25.39 -18.19
C ASN A 190 11.50 24.98 -16.75
N VAL A 191 10.70 25.54 -15.84
CA VAL A 191 10.76 25.18 -14.42
C VAL A 191 10.14 23.81 -14.19
N ASN A 192 9.16 23.44 -15.02
CA ASN A 192 8.46 22.16 -14.85
C ASN A 192 9.42 20.99 -14.76
N ASP A 193 10.47 20.98 -15.58
CA ASP A 193 11.25 19.75 -15.70
C ASP A 193 12.54 19.73 -14.86
N SER A 194 12.65 20.61 -13.87
CA SER A 194 13.47 20.26 -12.70
C SER A 194 12.88 19.02 -12.09
N VAL A 195 13.73 18.15 -11.54
CA VAL A 195 13.17 16.94 -10.95
C VAL A 195 12.42 17.30 -9.67
N THR A 196 12.93 18.28 -8.93
CA THR A 196 12.24 18.79 -7.74
C THR A 196 10.99 19.58 -8.07
N LYS A 197 10.63 19.71 -9.35
CA LYS A 197 9.32 20.18 -9.75
C LYS A 197 8.52 19.02 -10.32
N SER A 198 8.85 18.58 -11.55
CA SER A 198 8.05 17.56 -12.23
C SER A 198 7.78 16.34 -11.38
N LYS A 199 8.80 15.81 -10.72
CA LYS A 199 8.65 14.51 -10.05
C LYS A 199 8.35 14.67 -8.57
N ASN A 200 7.92 15.86 -8.17
CA ASN A 200 7.55 16.18 -6.81
C ASN A 200 6.15 16.77 -6.89
N ASP A 201 6.07 17.96 -7.47
CA ASP A 201 4.81 18.67 -7.69
C ASP A 201 3.83 17.87 -8.54
N ASN A 202 4.20 17.61 -9.81
CA ASN A 202 3.21 17.01 -10.71
C ASN A 202 2.68 15.69 -10.19
N LYS A 203 3.56 14.89 -9.58
CA LYS A 203 3.16 13.54 -9.14
C LYS A 203 2.64 13.59 -7.71
N TYR A 204 3.51 13.90 -6.73
CA TYR A 204 3.08 13.82 -5.33
C TYR A 204 2.07 14.90 -4.98
N GLY A 205 2.13 16.04 -5.66
CA GLY A 205 1.14 17.07 -5.42
C GLY A 205 -0.27 16.54 -5.69
N CYS A 206 -0.44 15.89 -6.85
CA CYS A 206 -1.74 15.34 -7.20
C CYS A 206 -2.12 14.17 -6.29
N ARG A 207 -1.14 13.38 -5.85
N ARG A 207 -1.14 13.38 -5.85
CA ARG A 207 -1.41 12.34 -4.87
CA ARG A 207 -1.42 12.33 -4.88
C ARG A 207 -2.08 12.94 -3.64
C ARG A 207 -2.07 12.92 -3.63
N HIS A 208 -1.54 14.05 -3.14
CA HIS A 208 -2.11 14.68 -1.95
C HIS A 208 -3.46 15.30 -2.22
N SER A 209 -3.62 16.01 -3.35
CA SER A 209 -4.75 16.92 -3.48
C SER A 209 -5.92 16.40 -4.33
N LEU A 210 -5.74 15.32 -5.11
CA LEU A 210 -6.88 14.83 -5.88
C LEU A 210 -7.97 14.24 -4.96
N ASN A 211 -7.62 13.26 -4.11
CA ASN A 211 -8.65 12.71 -3.22
CA ASN A 211 -8.64 12.70 -3.21
C ASN A 211 -9.15 13.77 -2.26
N ASP A 212 -8.29 14.74 -1.90
CA ASP A 212 -8.67 15.87 -1.05
C ASP A 212 -9.82 16.62 -1.69
N ALA A 213 -9.68 16.95 -2.98
CA ALA A 213 -10.70 17.73 -3.67
C ALA A 213 -11.98 16.93 -3.84
N ILE A 214 -11.87 15.64 -4.14
CA ILE A 214 -13.07 14.85 -4.33
C ILE A 214 -13.85 14.76 -3.01
N LYS A 215 -13.12 14.55 -1.90
CA LYS A 215 -13.79 14.49 -0.60
C LYS A 215 -14.47 15.80 -0.27
N ARG A 216 -13.80 16.94 -0.50
CA ARG A 216 -14.43 18.20 -0.12
C ARG A 216 -15.66 18.48 -0.98
N GLY A 217 -15.61 18.10 -2.26
CA GLY A 217 -16.72 18.40 -3.15
C GLY A 217 -17.92 17.50 -2.92
N THR A 218 -17.69 16.21 -2.72
CA THR A 218 -18.77 15.21 -2.66
C THR A 218 -18.89 14.50 -1.33
N ASP A 219 -17.82 14.46 -0.53
CA ASP A 219 -17.72 13.59 0.65
C ASP A 219 -18.07 12.13 0.32
N HIS A 220 -17.84 11.70 -0.92
CA HIS A 220 -18.08 10.30 -1.25
C HIS A 220 -17.02 9.39 -0.64
N LEU A 221 -17.46 8.27 -0.05
CA LEU A 221 -16.55 7.15 0.14
C LEU A 221 -15.87 6.80 -1.19
N LEU A 222 -14.54 6.65 -1.18
CA LEU A 222 -13.86 6.19 -2.38
C LEU A 222 -13.54 4.70 -2.36
N SER A 223 -13.26 4.16 -1.16
CA SER A 223 -12.92 2.75 -0.99
C SER A 223 -13.99 1.86 -1.60
N GLY A 224 -13.54 0.84 -2.37
CA GLY A 224 -14.46 -0.13 -2.93
C GLY A 224 -15.08 0.27 -4.26
N LYS A 225 -14.95 1.52 -4.67
CA LYS A 225 -15.57 1.99 -5.92
C LYS A 225 -14.58 1.95 -7.07
N GLN A 226 -15.09 2.14 -8.29
CA GLN A 226 -14.29 1.97 -9.52
C GLN A 226 -13.93 3.32 -10.10
N ALA A 227 -12.64 3.53 -10.38
CA ALA A 227 -12.18 4.77 -11.00
C ALA A 227 -11.53 4.45 -12.31
N LEU A 228 -11.63 5.39 -13.25
CA LEU A 228 -10.90 5.34 -14.50
C LEU A 228 -10.05 6.62 -14.56
N VAL A 229 -8.74 6.46 -14.59
CA VAL A 229 -7.82 7.59 -14.72
C VAL A 229 -7.35 7.61 -16.15
N ILE A 230 -7.63 8.72 -16.85
CA ILE A 230 -7.18 8.89 -18.22
C ILE A 230 -5.82 9.58 -18.19
N GLY A 231 -4.79 8.86 -18.59
CA GLY A 231 -3.43 9.37 -18.58
C GLY A 231 -2.63 8.75 -17.44
N TYR A 232 -1.33 8.47 -17.69
CA TYR A 232 -0.45 7.94 -16.65
C TYR A 232 0.95 8.59 -16.78
N GLY A 233 0.97 9.87 -17.13
CA GLY A 233 2.15 10.73 -16.98
C GLY A 233 2.39 11.06 -15.53
N ASP A 234 3.06 12.18 -15.24
CA ASP A 234 3.33 12.45 -13.83
C ASP A 234 2.04 12.72 -13.06
N VAL A 235 1.14 13.51 -13.65
CA VAL A 235 -0.14 13.79 -12.97
C VAL A 235 -0.98 12.52 -12.86
N GLY A 236 -1.05 11.74 -13.95
CA GLY A 236 -1.79 10.48 -13.91
C GLY A 236 -1.24 9.50 -12.90
N LYS A 237 0.09 9.44 -12.77
CA LYS A 237 0.70 8.57 -11.77
C LYS A 237 0.26 8.98 -10.38
N GLY A 238 0.40 10.26 -10.05
CA GLY A 238 0.04 10.71 -8.72
C GLY A 238 -1.46 10.60 -8.45
N SER A 239 -2.27 10.87 -9.47
CA SER A 239 -3.73 10.78 -9.35
C SER A 239 -4.16 9.36 -9.10
N SER A 240 -3.61 8.42 -9.86
CA SER A 240 -3.91 7.02 -9.68
C SER A 240 -3.56 6.57 -8.26
N GLN A 241 -2.42 7.02 -7.73
CA GLN A 241 -2.04 6.67 -6.37
C GLN A 241 -3.01 7.31 -5.36
N SER A 242 -3.38 8.57 -5.58
CA SER A 242 -4.35 9.26 -4.71
C SER A 242 -5.59 8.40 -4.51
N LEU A 243 -6.07 7.78 -5.58
CA LEU A 243 -7.30 7.00 -5.51
C LEU A 243 -7.05 5.58 -5.03
N ARG A 244 -5.95 4.96 -5.49
CA ARG A 244 -5.67 3.59 -5.08
C ARG A 244 -5.38 3.49 -3.58
N GLN A 245 -4.69 4.48 -3.03
CA GLN A 245 -4.38 4.42 -1.60
C GLN A 245 -5.63 4.57 -0.72
N GLU A 246 -6.69 5.13 -1.25
CA GLU A 246 -8.00 5.19 -0.59
C GLU A 246 -8.78 3.90 -0.74
N GLY A 247 -8.27 2.94 -1.49
CA GLY A 247 -8.96 1.69 -1.72
C GLY A 247 -9.84 1.66 -2.96
N MET A 248 -9.70 2.63 -3.87
CA MET A 248 -10.44 2.51 -5.11
C MET A 248 -9.87 1.38 -5.96
N ILE A 249 -10.73 0.80 -6.80
CA ILE A 249 -10.26 -0.12 -7.83
C ILE A 249 -10.02 0.74 -9.06
N VAL A 250 -8.76 0.99 -9.38
CA VAL A 250 -8.39 2.01 -10.37
C VAL A 250 -8.00 1.31 -11.67
N LYS A 251 -8.59 1.76 -12.77
CA LYS A 251 -8.18 1.40 -14.12
C LYS A 251 -7.54 2.61 -14.77
N VAL A 252 -6.59 2.37 -15.68
CA VAL A 252 -5.77 3.44 -16.27
C VAL A 252 -5.87 3.33 -17.79
N ALA A 253 -6.13 4.46 -18.46
CA ALA A 253 -6.04 4.54 -19.92
C ALA A 253 -4.78 5.30 -20.30
N GLU A 254 -4.15 4.89 -21.40
CA GLU A 254 -2.97 5.59 -21.90
C GLU A 254 -2.88 5.40 -23.40
N VAL A 255 -2.26 6.38 -24.07
CA VAL A 255 -1.83 6.22 -25.46
C VAL A 255 -0.35 5.86 -25.53
N ASP A 256 0.41 6.10 -24.47
CA ASP A 256 1.84 5.86 -24.47
C ASP A 256 2.09 4.47 -23.90
N PRO A 257 2.63 3.51 -24.69
CA PRO A 257 2.79 2.16 -24.16
C PRO A 257 3.81 2.08 -23.03
N ILE A 258 4.82 2.93 -23.00
CA ILE A 258 5.77 2.90 -21.87
C ILE A 258 5.05 3.29 -20.58
N CYS A 259 4.28 4.40 -20.62
CA CYS A 259 3.50 4.77 -19.46
C CYS A 259 2.50 3.68 -19.09
N ALA A 260 1.89 3.05 -20.09
CA ALA A 260 0.96 1.95 -19.82
C ALA A 260 1.68 0.78 -19.15
N MET A 261 2.90 0.46 -19.61
N MET A 261 2.90 0.46 -19.61
CA MET A 261 3.70 -0.58 -18.95
CA MET A 261 3.69 -0.59 -18.95
C MET A 261 3.92 -0.27 -17.48
C MET A 261 3.92 -0.27 -17.48
N GLN A 262 4.23 0.99 -17.17
CA GLN A 262 4.41 1.35 -15.76
C GLN A 262 3.12 1.15 -14.98
N ALA A 263 1.99 1.48 -15.60
CA ALA A 263 0.70 1.33 -14.90
C ALA A 263 0.44 -0.15 -14.57
N CYS A 264 0.73 -1.05 -15.51
CA CYS A 264 0.55 -2.48 -15.26
C CYS A 264 1.44 -2.92 -14.11
N MET A 265 2.73 -2.58 -14.18
CA MET A 265 3.65 -2.98 -13.13
C MET A 265 3.30 -2.34 -11.79
N ASP A 266 2.67 -1.17 -11.81
CA ASP A 266 2.25 -0.51 -10.59
C ASP A 266 0.99 -1.13 -10.00
N GLY A 267 0.39 -2.12 -10.66
CA GLY A 267 -0.76 -2.80 -10.12
C GLY A 267 -2.11 -2.39 -10.67
N PHE A 268 -2.15 -1.68 -11.80
CA PHE A 268 -3.40 -1.23 -12.40
C PHE A 268 -3.71 -2.03 -13.65
N GLU A 269 -5.00 -2.24 -13.88
CA GLU A 269 -5.49 -2.75 -15.15
C GLU A 269 -5.55 -1.62 -16.17
N VAL A 270 -4.97 -1.81 -17.36
CA VAL A 270 -4.95 -0.78 -18.41
C VAL A 270 -6.05 -1.06 -19.43
N VAL A 271 -6.92 -0.06 -19.65
CA VAL A 271 -8.13 -0.22 -20.41
C VAL A 271 -8.33 1.03 -21.26
N SER A 272 -9.13 0.90 -22.31
CA SER A 272 -9.50 2.04 -23.15
C SER A 272 -11.01 2.27 -23.07
N PRO A 273 -11.46 3.52 -23.03
CA PRO A 273 -12.90 3.80 -23.18
C PRO A 273 -13.46 3.29 -24.49
N TYR A 274 -12.62 3.10 -25.50
CA TYR A 274 -13.08 2.65 -26.81
C TYR A 274 -12.71 1.20 -27.01
N LYS A 275 -13.61 0.45 -27.62
CA LYS A 275 -13.34 -0.94 -27.96
C LYS A 275 -12.09 -1.01 -28.83
N ASN A 276 -11.14 -1.82 -28.38
CA ASN A 276 -9.86 -2.04 -29.04
C ASN A 276 -9.01 -0.79 -29.13
N GLY A 277 -9.35 0.24 -28.34
CA GLY A 277 -8.64 1.49 -28.33
C GLY A 277 -8.96 2.43 -29.47
N ILE A 278 -9.95 2.12 -30.32
CA ILE A 278 -10.19 2.85 -31.57
C ILE A 278 -11.47 3.70 -31.43
N ASN A 279 -11.31 5.02 -31.42
CA ASN A 279 -12.48 5.92 -31.49
C ASN A 279 -12.91 6.12 -32.93
N ASP A 280 -14.07 5.57 -33.31
CA ASP A 280 -14.56 5.72 -34.68
C ASP A 280 -15.67 6.75 -34.77
N GLY A 281 -15.81 7.57 -33.74
CA GLY A 281 -16.82 8.60 -33.73
C GLY A 281 -18.23 8.15 -33.37
N THR A 282 -18.48 6.85 -33.23
CA THR A 282 -19.84 6.37 -33.00
C THR A 282 -20.00 5.89 -31.56
N GLU A 283 -21.25 5.88 -31.10
CA GLU A 283 -21.51 5.32 -29.77
C GLU A 283 -21.15 3.84 -29.73
N ALA A 284 -21.24 3.14 -30.86
CA ALA A 284 -20.93 1.71 -30.88
C ALA A 284 -19.48 1.41 -30.54
N SER A 285 -18.56 2.36 -30.75
CA SER A 285 -17.17 2.08 -30.40
C SER A 285 -16.87 2.28 -28.92
N ILE A 286 -17.82 2.82 -28.14
CA ILE A 286 -17.62 2.99 -26.70
C ILE A 286 -17.77 1.64 -26.02
N ASP A 287 -16.88 1.36 -25.08
CA ASP A 287 -16.98 0.14 -24.29
C ASP A 287 -17.99 0.46 -23.19
N ALA A 288 -19.27 0.27 -23.54
CA ALA A 288 -20.34 0.65 -22.61
C ALA A 288 -20.32 -0.18 -21.33
N ALA A 289 -19.95 -1.46 -21.43
CA ALA A 289 -19.88 -2.29 -20.22
C ALA A 289 -18.83 -1.75 -19.25
N LEU A 290 -17.69 -1.33 -19.79
CA LEU A 290 -16.66 -0.72 -18.95
C LEU A 290 -17.15 0.58 -18.32
N LEU A 291 -17.63 1.50 -19.14
CA LEU A 291 -17.98 2.82 -18.61
C LEU A 291 -19.19 2.74 -17.70
N GLY A 292 -20.09 1.79 -17.94
CA GLY A 292 -21.24 1.57 -17.08
C GLY A 292 -20.90 1.09 -15.68
N LYS A 293 -19.65 0.73 -15.41
CA LYS A 293 -19.28 0.35 -14.05
C LYS A 293 -18.33 1.33 -13.37
N ILE A 294 -18.01 2.46 -14.01
CA ILE A 294 -17.06 3.44 -13.46
C ILE A 294 -17.80 4.45 -12.57
N ASP A 295 -17.34 4.59 -11.32
CA ASP A 295 -17.90 5.57 -10.40
C ASP A 295 -17.22 6.93 -10.46
N LEU A 296 -16.03 7.02 -11.06
CA LEU A 296 -15.23 8.25 -11.01
C LEU A 296 -14.27 8.24 -12.18
N ILE A 297 -14.31 9.29 -13.00
CA ILE A 297 -13.36 9.45 -14.09
C ILE A 297 -12.56 10.72 -13.85
N VAL A 298 -11.24 10.63 -14.06
CA VAL A 298 -10.31 11.72 -13.81
C VAL A 298 -9.42 11.86 -15.04
N THR A 299 -9.41 13.05 -15.66
CA THR A 299 -8.55 13.27 -16.81
C THR A 299 -7.26 13.94 -16.34
N THR A 300 -6.12 13.49 -16.88
CA THR A 300 -4.81 13.95 -16.42
C THR A 300 -3.84 14.21 -17.57
N THR A 301 -4.36 14.47 -18.77
CA THR A 301 -3.52 14.27 -19.95
C THR A 301 -2.84 15.52 -20.49
N GLY A 302 -3.41 16.71 -20.27
CA GLY A 302 -2.95 17.85 -21.03
C GLY A 302 -3.39 17.82 -22.48
N ASN A 303 -4.24 16.88 -22.85
CA ASN A 303 -4.71 16.71 -24.23
C ASN A 303 -6.17 17.15 -24.28
N VAL A 304 -6.78 17.05 -25.45
CA VAL A 304 -8.12 17.62 -25.65
C VAL A 304 -9.13 16.51 -25.90
N ASN A 305 -10.30 16.65 -25.27
CA ASN A 305 -11.44 15.76 -25.48
C ASN A 305 -11.10 14.30 -25.22
N VAL A 306 -10.46 14.03 -24.07
CA VAL A 306 -10.15 12.65 -23.69
C VAL A 306 -11.25 12.01 -22.86
N CYS A 307 -12.19 12.78 -22.33
CA CYS A 307 -13.44 12.24 -21.83
C CYS A 307 -14.53 12.90 -22.69
N ASP A 308 -14.96 12.22 -23.75
CA ASP A 308 -15.74 12.89 -24.80
C ASP A 308 -17.25 12.69 -24.56
N ALA A 309 -18.07 13.23 -25.48
CA ALA A 309 -19.52 13.20 -25.27
C ALA A 309 -20.05 11.77 -25.20
N ASN A 310 -19.57 10.88 -26.08
CA ASN A 310 -20.09 9.51 -26.07
C ASN A 310 -19.69 8.78 -24.79
N MET A 311 -18.49 9.05 -24.30
CA MET A 311 -18.09 8.50 -23.00
C MET A 311 -19.01 9.02 -21.90
N LEU A 312 -19.32 10.31 -21.93
CA LEU A 312 -20.17 10.87 -20.89
C LEU A 312 -21.57 10.29 -20.94
N LYS A 313 -22.06 9.98 -22.15
CA LYS A 313 -23.36 9.35 -22.29
C LYS A 313 -23.37 7.93 -21.74
N ALA A 314 -22.24 7.23 -21.79
CA ALA A 314 -22.13 5.84 -21.35
C ALA A 314 -21.78 5.69 -19.87
N LEU A 315 -21.34 6.74 -19.18
CA LEU A 315 -20.89 6.55 -17.82
C LEU A 315 -22.02 6.04 -16.93
N LYS A 316 -21.65 5.27 -15.91
CA LYS A 316 -22.57 4.86 -14.86
C LYS A 316 -23.34 6.04 -14.27
N LYS A 317 -24.62 5.83 -13.97
CA LYS A 317 -25.40 6.86 -13.31
C LYS A 317 -24.72 7.30 -12.03
N ARG A 318 -24.69 8.62 -11.82
CA ARG A 318 -24.17 9.26 -10.61
C ARG A 318 -22.66 9.17 -10.49
N ALA A 319 -21.96 8.84 -11.57
CA ALA A 319 -20.50 8.94 -11.59
C ALA A 319 -20.05 10.39 -11.40
N VAL A 320 -18.91 10.55 -10.77
CA VAL A 320 -18.19 11.82 -10.65
C VAL A 320 -17.22 11.96 -11.81
N VAL A 321 -17.20 13.16 -12.40
CA VAL A 321 -16.35 13.51 -13.53
C VAL A 321 -15.48 14.67 -13.12
N CYS A 322 -14.16 14.55 -13.28
CA CYS A 322 -13.34 15.71 -12.98
C CYS A 322 -12.07 15.67 -13.82
N ASN A 323 -11.39 16.81 -13.80
CA ASN A 323 -10.18 17.01 -14.59
C ASN A 323 -9.12 17.63 -13.71
N ILE A 324 -7.91 17.08 -13.77
CA ILE A 324 -6.79 17.64 -13.03
C ILE A 324 -5.65 18.04 -13.96
N GLY A 325 -5.89 17.96 -15.27
CA GLY A 325 -4.99 18.61 -16.23
C GLY A 325 -5.22 20.12 -16.24
N HIS A 326 -4.34 20.85 -16.93
CA HIS A 326 -4.32 22.30 -16.81
C HIS A 326 -5.60 22.96 -17.33
N PHE A 327 -6.16 22.50 -18.46
CA PHE A 327 -7.28 23.17 -19.11
C PHE A 327 -8.53 22.29 -19.10
N ASP A 328 -9.70 22.92 -19.03
CA ASP A 328 -10.94 22.17 -18.88
C ASP A 328 -11.36 21.43 -20.14
N ASN A 329 -10.79 21.73 -21.30
CA ASN A 329 -11.27 21.01 -22.50
C ASN A 329 -10.81 19.53 -22.57
N GLU A 330 -10.19 18.98 -21.51
CA GLU A 330 -10.01 17.53 -21.47
C GLU A 330 -11.34 16.79 -21.47
N ILE A 331 -12.37 17.41 -20.90
CA ILE A 331 -13.72 16.88 -20.78
C ILE A 331 -14.61 17.71 -21.70
N ASP A 332 -15.50 17.05 -22.45
CA ASP A 332 -16.40 17.81 -23.31
C ASP A 332 -17.56 18.39 -22.47
N THR A 333 -17.22 19.39 -21.66
CA THR A 333 -18.25 20.07 -20.88
C THR A 333 -19.17 20.92 -21.77
N ALA A 334 -18.69 21.36 -22.93
CA ALA A 334 -19.56 22.11 -23.84
C ALA A 334 -20.74 21.24 -24.30
N PHE A 335 -20.49 19.97 -24.62
CA PHE A 335 -21.59 19.07 -24.94
C PHE A 335 -22.59 19.01 -23.80
N MET A 336 -22.10 18.89 -22.55
CA MET A 336 -23.02 18.82 -21.41
C MET A 336 -23.80 20.12 -21.22
N ARG A 337 -23.17 21.28 -21.45
CA ARG A 337 -23.92 22.54 -21.33
C ARG A 337 -24.99 22.63 -22.38
N LYS A 338 -24.74 22.08 -23.56
CA LYS A 338 -25.67 22.21 -24.65
C LYS A 338 -26.87 21.29 -24.50
N ASN A 339 -26.68 20.11 -23.90
CA ASN A 339 -27.70 19.07 -23.96
C ASN A 339 -28.36 18.72 -22.64
N TRP A 340 -27.72 18.99 -21.50
CA TRP A 340 -28.14 18.51 -20.21
C TRP A 340 -28.30 19.66 -19.23
N ALA A 341 -29.20 19.46 -18.27
CA ALA A 341 -29.57 20.49 -17.30
C ALA A 341 -28.61 20.46 -16.10
N TRP A 342 -28.03 21.61 -15.77
CA TRP A 342 -27.09 21.68 -14.65
C TRP A 342 -27.81 22.13 -13.37
N GLU A 343 -27.59 21.40 -12.27
CA GLU A 343 -28.10 21.75 -10.94
C GLU A 343 -26.92 21.98 -10.01
N GLU A 344 -26.74 23.22 -9.55
CA GLU A 344 -25.64 23.49 -8.64
C GLU A 344 -25.94 22.88 -7.27
N VAL A 345 -25.04 22.03 -6.80
CA VAL A 345 -25.13 21.52 -5.42
C VAL A 345 -24.61 22.57 -4.45
N LYS A 346 -23.44 23.08 -4.76
CA LYS A 346 -22.74 24.13 -4.04
C LYS A 346 -21.65 24.61 -4.98
N PRO A 347 -20.95 25.69 -4.64
CA PRO A 347 -19.94 26.20 -5.59
C PRO A 347 -18.98 25.10 -6.04
N GLN A 348 -18.75 25.04 -7.36
CA GLN A 348 -17.85 24.09 -8.00
C GLN A 348 -18.30 22.64 -7.86
N VAL A 349 -19.59 22.40 -7.61
CA VAL A 349 -20.11 21.03 -7.64
C VAL A 349 -21.45 21.09 -8.34
N HIS A 350 -21.56 20.43 -9.49
CA HIS A 350 -22.81 20.48 -10.25
C HIS A 350 -23.28 19.06 -10.57
N LYS A 351 -24.58 18.82 -10.40
CA LYS A 351 -25.18 17.61 -10.94
C LYS A 351 -25.61 17.92 -12.37
N ILE A 352 -25.33 17.02 -13.30
CA ILE A 352 -25.63 17.25 -14.70
C ILE A 352 -26.64 16.20 -15.10
N HIS A 353 -27.88 16.63 -15.33
CA HIS A 353 -29.00 15.71 -15.50
C HIS A 353 -29.11 15.31 -16.96
N ARG A 354 -28.94 14.02 -17.22
CA ARG A 354 -28.87 13.50 -18.57
C ARG A 354 -30.24 13.26 -19.18
N THR A 355 -31.30 13.65 -18.46
CA THR A 355 -32.68 13.53 -18.91
C THR A 355 -33.09 14.62 -19.89
N GLY A 356 -32.26 15.59 -20.16
CA GLY A 356 -32.65 16.62 -21.11
C GLY A 356 -32.13 17.97 -20.68
N LYS A 357 -32.40 18.97 -21.52
CA LYS A 357 -31.81 20.30 -21.41
C LYS A 357 -32.67 21.23 -20.58
N ASP A 358 -33.98 21.14 -20.70
CA ASP A 358 -34.90 22.14 -20.17
C ASP A 358 -35.45 21.64 -18.84
N GLY A 359 -34.79 22.02 -17.76
CA GLY A 359 -35.21 21.65 -16.43
C GLY A 359 -34.85 20.22 -16.07
N PHE A 360 -35.05 19.89 -14.80
CA PHE A 360 -34.74 18.58 -14.28
C PHE A 360 -35.71 18.25 -13.14
N ASP A 361 -35.88 16.95 -12.93
CA ASP A 361 -36.55 16.43 -11.73
C ASP A 361 -35.57 16.47 -10.57
N ALA A 362 -35.96 17.08 -9.44
CA ALA A 362 -35.04 17.16 -8.30
C ALA A 362 -34.62 15.79 -7.77
N HIS A 363 -35.41 14.75 -8.02
CA HIS A 363 -35.09 13.40 -7.59
C HIS A 363 -34.66 12.51 -8.73
N ASN A 364 -34.38 13.08 -9.90
CA ASN A 364 -33.84 12.30 -11.01
C ASN A 364 -32.62 11.52 -10.55
N ASP A 365 -32.55 10.25 -10.93
CA ASP A 365 -31.39 9.42 -10.58
C ASP A 365 -30.31 9.43 -11.65
N ASP A 366 -30.63 9.94 -12.84
CA ASP A 366 -29.72 9.86 -13.99
C ASP A 366 -28.98 11.19 -14.17
N TYR A 367 -27.96 11.39 -13.35
CA TYR A 367 -27.10 12.57 -13.40
C TYR A 367 -25.66 12.14 -13.22
N LEU A 368 -24.74 13.01 -13.64
CA LEU A 368 -23.33 12.92 -13.30
C LEU A 368 -23.00 14.05 -12.34
N ILE A 369 -21.95 13.89 -11.55
CA ILE A 369 -21.47 15.00 -10.73
C ILE A 369 -20.18 15.51 -11.35
N LEU A 370 -20.20 16.77 -11.77
CA LEU A 370 -19.04 17.43 -12.34
C LEU A 370 -18.43 18.32 -11.29
N LEU A 371 -17.12 18.23 -11.11
CA LEU A 371 -16.39 19.07 -10.16
C LEU A 371 -15.70 20.23 -10.88
N ALA A 372 -15.79 21.41 -10.26
CA ALA A 372 -15.06 22.61 -10.68
C ALA A 372 -15.35 22.96 -12.14
N GLU A 373 -16.54 22.58 -12.62
CA GLU A 373 -16.93 22.75 -14.02
C GLU A 373 -15.87 22.26 -14.97
N GLY A 374 -15.14 21.22 -14.58
CA GLY A 374 -14.12 20.67 -15.45
C GLY A 374 -12.76 21.31 -15.35
N ARG A 375 -12.62 22.41 -14.60
CA ARG A 375 -11.32 23.04 -14.38
C ARG A 375 -10.53 22.26 -13.35
N LEU A 376 -9.22 22.55 -13.26
CA LEU A 376 -8.31 21.76 -12.40
C LEU A 376 -8.92 21.51 -11.05
N VAL A 377 -9.20 20.24 -10.73
CA VAL A 377 -10.12 19.97 -9.63
C VAL A 377 -9.41 20.15 -8.29
N ASN A 378 -8.10 19.93 -8.24
CA ASN A 378 -7.44 19.98 -6.93
C ASN A 378 -7.45 21.40 -6.40
N LEU A 379 -7.25 22.37 -7.30
CA LEU A 379 -7.29 23.78 -6.95
C LEU A 379 -8.72 24.29 -6.87
N GLY A 380 -9.62 23.72 -7.66
CA GLY A 380 -10.99 24.21 -7.72
C GLY A 380 -11.83 23.79 -6.53
N ASN A 381 -11.69 22.54 -6.09
CA ASN A 381 -12.50 22.02 -5.01
C ASN A 381 -11.73 21.86 -3.70
N ALA A 382 -10.42 22.09 -3.71
CA ALA A 382 -9.64 22.07 -2.46
C ALA A 382 -8.64 23.23 -2.52
N THR A 383 -7.38 23.01 -2.12
CA THR A 383 -6.41 24.10 -2.09
C THR A 383 -5.17 23.78 -2.92
N GLY A 384 -5.30 22.84 -3.87
CA GLY A 384 -4.13 22.40 -4.64
C GLY A 384 -3.06 21.74 -3.80
N HIS A 385 -1.82 21.81 -4.30
CA HIS A 385 -0.76 21.06 -3.63
C HIS A 385 -0.43 21.68 -2.28
N PRO A 386 0.11 20.90 -1.34
CA PRO A 386 0.51 21.48 -0.06
C PRO A 386 1.80 22.27 -0.16
N SER A 387 1.95 23.21 0.79
CA SER A 387 3.15 24.05 0.88
C SER A 387 4.44 23.27 0.77
N ARG A 388 4.56 22.14 1.49
CA ARG A 388 5.87 21.50 1.51
C ARG A 388 6.23 20.91 0.13
N ILE A 389 5.24 20.63 -0.71
CA ILE A 389 5.50 20.23 -2.08
C ILE A 389 5.78 21.43 -2.97
N MET A 390 4.97 22.49 -2.83
CA MET A 390 5.15 23.69 -3.66
C MET A 390 6.48 24.37 -3.38
N ASP A 391 7.06 24.10 -2.21
CA ASP A 391 8.41 24.56 -1.88
C ASP A 391 9.39 24.25 -3.00
N GLY A 392 9.43 23.00 -3.44
CA GLY A 392 10.35 22.63 -4.50
C GLY A 392 10.14 23.43 -5.78
N SER A 393 8.89 23.45 -6.27
CA SER A 393 8.54 24.19 -7.47
C SER A 393 8.94 25.65 -7.37
N PHE A 394 8.55 26.29 -6.26
CA PHE A 394 8.73 27.73 -6.19
C PHE A 394 10.15 28.13 -5.88
N ALA A 395 10.94 27.27 -5.22
CA ALA A 395 12.38 27.54 -5.13
C ALA A 395 12.99 27.57 -6.52
N ASN A 396 12.61 26.61 -7.37
CA ASN A 396 13.08 26.60 -8.76
C ASN A 396 12.65 27.89 -9.46
N GLN A 397 11.43 28.37 -9.20
CA GLN A 397 10.98 29.60 -9.85
C GLN A 397 11.84 30.78 -9.45
N VAL A 398 12.16 30.89 -8.17
CA VAL A 398 13.00 32.01 -7.73
C VAL A 398 14.36 31.96 -8.41
N LEU A 399 14.97 30.77 -8.44
CA LEU A 399 16.27 30.63 -9.05
C LEU A 399 16.21 30.93 -10.53
N ALA A 400 15.13 30.51 -11.19
CA ALA A 400 14.93 30.81 -12.61
C ALA A 400 14.81 32.31 -12.85
N GLN A 401 13.98 32.97 -12.04
CA GLN A 401 13.83 34.43 -12.14
C GLN A 401 15.17 35.12 -11.97
N ILE A 402 15.94 34.73 -10.94
CA ILE A 402 17.23 35.37 -10.70
C ILE A 402 18.14 35.19 -11.90
N HIS A 403 18.20 33.98 -12.45
CA HIS A 403 19.09 33.71 -13.57
C HIS A 403 18.74 34.56 -14.79
N LEU A 404 17.47 34.55 -15.21
CA LEU A 404 17.11 35.27 -16.43
C LEU A 404 17.23 36.78 -16.23
N PHE A 405 16.84 37.25 -15.05
CA PHE A 405 16.97 38.68 -14.77
C PHE A 405 18.43 39.11 -14.82
N GLU A 406 19.33 38.32 -14.23
CA GLU A 406 20.74 38.70 -14.29
C GLU A 406 21.33 38.57 -15.69
N GLN A 407 20.73 37.73 -16.55
CA GLN A 407 21.22 37.58 -17.92
C GLN A 407 20.95 38.83 -18.77
N LYS A 408 19.88 39.56 -18.48
CA LYS A 408 19.54 40.82 -19.16
C LYS A 408 19.41 40.65 -20.68
N TYR A 409 18.59 39.67 -21.09
CA TYR A 409 18.46 39.35 -22.51
C TYR A 409 17.99 40.55 -23.33
N ALA A 410 17.10 41.37 -22.78
CA ALA A 410 16.56 42.48 -23.55
C ALA A 410 17.56 43.60 -23.78
N ASP A 411 18.68 43.61 -23.06
CA ASP A 411 19.72 44.62 -23.26
C ASP A 411 20.81 44.17 -24.23
N LEU A 412 20.73 42.96 -24.75
CA LEU A 412 21.79 42.45 -25.60
C LEU A 412 21.63 42.98 -27.03
N PRO A 413 22.74 43.11 -27.76
CA PRO A 413 22.64 43.37 -29.20
C PRO A 413 21.94 42.21 -29.91
N ALA A 414 21.32 42.53 -31.05
CA ALA A 414 20.42 41.57 -31.70
C ALA A 414 21.11 40.26 -32.03
N ALA A 415 22.40 40.30 -32.37
CA ALA A 415 23.13 39.07 -32.67
C ALA A 415 23.23 38.17 -31.44
N GLU A 416 23.64 38.75 -30.30
CA GLU A 416 23.67 37.97 -29.08
C GLU A 416 22.29 37.47 -28.70
N LYS A 417 21.24 38.19 -29.10
CA LYS A 417 19.88 37.78 -28.77
C LYS A 417 19.54 36.46 -29.44
N ALA A 418 19.86 36.32 -30.74
CA ALA A 418 19.58 35.07 -31.43
C ALA A 418 20.31 33.89 -30.79
N LYS A 419 21.50 34.14 -30.23
CA LYS A 419 22.26 33.07 -29.59
C LYS A 419 21.61 32.60 -28.31
N ARG A 420 20.81 33.45 -27.66
CA ARG A 420 20.26 33.13 -26.35
C ARG A 420 18.75 32.90 -26.36
N LEU A 421 18.10 33.00 -27.51
CA LEU A 421 16.67 32.74 -27.59
C LEU A 421 16.39 31.24 -27.46
N SER A 422 16.23 30.77 -26.23
CA SER A 422 16.17 29.34 -25.95
C SER A 422 15.13 29.04 -24.86
N VAL A 423 14.75 27.78 -24.77
CA VAL A 423 14.01 27.28 -23.63
C VAL A 423 14.91 26.27 -22.92
N GLU A 424 15.32 26.59 -21.71
CA GLU A 424 16.31 25.83 -20.97
C GLU A 424 15.77 25.39 -19.63
N VAL A 425 16.41 24.39 -19.05
CA VAL A 425 16.13 24.02 -17.67
C VAL A 425 17.28 24.49 -16.79
N LEU A 426 17.02 24.53 -15.49
CA LEU A 426 18.07 24.84 -14.53
C LEU A 426 19.11 23.72 -14.46
N PRO A 427 20.36 24.05 -14.16
CA PRO A 427 21.37 23.01 -14.00
C PRO A 427 21.05 22.05 -12.87
N LYS A 428 21.51 20.82 -13.02
CA LYS A 428 21.22 19.76 -12.06
C LYS A 428 21.76 20.09 -10.67
N LYS A 429 22.91 20.77 -10.59
CA LYS A 429 23.42 21.13 -9.26
C LYS A 429 22.39 21.94 -8.47
N LEU A 430 21.69 22.87 -9.14
CA LEU A 430 20.68 23.66 -8.43
C LEU A 430 19.49 22.79 -8.03
N ASP A 431 19.05 21.91 -8.94
CA ASP A 431 17.99 20.94 -8.66
C ASP A 431 18.32 20.13 -7.40
N GLU A 432 19.57 19.64 -7.31
CA GLU A 432 20.03 18.90 -6.12
C GLU A 432 20.00 19.76 -4.86
N GLU A 433 20.42 21.03 -4.98
CA GLU A 433 20.43 21.89 -3.80
C GLU A 433 19.00 22.14 -3.32
N VAL A 434 18.05 22.34 -4.23
CA VAL A 434 16.66 22.44 -3.80
C VAL A 434 16.25 21.16 -3.09
N ALA A 435 16.57 19.99 -3.69
CA ALA A 435 16.18 18.72 -3.10
C ALA A 435 16.75 18.56 -1.69
N LEU A 436 18.01 18.97 -1.49
CA LEU A 436 18.65 18.82 -0.18
C LEU A 436 17.90 19.61 0.89
N GLU A 437 17.46 20.83 0.57
CA GLU A 437 16.71 21.58 1.57
C GLU A 437 15.37 20.91 1.85
N MET A 438 14.72 20.36 0.82
CA MET A 438 13.47 19.63 1.03
C MET A 438 13.70 18.44 1.95
N VAL A 439 14.78 17.68 1.71
CA VAL A 439 15.07 16.51 2.54
C VAL A 439 15.30 16.93 3.98
N LYS A 440 16.09 18.00 4.19
CA LYS A 440 16.34 18.50 5.54
C LYS A 440 15.04 18.93 6.20
N GLY A 441 14.09 19.43 5.43
CA GLY A 441 12.81 19.80 6.00
C GLY A 441 12.06 18.64 6.61
N PHE A 442 12.24 17.43 6.06
CA PHE A 442 11.67 16.23 6.66
C PHE A 442 12.52 15.69 7.80
N GLY A 443 13.65 16.31 8.09
CA GLY A 443 14.57 15.73 9.05
C GLY A 443 15.44 14.63 8.48
N GLY A 444 15.41 14.46 7.16
CA GLY A 444 16.24 13.44 6.53
C GLY A 444 17.72 13.81 6.57
N VAL A 445 18.56 12.79 6.57
CA VAL A 445 20.01 12.98 6.65
C VAL A 445 20.66 12.34 5.43
N VAL A 446 21.19 13.17 4.53
CA VAL A 446 21.90 12.71 3.35
C VAL A 446 23.32 12.34 3.75
N THR A 447 23.80 11.20 3.24
CA THR A 447 25.16 10.74 3.47
C THR A 447 26.12 11.45 2.51
N GLN A 448 27.30 11.80 3.03
CA GLN A 448 28.38 12.35 2.22
C GLN A 448 29.28 11.25 1.69
N LEU A 449 29.55 11.27 0.38
CA LEU A 449 30.50 10.33 -0.20
C LEU A 449 31.88 10.52 0.39
N THR A 450 32.59 9.42 0.62
CA THR A 450 34.03 9.58 0.86
C THR A 450 34.69 9.94 -0.46
N PRO A 451 35.92 10.49 -0.41
CA PRO A 451 36.63 10.75 -1.66
C PRO A 451 36.81 9.49 -2.51
N LYS A 452 37.13 8.35 -1.87
CA LYS A 452 37.31 7.12 -2.65
C LYS A 452 36.00 6.67 -3.27
N GLN A 453 34.90 6.87 -2.58
CA GLN A 453 33.62 6.48 -3.18
C GLN A 453 33.27 7.38 -4.35
N ALA A 454 33.48 8.69 -4.20
CA ALA A 454 33.19 9.61 -5.29
C ALA A 454 34.05 9.31 -6.51
N GLU A 455 35.33 9.00 -6.29
CA GLU A 455 36.18 8.58 -7.38
C GLU A 455 35.65 7.30 -8.03
N TYR A 456 35.13 6.39 -7.21
CA TYR A 456 34.72 5.07 -7.74
C TYR A 456 33.56 5.19 -8.72
N ILE A 457 32.58 6.07 -8.44
CA ILE A 457 31.45 6.22 -9.35
C ILE A 457 31.60 7.42 -10.27
N GLY A 458 32.72 8.13 -10.19
CA GLY A 458 33.01 9.22 -11.10
C GLY A 458 32.21 10.48 -10.88
N VAL A 459 31.99 10.87 -9.62
CA VAL A 459 31.32 12.12 -9.30
C VAL A 459 32.15 12.92 -8.30
N SER A 460 31.88 14.22 -8.24
CA SER A 460 32.38 15.05 -7.15
C SER A 460 31.66 14.73 -5.86
N VAL A 461 32.36 14.90 -4.73
CA VAL A 461 31.67 14.72 -3.46
C VAL A 461 30.49 15.67 -3.32
N GLU A 462 30.61 16.87 -3.89
CA GLU A 462 29.54 17.86 -3.78
C GLU A 462 28.49 17.71 -4.88
N GLY A 463 28.65 16.73 -5.75
CA GLY A 463 27.73 16.55 -6.86
C GLY A 463 28.06 17.46 -8.02
N PRO A 464 27.29 17.36 -9.11
CA PRO A 464 26.08 16.55 -9.26
C PRO A 464 26.33 15.05 -9.26
N PHE A 465 25.32 14.27 -8.91
CA PHE A 465 25.55 12.86 -8.68
C PHE A 465 25.11 11.99 -9.85
N LYS A 466 24.41 12.57 -10.82
CA LYS A 466 23.87 11.86 -11.96
C LYS A 466 24.16 12.63 -13.23
N PRO A 467 24.32 11.92 -14.35
CA PRO A 467 24.36 12.60 -15.65
C PRO A 467 23.01 13.21 -15.98
N ASP A 468 23.04 14.18 -16.89
CA ASP A 468 21.81 14.87 -17.28
C ASP A 468 20.80 13.93 -17.90
N THR A 469 21.24 12.79 -18.45
CA THR A 469 20.29 11.81 -19.01
C THR A 469 19.53 11.03 -17.95
N TYR A 470 19.91 11.09 -16.67
CA TYR A 470 19.30 10.19 -15.69
C TYR A 470 17.84 10.56 -15.45
N ARG A 471 17.01 9.54 -15.30
CA ARG A 471 15.57 9.75 -15.27
C ARG A 471 14.93 9.68 -13.88
N TYR A 472 15.65 9.19 -12.87
CA TYR A 472 15.12 9.06 -11.49
C TYR A 472 13.83 8.22 -11.44
N GLY B 12 -45.85 27.89 9.95
CA GLY B 12 -45.35 28.59 11.12
C GLY B 12 -44.62 27.71 12.12
N PHE B 13 -43.84 26.75 11.61
CA PHE B 13 -43.07 25.86 12.47
C PHE B 13 -41.92 26.63 13.12
N THR B 14 -41.88 26.64 14.45
CA THR B 14 -40.82 27.35 15.17
C THR B 14 -40.08 26.49 16.18
N ASP B 15 -40.40 25.20 16.27
CA ASP B 15 -39.89 24.32 17.33
C ASP B 15 -38.54 23.74 16.93
N TYR B 16 -37.55 24.63 16.80
CA TYR B 16 -36.20 24.22 16.41
C TYR B 16 -35.25 25.35 16.77
N LYS B 17 -33.95 25.06 16.71
CA LYS B 17 -32.96 26.14 16.70
C LYS B 17 -31.74 25.69 15.91
N VAL B 18 -31.45 26.41 14.82
CA VAL B 18 -30.32 26.08 13.96
C VAL B 18 -29.60 27.39 13.62
N ALA B 19 -28.42 27.25 13.01
CA ALA B 19 -27.61 28.43 12.70
C ALA B 19 -28.30 29.33 11.68
N ASP B 20 -28.83 28.76 10.60
CA ASP B 20 -29.32 29.55 9.47
C ASP B 20 -30.27 28.67 8.66
N ILE B 21 -31.56 28.92 8.82
CA ILE B 21 -32.58 28.14 8.15
C ILE B 21 -32.50 28.28 6.63
N THR B 22 -31.92 29.38 6.13
CA THR B 22 -31.84 29.55 4.68
C THR B 22 -30.87 28.60 4.03
N LEU B 23 -30.16 27.80 4.82
CA LEU B 23 -29.28 26.78 4.27
C LEU B 23 -30.04 25.52 3.90
N ALA B 24 -31.37 25.51 4.07
CA ALA B 24 -32.09 24.25 3.99
C ALA B 24 -32.07 23.68 2.56
N ALA B 25 -32.20 24.54 1.55
CA ALA B 25 -32.23 24.02 0.19
C ALA B 25 -30.93 23.29 -0.15
N TRP B 26 -29.79 23.88 0.25
CA TRP B 26 -28.50 23.22 0.07
C TRP B 26 -28.46 21.91 0.83
N GLY B 27 -28.90 21.92 2.09
CA GLY B 27 -28.95 20.67 2.83
C GLY B 27 -29.80 19.61 2.17
N ARG B 28 -30.93 20.02 1.57
CA ARG B 28 -31.79 19.05 0.89
C ARG B 28 -31.11 18.48 -0.35
N ARG B 29 -30.41 19.33 -1.12
CA ARG B 29 -29.61 18.80 -2.25
C ARG B 29 -28.66 17.71 -1.79
N GLU B 30 -27.99 17.96 -0.66
CA GLU B 30 -27.03 16.98 -0.17
C GLU B 30 -27.70 15.76 0.45
N LEU B 31 -28.87 15.90 1.07
CA LEU B 31 -29.60 14.72 1.52
C LEU B 31 -29.98 13.82 0.35
N ILE B 32 -30.39 14.42 -0.78
CA ILE B 32 -30.82 13.62 -1.92
C ILE B 32 -29.65 12.84 -2.50
N ILE B 33 -28.48 13.47 -2.56
CA ILE B 33 -27.27 12.73 -2.94
C ILE B 33 -26.99 11.61 -1.94
N ALA B 34 -27.01 11.94 -0.64
CA ALA B 34 -26.69 10.94 0.37
C ALA B 34 -27.63 9.74 0.28
N GLU B 35 -28.91 9.97 0.01
CA GLU B 35 -29.83 8.85 -0.14
C GLU B 35 -29.30 7.83 -1.13
N SER B 36 -28.76 8.29 -2.27
CA SER B 36 -28.22 7.38 -3.28
C SER B 36 -26.94 6.68 -2.81
N GLU B 37 -26.32 7.16 -1.74
CA GLU B 37 -25.11 6.55 -1.18
C GLU B 37 -25.40 5.64 -0.01
N MET B 38 -26.68 5.52 0.40
CA MET B 38 -27.05 4.79 1.61
C MET B 38 -28.11 3.73 1.29
N PRO B 39 -27.73 2.69 0.53
CA PRO B 39 -28.73 1.72 0.06
C PRO B 39 -29.29 0.84 1.18
N ALA B 40 -28.52 0.51 2.21
CA ALA B 40 -29.10 -0.30 3.28
C ALA B 40 -30.16 0.49 4.01
N LEU B 41 -29.88 1.75 4.30
CA LEU B 41 -30.81 2.58 5.06
C LEU B 41 -32.04 2.94 4.22
N MET B 42 -31.84 3.34 2.96
CA MET B 42 -32.98 3.62 2.10
C MET B 42 -33.75 2.35 1.77
N GLY B 43 -33.06 1.22 1.69
CA GLY B 43 -33.76 -0.05 1.52
C GLY B 43 -34.71 -0.34 2.67
N LEU B 44 -34.31 -0.01 3.90
CA LEU B 44 -35.23 -0.18 5.03
C LEU B 44 -36.41 0.78 4.90
N ARG B 45 -36.11 2.00 4.51
CA ARG B 45 -37.16 2.99 4.29
C ARG B 45 -38.20 2.46 3.33
N ARG B 46 -37.76 1.82 2.23
CA ARG B 46 -38.70 1.34 1.23
C ARG B 46 -39.39 0.08 1.70
N LYS B 47 -38.67 -0.79 2.41
CA LYS B 47 -39.24 -2.06 2.85
C LYS B 47 -40.33 -1.87 3.91
N TYR B 48 -40.14 -0.94 4.85
CA TYR B 48 -40.98 -0.84 6.03
C TYR B 48 -41.95 0.32 5.98
N ALA B 49 -41.90 1.15 4.93
CA ALA B 49 -42.76 2.33 4.89
C ALA B 49 -44.24 1.97 4.99
N GLY B 50 -44.68 0.92 4.29
CA GLY B 50 -46.09 0.58 4.32
C GLY B 50 -46.56 0.10 5.69
N GLN B 51 -45.68 -0.62 6.39
CA GLN B 51 -46.00 -1.23 7.68
C GLN B 51 -45.99 -0.20 8.82
N GLN B 52 -45.26 0.90 8.68
CA GLN B 52 -45.15 1.91 9.73
C GLN B 52 -44.78 1.29 11.09
N PRO B 53 -43.66 0.57 11.17
CA PRO B 53 -43.31 -0.12 12.44
C PRO B 53 -42.94 0.83 13.57
N LEU B 54 -42.68 2.10 13.30
CA LEU B 54 -42.39 3.06 14.36
C LEU B 54 -43.55 4.04 14.59
N LYS B 55 -44.75 3.71 14.08
CA LYS B 55 -45.91 4.54 14.41
C LYS B 55 -46.13 4.50 15.92
N GLY B 56 -46.25 5.69 16.53
CA GLY B 56 -46.30 5.79 17.96
C GLY B 56 -44.96 5.96 18.66
N ALA B 57 -43.86 5.68 17.98
CA ALA B 57 -42.54 5.93 18.56
C ALA B 57 -42.28 7.42 18.66
N LYS B 58 -41.73 7.84 19.79
CA LYS B 58 -41.33 9.23 20.00
CA LYS B 58 -41.34 9.23 20.01
C LYS B 58 -39.90 9.20 20.51
N ILE B 59 -38.96 9.54 19.62
CA ILE B 59 -37.54 9.26 19.84
C ILE B 59 -36.81 10.54 20.21
N LEU B 60 -36.14 10.52 21.35
CA LEU B 60 -35.15 11.53 21.66
C LEU B 60 -33.86 11.07 21.03
N GLY B 61 -33.32 11.85 20.08
CA GLY B 61 -32.06 11.53 19.42
C GLY B 61 -30.97 12.53 19.76
N CYS B 62 -29.79 12.02 20.08
CA CYS B 62 -28.62 12.85 20.37
C CYS B 62 -27.46 12.24 19.58
N ILE B 63 -27.19 12.80 18.41
CA ILE B 63 -26.06 12.33 17.60
C ILE B 63 -25.76 13.39 16.55
N HIS B 64 -24.46 13.56 16.26
CA HIS B 64 -23.90 14.51 15.30
C HIS B 64 -24.88 14.86 14.19
N MET B 65 -25.27 16.13 14.09
CA MET B 65 -26.33 16.55 13.15
C MET B 65 -25.70 16.81 11.77
N THR B 66 -25.31 15.69 11.14
CA THR B 66 -24.67 15.65 9.83
C THR B 66 -25.70 15.34 8.75
N ILE B 67 -25.27 15.44 7.50
CA ILE B 67 -26.14 15.00 6.42
C ILE B 67 -26.50 13.53 6.59
N GLN B 68 -25.57 12.70 7.07
CA GLN B 68 -25.88 11.27 7.24
C GLN B 68 -26.93 11.06 8.32
N THR B 69 -26.80 11.76 9.44
CA THR B 69 -27.83 11.73 10.46
C THR B 69 -29.17 12.23 9.93
N GLY B 70 -29.13 13.22 9.05
CA GLY B 70 -30.36 13.65 8.36
C GLY B 70 -31.10 12.51 7.69
N VAL B 71 -30.37 11.66 6.96
CA VAL B 71 -31.03 10.54 6.28
C VAL B 71 -31.59 9.56 7.30
N LEU B 72 -30.85 9.34 8.41
CA LEU B 72 -31.34 8.49 9.50
C LEU B 72 -32.64 9.03 10.10
N ILE B 73 -32.65 10.31 10.48
CA ILE B 73 -33.84 10.95 11.03
C ILE B 73 -35.03 10.76 10.11
N GLU B 74 -34.85 11.10 8.83
CA GLU B 74 -35.95 11.01 7.89
C GLU B 74 -36.38 9.58 7.62
N THR B 75 -35.49 8.61 7.82
CA THR B 75 -35.91 7.20 7.74
C THR B 75 -36.79 6.83 8.93
N LEU B 76 -36.38 7.24 10.13
CA LEU B 76 -37.20 6.98 11.31
C LEU B 76 -38.58 7.59 11.16
N VAL B 77 -38.64 8.84 10.68
CA VAL B 77 -39.91 9.54 10.45
C VAL B 77 -40.72 8.86 9.36
N ALA B 78 -40.05 8.45 8.27
CA ALA B 78 -40.77 7.77 7.20
C ALA B 78 -41.40 6.49 7.70
N LEU B 79 -40.82 5.85 8.72
CA LEU B 79 -41.35 4.62 9.29
C LEU B 79 -42.39 4.87 10.39
N GLY B 80 -42.72 6.14 10.66
CA GLY B 80 -43.82 6.51 11.56
C GLY B 80 -43.38 7.22 12.84
N ALA B 81 -42.09 7.36 13.11
CA ALA B 81 -41.68 7.97 14.35
C ALA B 81 -41.87 9.49 14.35
N GLU B 82 -42.03 10.05 15.55
CA GLU B 82 -41.73 11.45 15.79
C GLU B 82 -40.42 11.50 16.58
N VAL B 83 -39.66 12.57 16.36
CA VAL B 83 -38.35 12.74 16.97
C VAL B 83 -38.15 14.18 17.42
N ARG B 84 -37.26 14.35 18.40
CA ARG B 84 -36.71 15.64 18.81
C ARG B 84 -35.21 15.43 18.91
N TRP B 85 -34.44 16.27 18.21
CA TRP B 85 -33.04 15.95 17.93
C TRP B 85 -32.06 17.00 18.41
N SER B 86 -30.87 16.53 18.81
CA SER B 86 -29.73 17.39 19.11
C SER B 86 -28.45 16.70 18.66
N SER B 87 -27.39 17.47 18.57
CA SER B 87 -26.08 16.89 18.28
C SER B 87 -25.44 16.40 19.56
N CYS B 88 -24.58 15.37 19.43
CA CYS B 88 -23.80 14.93 20.59
C CYS B 88 -22.39 15.53 20.64
N ASN B 89 -22.09 16.55 19.84
CA ASN B 89 -20.82 17.25 19.96
C ASN B 89 -20.99 18.71 19.52
N ILE B 90 -20.27 19.63 20.18
CA ILE B 90 -20.44 21.05 19.90
C ILE B 90 -19.98 21.46 18.50
N PHE B 91 -19.11 20.68 17.84
CA PHE B 91 -18.53 21.07 16.55
C PHE B 91 -18.94 20.17 15.39
N SER B 92 -19.82 19.18 15.59
CA SER B 92 -19.98 18.15 14.57
C SER B 92 -21.18 18.39 13.66
N THR B 93 -22.07 19.33 14.01
CA THR B 93 -23.22 19.61 13.16
C THR B 93 -22.77 20.17 11.82
N GLN B 94 -23.43 19.74 10.75
CA GLN B 94 -23.37 20.42 9.47
C GLN B 94 -24.59 21.32 9.41
N ASP B 95 -24.38 22.64 9.37
CA ASP B 95 -25.53 23.53 9.53
C ASP B 95 -26.54 23.38 8.38
N GLN B 96 -26.09 22.97 7.18
CA GLN B 96 -27.08 22.80 6.12
C GLN B 96 -27.95 21.57 6.38
N ALA B 97 -27.39 20.55 7.03
CA ALA B 97 -28.18 19.38 7.42
C ALA B 97 -29.19 19.77 8.50
N ALA B 98 -28.76 20.49 9.53
CA ALA B 98 -29.70 20.90 10.57
C ALA B 98 -30.84 21.71 9.98
N ALA B 99 -30.51 22.65 9.11
CA ALA B 99 -31.53 23.50 8.47
C ALA B 99 -32.49 22.68 7.63
N ALA B 100 -31.99 21.71 6.88
CA ALA B 100 -32.91 20.91 6.08
C ALA B 100 -33.89 20.15 6.95
N ILE B 101 -33.42 19.58 8.07
CA ILE B 101 -34.31 18.87 8.98
C ILE B 101 -35.34 19.81 9.59
N ALA B 102 -34.88 20.97 10.07
CA ALA B 102 -35.80 21.97 10.63
C ALA B 102 -36.84 22.40 9.60
N ALA B 103 -36.43 22.62 8.36
CA ALA B 103 -37.34 23.07 7.33
C ALA B 103 -38.35 22.00 6.95
N ALA B 104 -38.08 20.76 7.33
CA ALA B 104 -39.01 19.67 7.13
C ALA B 104 -40.00 19.56 8.27
N GLY B 105 -39.95 20.49 9.24
CA GLY B 105 -40.90 20.46 10.35
C GLY B 105 -40.52 19.50 11.46
N ILE B 106 -39.24 19.17 11.56
CA ILE B 106 -38.75 18.24 12.58
C ILE B 106 -37.99 19.02 13.63
N PRO B 107 -38.29 18.86 14.92
CA PRO B 107 -37.56 19.62 15.95
C PRO B 107 -36.10 19.19 16.05
N VAL B 108 -35.21 20.16 15.89
CA VAL B 108 -33.77 19.92 15.91
C VAL B 108 -33.12 21.17 16.49
N PHE B 109 -32.23 20.95 17.45
CA PHE B 109 -31.53 22.01 18.17
C PHE B 109 -30.05 21.70 18.03
N ALA B 110 -29.39 22.33 17.06
CA ALA B 110 -28.01 21.97 16.77
C ALA B 110 -27.38 22.97 15.81
N TRP B 111 -26.16 23.36 16.11
CA TRP B 111 -25.39 24.17 15.17
C TRP B 111 -23.91 23.90 15.40
N LYS B 112 -23.13 24.16 14.36
CA LYS B 112 -21.69 23.99 14.48
C LYS B 112 -21.11 25.14 15.30
N GLY B 113 -20.36 24.80 16.34
CA GLY B 113 -19.77 25.84 17.17
C GLY B 113 -20.57 26.20 18.40
N GLU B 114 -21.30 25.26 18.99
CA GLU B 114 -21.99 25.50 20.25
C GLU B 114 -20.99 25.73 21.37
N THR B 115 -21.39 26.53 22.36
CA THR B 115 -20.71 26.52 23.65
C THR B 115 -21.19 25.33 24.47
N GLU B 116 -20.53 25.06 25.59
CA GLU B 116 -20.98 23.95 26.43
C GLU B 116 -22.36 24.21 27.02
N GLU B 117 -22.63 25.44 27.44
CA GLU B 117 -23.98 25.77 27.90
C GLU B 117 -25.00 25.56 26.79
N GLU B 118 -24.70 26.00 25.56
CA GLU B 118 -25.64 25.82 24.47
C GLU B 118 -25.87 24.34 24.17
N TYR B 119 -24.81 23.54 24.23
CA TYR B 119 -24.92 22.10 24.04
C TYR B 119 -25.92 21.48 25.01
N GLU B 120 -25.80 21.83 26.27
CA GLU B 120 -26.70 21.31 27.28
C GLU B 120 -28.12 21.81 27.04
N TRP B 121 -28.26 23.09 26.67
CA TRP B 121 -29.60 23.63 26.38
C TRP B 121 -30.24 22.91 25.21
N CYS B 122 -29.44 22.55 24.19
CA CYS B 122 -30.01 21.83 23.05
C CYS B 122 -30.56 20.46 23.46
N ILE B 123 -29.83 19.71 24.29
CA ILE B 123 -30.36 18.42 24.72
C ILE B 123 -31.66 18.63 25.48
N GLU B 124 -31.68 19.61 26.39
CA GLU B 124 -32.86 19.91 27.17
C GLU B 124 -34.04 20.31 26.28
N GLN B 125 -33.81 20.98 25.14
CA GLN B 125 -34.93 21.30 24.26
C GLN B 125 -35.53 20.06 23.60
N THR B 126 -34.77 18.97 23.45
CA THR B 126 -35.40 17.74 22.97
C THR B 126 -36.23 17.09 24.06
N ILE B 127 -35.72 17.11 25.30
CA ILE B 127 -36.35 16.45 26.43
C ILE B 127 -37.67 17.12 26.81
N LEU B 128 -37.72 18.45 26.72
CA LEU B 128 -38.89 19.24 27.10
C LEU B 128 -39.61 19.72 25.85
N LYS B 129 -40.92 19.67 25.87
CA LYS B 129 -41.69 20.34 24.83
C LYS B 129 -42.69 21.25 25.52
N ASP B 130 -42.67 22.53 25.15
CA ASP B 130 -43.51 23.53 25.80
C ASP B 130 -43.30 23.53 27.30
N GLY B 131 -42.04 23.37 27.72
CA GLY B 131 -41.72 23.53 29.12
C GLY B 131 -41.95 22.32 29.99
N GLN B 132 -42.43 21.22 29.44
CA GLN B 132 -42.71 20.03 30.24
C GLN B 132 -42.11 18.83 29.52
N PRO B 133 -41.90 17.72 30.23
CA PRO B 133 -41.36 16.53 29.58
C PRO B 133 -42.16 16.13 28.35
N TRP B 134 -41.45 15.92 27.24
CA TRP B 134 -42.06 15.34 26.06
C TRP B 134 -42.54 13.92 26.36
N ASP B 135 -43.54 13.45 25.62
CA ASP B 135 -43.99 12.07 25.82
C ASP B 135 -43.10 11.08 25.06
N ALA B 136 -41.81 11.15 25.37
CA ALA B 136 -40.82 10.29 24.72
C ALA B 136 -41.03 8.83 25.10
N ASN B 137 -40.68 7.93 24.17
CA ASN B 137 -40.71 6.52 24.56
C ASN B 137 -39.55 5.73 23.96
N MET B 138 -38.60 6.39 23.29
CA MET B 138 -37.40 5.77 22.74
C MET B 138 -36.25 6.77 22.83
N VAL B 139 -35.03 6.26 22.91
CA VAL B 139 -33.82 7.07 22.96
C VAL B 139 -32.84 6.55 21.93
N LEU B 140 -32.24 7.46 21.16
CA LEU B 140 -31.13 7.13 20.26
C LEU B 140 -29.98 8.04 20.68
N ASP B 141 -28.85 7.45 21.06
CA ASP B 141 -27.77 8.20 21.69
C ASP B 141 -26.44 7.83 21.04
N ASP B 142 -25.49 8.76 21.13
CA ASP B 142 -24.13 8.58 20.62
C ASP B 142 -23.22 9.16 21.70
N GLY B 143 -22.76 8.29 22.58
CA GLY B 143 -21.78 8.67 23.58
C GLY B 143 -22.35 8.75 24.97
N GLY B 144 -23.66 8.70 25.10
CA GLY B 144 -24.26 8.56 26.41
C GLY B 144 -24.65 9.84 27.14
N ASP B 145 -24.49 11.03 26.53
CA ASP B 145 -24.78 12.25 27.29
C ASP B 145 -26.28 12.41 27.54
N LEU B 146 -27.09 12.18 26.51
CA LEU B 146 -28.54 12.20 26.69
C LEU B 146 -28.99 11.13 27.69
N THR B 147 -28.44 9.93 27.55
CA THR B 147 -28.76 8.83 28.46
C THR B 147 -28.49 9.21 29.91
N GLU B 148 -27.36 9.88 30.14
CA GLU B 148 -26.98 10.24 31.50
C GLU B 148 -27.91 11.31 32.06
N ILE B 149 -28.27 12.29 31.24
CA ILE B 149 -29.16 13.37 31.69
C ILE B 149 -30.52 12.81 32.06
N LEU B 150 -31.03 11.86 31.27
CA LEU B 150 -32.32 11.26 31.59
C LEU B 150 -32.27 10.51 32.92
N HIS B 151 -31.21 9.73 33.13
CA HIS B 151 -31.12 8.96 34.37
C HIS B 151 -30.93 9.87 35.57
N LYS B 152 -30.17 10.95 35.41
CA LYS B 152 -29.86 11.82 36.54
C LYS B 152 -31.02 12.77 36.83
N LYS B 153 -31.64 13.30 35.79
CA LYS B 153 -32.54 14.45 35.94
C LYS B 153 -33.99 14.14 35.61
N TYR B 154 -34.28 13.10 34.83
CA TYR B 154 -35.63 12.80 34.37
C TYR B 154 -36.01 11.33 34.55
N PRO B 155 -35.83 10.76 35.75
CA PRO B 155 -36.21 9.36 35.93
C PRO B 155 -37.67 9.07 35.60
N GLN B 156 -38.60 9.99 35.90
CA GLN B 156 -40.00 9.73 35.58
C GLN B 156 -40.19 9.53 34.07
N MET B 157 -39.38 10.21 33.24
CA MET B 157 -39.48 9.97 31.80
C MET B 157 -39.02 8.57 31.44
N LEU B 158 -37.98 8.07 32.12
CA LEU B 158 -37.49 6.75 31.76
C LEU B 158 -38.51 5.65 32.03
N GLU B 159 -39.45 5.88 32.96
CA GLU B 159 -40.48 4.88 33.23
C GLU B 159 -41.26 4.51 31.97
N ARG B 160 -41.41 5.45 31.05
CA ARG B 160 -42.23 5.29 29.85
C ARG B 160 -41.39 5.05 28.58
N ILE B 161 -40.09 4.88 28.73
CA ILE B 161 -39.20 4.70 27.59
C ILE B 161 -38.88 3.20 27.46
N HIS B 162 -39.01 2.69 26.23
CA HIS B 162 -38.87 1.28 25.93
C HIS B 162 -37.44 0.85 25.70
N GLY B 163 -36.54 1.77 25.37
CA GLY B 163 -35.15 1.38 25.21
C GLY B 163 -34.30 2.50 24.67
N ILE B 164 -33.00 2.22 24.64
CA ILE B 164 -31.96 3.12 24.18
C ILE B 164 -31.21 2.37 23.10
N THR B 165 -30.95 3.04 21.96
CA THR B 165 -30.03 2.46 20.99
C THR B 165 -28.78 3.35 20.93
N GLU B 166 -27.64 2.78 21.32
CA GLU B 166 -26.42 3.55 21.55
C GLU B 166 -25.42 3.30 20.42
N GLU B 167 -24.85 4.39 19.90
CA GLU B 167 -24.06 4.31 18.70
C GLU B 167 -22.62 3.85 18.94
N THR B 168 -21.99 4.23 20.06
CA THR B 168 -20.52 4.24 20.04
C THR B 168 -19.92 3.58 21.27
N THR B 169 -18.67 3.14 21.10
CA THR B 169 -17.95 2.39 22.14
C THR B 169 -18.06 3.07 23.51
N THR B 170 -17.77 4.37 23.55
CA THR B 170 -17.77 5.09 24.82
C THR B 170 -19.15 5.06 25.46
N GLY B 171 -20.19 5.22 24.66
CA GLY B 171 -21.55 5.19 25.20
C GLY B 171 -21.92 3.81 25.72
N VAL B 172 -21.47 2.76 25.04
CA VAL B 172 -21.72 1.40 25.51
C VAL B 172 -21.04 1.17 26.84
N HIS B 173 -19.79 1.63 26.98
CA HIS B 173 -19.10 1.48 28.26
C HIS B 173 -19.92 2.14 29.38
N ARG B 174 -20.51 3.30 29.10
CA ARG B 174 -21.29 3.98 30.13
C ARG B 174 -22.55 3.19 30.47
N LEU B 175 -23.21 2.59 29.47
CA LEU B 175 -24.36 1.73 29.72
C LEU B 175 -23.98 0.54 30.57
N LEU B 176 -22.86 -0.11 30.25
CA LEU B 176 -22.48 -1.28 31.01
C LEU B 176 -22.14 -0.93 32.44
N ASP B 177 -21.56 0.26 32.67
CA ASP B 177 -21.34 0.72 34.03
C ASP B 177 -22.67 0.85 34.77
N MET B 178 -23.66 1.47 34.12
CA MET B 178 -24.97 1.58 34.77
C MET B 178 -25.54 0.21 35.06
N LEU B 179 -25.45 -0.71 34.10
CA LEU B 179 -26.02 -2.04 34.30
C LEU B 179 -25.37 -2.74 35.48
N LYS B 180 -24.04 -2.64 35.58
CA LYS B 180 -23.29 -3.21 36.70
C LYS B 180 -23.73 -2.64 38.04
N ASN B 181 -23.95 -1.33 38.08
CA ASN B 181 -24.32 -0.63 39.30
C ASN B 181 -25.79 -0.78 39.63
N GLY B 182 -26.57 -1.41 38.75
CA GLY B 182 -27.99 -1.47 39.00
C GLY B 182 -28.73 -0.16 38.81
N THR B 183 -28.15 0.78 38.07
CA THR B 183 -28.79 2.07 37.85
C THR B 183 -29.38 2.23 36.46
N LEU B 184 -29.14 1.31 35.54
CA LEU B 184 -29.71 1.42 34.21
C LEU B 184 -31.21 1.14 34.27
N LYS B 185 -32.01 2.05 33.72
CA LYS B 185 -33.46 2.01 33.93
C LYS B 185 -34.22 1.38 32.78
N VAL B 186 -33.64 1.31 31.58
CA VAL B 186 -34.31 0.72 30.42
C VAL B 186 -33.28 -0.09 29.66
N PRO B 187 -33.73 -1.06 28.86
CA PRO B 187 -32.78 -1.90 28.13
C PRO B 187 -32.15 -1.14 26.97
N ALA B 188 -31.01 -1.63 26.50
CA ALA B 188 -30.33 -0.95 25.39
C ALA B 188 -29.88 -1.96 24.35
N ILE B 189 -29.82 -1.49 23.11
CA ILE B 189 -29.09 -2.20 22.07
C ILE B 189 -27.78 -1.47 21.85
N ASN B 190 -26.70 -2.23 21.95
CA ASN B 190 -25.34 -1.84 21.55
C ASN B 190 -25.27 -1.92 20.02
N VAL B 191 -25.47 -0.77 19.36
CA VAL B 191 -25.38 -0.71 17.90
C VAL B 191 -23.92 -0.77 17.49
N ASN B 192 -23.03 -0.29 18.36
CA ASN B 192 -21.60 -0.22 18.02
C ASN B 192 -21.08 -1.58 17.58
N ASP B 193 -21.53 -2.66 18.22
CA ASP B 193 -20.83 -3.90 18.00
C ASP B 193 -21.49 -4.84 16.99
N SER B 194 -22.41 -4.33 16.16
CA SER B 194 -22.60 -4.97 14.87
C SER B 194 -21.29 -4.93 14.09
N VAL B 195 -21.02 -5.97 13.30
CA VAL B 195 -19.79 -5.92 12.53
C VAL B 195 -19.91 -4.84 11.47
N THR B 196 -21.12 -4.64 10.92
CA THR B 196 -21.38 -3.58 9.94
C THR B 196 -21.40 -2.20 10.57
N LYS B 197 -21.12 -2.10 11.87
CA LYS B 197 -20.85 -0.83 12.52
C LYS B 197 -19.38 -0.79 12.96
N SER B 198 -18.99 -1.56 13.99
CA SER B 198 -17.64 -1.48 14.54
C SER B 198 -16.55 -1.63 13.48
N LYS B 199 -16.65 -2.64 12.62
CA LYS B 199 -15.57 -2.95 11.69
C LYS B 199 -15.80 -2.31 10.33
N ASN B 200 -16.65 -1.29 10.28
CA ASN B 200 -16.99 -0.53 9.09
C ASN B 200 -16.80 0.96 9.44
N ASP B 201 -17.71 1.46 10.28
CA ASP B 201 -17.67 2.84 10.77
C ASP B 201 -16.40 3.13 11.56
N ASN B 202 -16.16 2.40 12.65
CA ASN B 202 -15.10 2.83 13.57
C ASN B 202 -13.75 2.78 12.87
N LYS B 203 -13.56 1.78 12.00
CA LYS B 203 -12.28 1.57 11.32
C LYS B 203 -12.25 2.29 9.98
N TYR B 204 -13.02 1.83 9.01
CA TYR B 204 -12.92 2.44 7.67
C TYR B 204 -13.44 3.89 7.65
N GLY B 205 -14.41 4.22 8.49
CA GLY B 205 -14.82 5.61 8.57
C GLY B 205 -13.68 6.53 8.95
N CYS B 206 -12.91 6.15 9.98
CA CYS B 206 -11.79 6.98 10.37
C CYS B 206 -10.67 6.96 9.33
N ARG B 207 -10.55 5.84 8.59
CA ARG B 207 -9.57 5.81 7.49
CA ARG B 207 -9.57 5.81 7.51
C ARG B 207 -9.90 6.88 6.47
N HIS B 208 -11.17 7.01 6.11
CA HIS B 208 -11.58 8.05 5.17
C HIS B 208 -11.40 9.45 5.75
N SER B 209 -11.85 9.65 6.99
CA SER B 209 -12.11 11.01 7.46
C SER B 209 -10.99 11.61 8.32
N LEU B 210 -10.03 10.82 8.81
CA LEU B 210 -8.97 11.43 9.62
C LEU B 210 -8.06 12.31 8.77
N ASN B 211 -7.44 11.72 7.73
CA ASN B 211 -6.59 12.53 6.88
CA ASN B 211 -6.59 12.52 6.86
C ASN B 211 -7.38 13.63 6.19
N ASP B 212 -8.67 13.40 5.92
CA ASP B 212 -9.57 14.43 5.39
C ASP B 212 -9.57 15.66 6.30
N ALA B 213 -9.82 15.46 7.60
CA ALA B 213 -9.90 16.58 8.53
C ALA B 213 -8.56 17.27 8.73
N ILE B 214 -7.46 16.51 8.75
CA ILE B 214 -6.16 17.13 8.92
C ILE B 214 -5.84 18.01 7.70
N LYS B 215 -6.16 17.53 6.50
CA LYS B 215 -5.91 18.35 5.30
C LYS B 215 -6.78 19.60 5.31
N ARG B 216 -8.07 19.46 5.67
CA ARG B 216 -8.92 20.64 5.67
C ARG B 216 -8.46 21.65 6.72
N GLY B 217 -8.00 21.18 7.87
CA GLY B 217 -7.60 22.10 8.92
C GLY B 217 -6.27 22.78 8.65
N THR B 218 -5.29 22.05 8.12
CA THR B 218 -3.94 22.57 8.01
C THR B 218 -3.39 22.63 6.60
N ASP B 219 -3.95 21.84 5.68
CA ASP B 219 -3.40 21.62 4.34
C ASP B 219 -1.95 21.15 4.39
N HIS B 220 -1.55 20.52 5.50
CA HIS B 220 -0.19 20.01 5.60
C HIS B 220 0.02 18.82 4.69
N LEU B 221 1.18 18.79 4.01
CA LEU B 221 1.65 17.54 3.44
C LEU B 221 1.82 16.52 4.55
N LEU B 222 1.35 15.29 4.32
CA LEU B 222 1.56 14.24 5.32
C LEU B 222 2.65 13.26 4.93
N SER B 223 2.81 12.96 3.64
CA SER B 223 3.83 12.03 3.19
C SER B 223 5.19 12.44 3.72
N GLY B 224 5.95 11.45 4.21
CA GLY B 224 7.31 11.67 4.68
C GLY B 224 7.45 12.16 6.10
N LYS B 225 6.35 12.51 6.76
CA LYS B 225 6.33 13.05 8.10
C LYS B 225 6.04 11.93 9.12
N GLN B 226 6.36 12.20 10.38
CA GLN B 226 6.26 11.22 11.46
CA GLN B 226 6.24 11.21 11.45
C GLN B 226 4.97 11.42 12.24
N ALA B 227 4.19 10.35 12.39
CA ALA B 227 2.96 10.35 13.16
C ALA B 227 3.06 9.36 14.30
N LEU B 228 2.41 9.70 15.41
CA LEU B 228 2.23 8.81 16.54
C LEU B 228 0.73 8.65 16.77
N VAL B 229 0.22 7.44 16.60
CA VAL B 229 -1.20 7.15 16.87
C VAL B 229 -1.27 6.47 18.23
N ILE B 230 -2.03 7.04 19.17
CA ILE B 230 -2.20 6.47 20.49
C ILE B 230 -3.45 5.58 20.46
N GLY B 231 -3.24 4.27 20.52
CA GLY B 231 -4.34 3.32 20.45
C GLY B 231 -4.38 2.60 19.11
N TYR B 232 -4.82 1.34 19.15
CA TYR B 232 -4.89 0.51 17.96
C TYR B 232 -6.09 -0.42 18.06
N GLY B 233 -7.19 0.11 18.61
CA GLY B 233 -8.51 -0.52 18.54
C GLY B 233 -9.06 -0.30 17.15
N ASP B 234 -10.40 -0.29 17.00
CA ASP B 234 -10.94 -0.11 15.64
C ASP B 234 -10.61 1.29 15.11
N VAL B 235 -10.80 2.32 15.92
CA VAL B 235 -10.50 3.68 15.47
C VAL B 235 -9.00 3.84 15.25
N GLY B 236 -8.16 3.35 16.16
CA GLY B 236 -6.73 3.46 15.95
C GLY B 236 -6.23 2.70 14.73
N LYS B 237 -6.82 1.52 14.44
CA LYS B 237 -6.49 0.82 13.19
C LYS B 237 -6.84 1.69 11.97
N GLY B 238 -8.05 2.23 11.94
CA GLY B 238 -8.44 3.00 10.77
C GLY B 238 -7.64 4.30 10.67
N SER B 239 -7.36 4.92 11.81
CA SER B 239 -6.57 6.14 11.85
C SER B 239 -5.15 5.89 11.38
N SER B 240 -4.52 4.82 11.87
CA SER B 240 -3.16 4.49 11.42
C SER B 240 -3.11 4.29 9.91
N GLN B 241 -4.09 3.59 9.35
CA GLN B 241 -4.11 3.39 7.90
C GLN B 241 -4.37 4.72 7.16
N SER B 242 -5.24 5.59 7.69
CA SER B 242 -5.49 6.90 7.06
C SER B 242 -4.18 7.67 6.83
N LEU B 243 -3.27 7.56 7.79
CA LEU B 243 -2.00 8.29 7.77
C LEU B 243 -0.95 7.53 6.94
N ARG B 244 -0.88 6.21 7.12
CA ARG B 244 0.12 5.43 6.41
C ARG B 244 -0.14 5.44 4.91
N GLN B 245 -1.42 5.39 4.51
CA GLN B 245 -1.72 5.37 3.07
C GLN B 245 -1.37 6.70 2.43
N GLU B 246 -1.26 7.76 3.22
CA GLU B 246 -0.76 9.04 2.72
C GLU B 246 0.75 9.12 2.68
N GLY B 247 1.46 8.10 3.14
CA GLY B 247 2.91 8.13 3.16
C GLY B 247 3.52 8.58 4.48
N MET B 248 2.73 8.74 5.53
CA MET B 248 3.34 9.06 6.82
C MET B 248 4.13 7.86 7.33
N ILE B 249 5.15 8.14 8.14
CA ILE B 249 5.84 7.11 8.92
C ILE B 249 5.12 7.05 10.27
N VAL B 250 4.36 5.98 10.50
CA VAL B 250 3.42 5.92 11.62
C VAL B 250 3.95 4.98 12.68
N LYS B 251 4.04 5.48 13.91
CA LYS B 251 4.30 4.70 15.10
C LYS B 251 2.99 4.61 15.89
N VAL B 252 2.83 3.51 16.62
CA VAL B 252 1.59 3.18 17.32
C VAL B 252 1.94 2.93 18.78
N ALA B 253 1.15 3.49 19.70
CA ALA B 253 1.22 3.16 21.12
C ALA B 253 -0.02 2.35 21.52
N GLU B 254 0.17 1.44 22.47
CA GLU B 254 -0.97 0.64 22.91
C GLU B 254 -0.68 0.15 24.32
N VAL B 255 -1.74 -0.07 25.09
CA VAL B 255 -1.65 -0.77 26.37
C VAL B 255 -2.07 -2.23 26.25
N ASP B 256 -2.72 -2.60 25.15
CA ASP B 256 -3.23 -3.94 24.94
C ASP B 256 -2.22 -4.67 24.07
N PRO B 257 -1.53 -5.68 24.59
CA PRO B 257 -0.50 -6.33 23.79
C PRO B 257 -1.06 -7.04 22.57
N ILE B 258 -2.32 -7.49 22.58
CA ILE B 258 -2.86 -8.13 21.39
C ILE B 258 -3.02 -7.10 20.27
N CYS B 259 -3.60 -5.94 20.59
CA CYS B 259 -3.67 -4.86 19.61
C CYS B 259 -2.28 -4.41 19.16
N ALA B 260 -1.32 -4.35 20.08
CA ALA B 260 0.06 -4.01 19.71
C ALA B 260 0.62 -5.03 18.75
N MET B 261 0.35 -6.33 19.00
N MET B 261 0.36 -6.32 18.99
CA MET B 261 0.83 -7.37 18.09
CA MET B 261 0.84 -7.36 18.07
C MET B 261 0.27 -7.15 16.68
C MET B 261 0.28 -7.12 16.69
N GLN B 262 -1.01 -6.79 16.59
CA GLN B 262 -1.61 -6.50 15.30
C GLN B 262 -0.88 -5.36 14.61
N ALA B 263 -0.56 -4.30 15.36
CA ALA B 263 0.11 -3.14 14.77
C ALA B 263 1.48 -3.54 14.24
N CYS B 264 2.22 -4.34 14.99
CA CYS B 264 3.51 -4.81 14.49
C CYS B 264 3.32 -5.58 13.19
N MET B 265 2.42 -6.56 13.21
CA MET B 265 2.19 -7.37 12.02
C MET B 265 1.64 -6.57 10.84
N ASP B 266 0.95 -5.47 11.12
CA ASP B 266 0.47 -4.56 10.07
C ASP B 266 1.57 -3.65 9.54
N GLY B 267 2.77 -3.73 10.09
CA GLY B 267 3.88 -2.98 9.55
C GLY B 267 4.17 -1.67 10.25
N PHE B 268 3.76 -1.50 11.50
CA PHE B 268 3.99 -0.29 12.27
C PHE B 268 4.98 -0.60 13.37
N GLU B 269 5.77 0.39 13.71
CA GLU B 269 6.61 0.31 14.88
C GLU B 269 5.79 0.68 16.10
N VAL B 270 5.86 -0.15 17.16
CA VAL B 270 5.09 0.07 18.38
C VAL B 270 5.99 0.70 19.42
N VAL B 271 5.61 1.88 19.92
CA VAL B 271 6.43 2.70 20.80
C VAL B 271 5.55 3.17 21.94
N SER B 272 6.19 3.57 23.03
CA SER B 272 5.47 4.22 24.12
C SER B 272 5.96 5.66 24.26
N PRO B 273 5.07 6.61 24.59
CA PRO B 273 5.57 7.96 24.96
C PRO B 273 6.48 7.92 26.18
N TYR B 274 6.40 6.89 27.01
CA TYR B 274 7.10 6.82 28.29
C TYR B 274 8.20 5.77 28.21
N LYS B 275 9.32 6.07 28.88
CA LYS B 275 10.43 5.13 28.90
C LYS B 275 10.00 3.82 29.55
N ASN B 276 10.33 2.72 28.87
CA ASN B 276 9.86 1.38 29.22
C ASN B 276 8.35 1.28 29.41
N GLY B 277 7.59 2.20 28.83
CA GLY B 277 6.14 2.20 28.95
C GLY B 277 5.58 2.63 30.30
N ILE B 278 6.42 3.13 31.20
CA ILE B 278 6.01 3.41 32.57
C ILE B 278 5.58 4.86 32.71
N ASN B 279 4.27 5.08 32.88
CA ASN B 279 3.69 6.42 32.94
C ASN B 279 3.61 6.83 34.41
N ASP B 280 4.74 7.31 34.93
CA ASP B 280 4.83 7.63 36.35
C ASP B 280 4.55 9.08 36.66
N GLY B 281 4.17 9.89 35.67
CA GLY B 281 3.79 11.25 35.93
C GLY B 281 4.91 12.27 35.95
N THR B 282 6.15 11.86 35.69
CA THR B 282 7.26 12.81 35.71
C THR B 282 7.63 13.21 34.29
N GLU B 283 8.17 14.42 34.14
CA GLU B 283 8.71 14.84 32.86
C GLU B 283 9.83 13.90 32.42
N ALA B 284 10.62 13.41 33.37
CA ALA B 284 11.75 12.58 33.01
C ALA B 284 11.32 11.26 32.40
N SER B 285 10.09 10.82 32.66
CA SER B 285 9.59 9.58 32.06
C SER B 285 9.32 9.71 30.56
N ILE B 286 9.23 10.93 30.03
CA ILE B 286 8.89 11.10 28.62
C ILE B 286 10.10 10.72 27.76
N ASP B 287 9.86 9.96 26.70
CA ASP B 287 10.88 9.71 25.70
C ASP B 287 11.02 10.98 24.85
N ALA B 288 11.92 11.89 25.27
CA ALA B 288 12.03 13.19 24.61
C ALA B 288 12.50 13.05 23.17
N ALA B 289 13.45 12.13 22.93
CA ALA B 289 13.92 11.88 21.57
C ALA B 289 12.77 11.49 20.65
N LEU B 290 11.93 10.56 21.09
CA LEU B 290 10.76 10.16 20.31
C LEU B 290 9.82 11.35 20.09
N LEU B 291 9.32 11.95 21.16
CA LEU B 291 8.31 13.00 21.00
C LEU B 291 8.84 14.16 20.17
N GLY B 292 10.15 14.44 20.26
CA GLY B 292 10.76 15.53 19.52
C GLY B 292 10.88 15.29 18.02
N LYS B 293 10.55 14.08 17.55
CA LYS B 293 10.53 13.73 16.15
C LYS B 293 9.13 13.66 15.57
N ILE B 294 8.09 13.84 16.39
CA ILE B 294 6.73 13.55 15.95
C ILE B 294 6.11 14.81 15.37
N ASP B 295 5.65 14.72 14.14
CA ASP B 295 4.98 15.84 13.49
C ASP B 295 3.47 15.87 13.73
N LEU B 296 2.87 14.74 14.13
CA LEU B 296 1.42 14.64 14.27
C LEU B 296 1.12 13.58 15.32
N ILE B 297 0.29 13.90 16.30
CA ILE B 297 -0.17 12.90 17.26
C ILE B 297 -1.69 12.85 17.18
N VAL B 298 -2.23 11.63 17.16
CA VAL B 298 -3.67 11.39 17.08
C VAL B 298 -4.07 10.45 18.20
N THR B 299 -5.06 10.85 19.00
CA THR B 299 -5.53 9.99 20.09
C THR B 299 -6.80 9.29 19.64
N THR B 300 -6.89 7.97 19.96
CA THR B 300 -7.97 7.14 19.45
C THR B 300 -8.55 6.21 20.52
N THR B 301 -8.39 6.52 21.80
CA THR B 301 -8.49 5.50 22.84
C THR B 301 -9.85 5.43 23.53
N GLY B 302 -10.60 6.54 23.59
CA GLY B 302 -11.70 6.54 24.54
C GLY B 302 -11.28 6.60 25.99
N ASN B 303 -9.99 6.83 26.26
CA ASN B 303 -9.46 6.87 27.60
C ASN B 303 -9.17 8.32 27.97
N VAL B 304 -8.56 8.56 29.13
CA VAL B 304 -8.35 9.92 29.63
C VAL B 304 -6.85 10.22 29.66
N ASN B 305 -6.49 11.40 29.17
CA ASN B 305 -5.14 11.96 29.32
C ASN B 305 -4.08 11.05 28.71
N VAL B 306 -4.35 10.59 27.48
CA VAL B 306 -3.37 9.77 26.78
C VAL B 306 -2.40 10.63 25.95
N CYS B 307 -2.67 11.92 25.82
CA CYS B 307 -1.70 12.88 25.29
C CYS B 307 -1.58 13.93 26.39
N ASP B 308 -0.69 13.71 27.34
CA ASP B 308 -0.72 14.44 28.60
C ASP B 308 0.15 15.70 28.50
N ALA B 309 0.23 16.45 29.61
CA ALA B 309 0.94 17.72 29.57
C ALA B 309 2.41 17.53 29.24
N ASN B 310 3.03 16.48 29.79
CA ASN B 310 4.46 16.29 29.58
C ASN B 310 4.74 15.86 28.14
N MET B 311 3.87 15.07 27.53
CA MET B 311 4.02 14.80 26.09
C MET B 311 3.87 16.09 25.29
N LEU B 312 2.93 16.94 25.68
CA LEU B 312 2.71 18.19 24.94
C LEU B 312 3.92 19.10 25.04
N LYS B 313 4.57 19.14 26.22
CA LYS B 313 5.78 19.93 26.37
C LYS B 313 6.93 19.38 25.53
N ALA B 314 6.96 18.07 25.30
CA ALA B 314 8.09 17.46 24.61
C ALA B 314 7.92 17.38 23.10
N LEU B 315 6.71 17.62 22.59
CA LEU B 315 6.48 17.45 21.16
C LEU B 315 7.35 18.38 20.35
N LYS B 316 7.73 17.89 19.17
CA LYS B 316 8.40 18.70 18.17
C LYS B 316 7.67 20.02 17.98
N LYS B 317 8.44 21.10 17.80
CA LYS B 317 7.83 22.38 17.44
C LYS B 317 6.95 22.21 16.21
N ARG B 318 5.76 22.83 16.25
CA ARG B 318 4.81 22.92 15.16
C ARG B 318 4.11 21.59 14.83
N ALA B 319 4.21 20.60 15.71
CA ALA B 319 3.46 19.36 15.56
C ALA B 319 1.96 19.65 15.61
N VAL B 320 1.19 18.80 14.92
CA VAL B 320 -0.26 18.83 14.99
C VAL B 320 -0.73 17.84 16.06
N VAL B 321 -1.71 18.28 16.85
CA VAL B 321 -2.31 17.46 17.90
C VAL B 321 -3.80 17.38 17.64
N CYS B 322 -4.35 16.16 17.62
CA CYS B 322 -5.78 16.01 17.43
C CYS B 322 -6.25 14.71 18.07
N ASN B 323 -7.57 14.64 18.23
CA ASN B 323 -8.22 13.54 18.91
C ASN B 323 -9.39 13.09 18.04
N ILE B 324 -9.48 11.80 17.79
CA ILE B 324 -10.62 11.24 17.07
C ILE B 324 -11.42 10.27 17.95
N GLY B 325 -11.08 10.17 19.25
CA GLY B 325 -11.95 9.50 20.20
C GLY B 325 -13.16 10.35 20.53
N HIS B 326 -14.12 9.78 21.26
CA HIS B 326 -15.39 10.49 21.45
C HIS B 326 -15.27 11.79 22.25
N PHE B 327 -14.46 11.85 23.31
CA PHE B 327 -14.42 13.01 24.20
C PHE B 327 -13.05 13.67 24.15
N ASP B 328 -13.01 15.00 24.43
CA ASP B 328 -11.77 15.79 24.29
C ASP B 328 -10.77 15.57 25.41
N ASN B 329 -11.13 14.87 26.48
CA ASN B 329 -10.19 14.70 27.59
C ASN B 329 -9.09 13.68 27.29
N GLU B 330 -9.05 13.12 26.07
CA GLU B 330 -7.92 12.30 25.69
C GLU B 330 -6.64 13.11 25.67
N ILE B 331 -6.75 14.41 25.37
CA ILE B 331 -5.65 15.36 25.35
C ILE B 331 -5.83 16.28 26.55
N ASP B 332 -4.74 16.62 27.22
CA ASP B 332 -4.83 17.58 28.34
C ASP B 332 -4.89 19.00 27.78
N THR B 333 -6.04 19.32 27.15
CA THR B 333 -6.25 20.70 26.72
C THR B 333 -6.37 21.66 27.90
N ALA B 334 -6.82 21.16 29.06
CA ALA B 334 -6.92 22.05 30.23
C ALA B 334 -5.56 22.64 30.58
N PHE B 335 -4.52 21.80 30.59
CA PHE B 335 -3.16 22.29 30.80
C PHE B 335 -2.80 23.37 29.80
N MET B 336 -3.13 23.15 28.52
CA MET B 336 -2.78 24.14 27.51
C MET B 336 -3.54 25.45 27.70
N ARG B 337 -4.80 25.37 28.10
CA ARG B 337 -5.53 26.62 28.37
C ARG B 337 -4.96 27.36 29.57
N LYS B 338 -4.47 26.63 30.55
CA LYS B 338 -3.97 27.25 31.77
C LYS B 338 -2.61 27.91 31.56
N ASN B 339 -1.78 27.36 30.68
CA ASN B 339 -0.37 27.73 30.61
C ASN B 339 0.07 28.40 29.32
N TRP B 340 -0.62 28.18 28.21
CA TRP B 340 -0.12 28.58 26.91
C TRP B 340 -1.11 29.48 26.19
N ALA B 341 -0.61 30.27 25.26
CA ALA B 341 -1.40 31.29 24.57
C ALA B 341 -2.01 30.70 23.31
N TRP B 342 -3.33 30.87 23.13
CA TRP B 342 -3.99 30.30 21.98
C TRP B 342 -4.20 31.37 20.91
N GLU B 343 -3.83 31.05 19.68
CA GLU B 343 -4.03 31.92 18.54
C GLU B 343 -4.92 31.20 17.54
N GLU B 344 -6.12 31.72 17.32
CA GLU B 344 -6.99 31.07 16.35
C GLU B 344 -6.49 31.35 14.93
N VAL B 345 -6.30 30.28 14.16
CA VAL B 345 -5.95 30.43 12.75
C VAL B 345 -7.22 30.65 11.93
N LYS B 346 -8.18 29.77 12.16
CA LYS B 346 -9.51 29.80 11.58
C LYS B 346 -10.35 28.87 12.44
N PRO B 347 -11.67 28.83 12.24
CA PRO B 347 -12.48 28.01 13.16
C PRO B 347 -11.94 26.60 13.28
N GLN B 348 -11.86 26.11 14.53
CA GLN B 348 -11.42 24.75 14.86
C GLN B 348 -9.96 24.51 14.52
N VAL B 349 -9.16 25.57 14.36
CA VAL B 349 -7.72 25.42 14.18
C VAL B 349 -7.03 26.48 15.04
N HIS B 350 -6.25 26.04 16.03
CA HIS B 350 -5.56 26.95 16.94
C HIS B 350 -4.07 26.64 17.00
N LYS B 351 -3.24 27.67 16.93
CA LYS B 351 -1.84 27.56 17.34
C LYS B 351 -1.76 27.81 18.85
N ILE B 352 -1.04 26.93 19.54
CA ILE B 352 -0.85 26.98 20.98
C ILE B 352 0.62 27.34 21.20
N HIS B 353 0.88 28.54 21.71
CA HIS B 353 2.23 29.07 21.82
C HIS B 353 2.78 28.68 23.19
N ARG B 354 3.79 27.81 23.19
CA ARG B 354 4.39 27.30 24.43
C ARG B 354 5.36 28.28 25.06
N THR B 355 5.41 29.50 24.56
CA THR B 355 6.26 30.55 25.09
C THR B 355 5.69 31.23 26.32
N GLY B 356 4.45 30.96 26.67
CA GLY B 356 3.86 31.58 27.86
C GLY B 356 2.38 31.80 27.66
N LYS B 357 1.76 32.34 28.70
CA LYS B 357 0.31 32.51 28.71
C LYS B 357 -0.12 33.88 28.21
N ASP B 358 0.61 34.94 28.60
CA ASP B 358 0.19 36.32 28.34
C ASP B 358 0.64 36.73 26.94
N GLY B 359 -0.19 36.43 25.96
CA GLY B 359 0.08 36.84 24.59
C GLY B 359 1.17 36.02 23.94
N PHE B 360 1.39 36.31 22.65
CA PHE B 360 2.34 35.54 21.86
C PHE B 360 2.94 36.46 20.81
N ASP B 361 4.09 36.05 20.28
CA ASP B 361 4.67 36.71 19.12
C ASP B 361 4.05 36.07 17.88
N ALA B 362 3.54 36.91 16.97
CA ALA B 362 2.87 36.39 15.78
C ALA B 362 3.79 35.51 14.96
N HIS B 363 5.11 35.70 15.07
CA HIS B 363 6.11 34.91 14.36
C HIS B 363 6.84 33.93 15.26
N ASN B 364 6.27 33.60 16.43
CA ASN B 364 6.87 32.59 17.30
C ASN B 364 6.93 31.26 16.56
N ASP B 365 8.07 30.58 16.70
CA ASP B 365 8.20 29.28 16.06
C ASP B 365 7.79 28.13 16.98
N ASP B 366 7.63 28.39 18.28
CA ASP B 366 7.40 27.31 19.24
C ASP B 366 5.91 27.22 19.58
N TYR B 367 5.19 26.53 18.71
CA TYR B 367 3.75 26.37 18.88
C TYR B 367 3.37 24.96 18.44
N LEU B 368 2.23 24.49 18.93
CA LEU B 368 1.56 23.30 18.44
C LEU B 368 0.31 23.73 17.70
N ILE B 369 -0.17 22.91 16.77
CA ILE B 369 -1.46 23.19 16.13
C ILE B 369 -2.46 22.18 16.67
N LEU B 370 -3.49 22.67 17.34
CA LEU B 370 -4.56 21.84 17.88
C LEU B 370 -5.78 21.93 16.96
N LEU B 371 -6.35 20.77 16.61
CA LEU B 371 -7.52 20.77 15.75
C LEU B 371 -8.79 20.55 16.59
N ALA B 372 -9.83 21.32 16.28
CA ALA B 372 -11.16 21.15 16.88
C ALA B 372 -11.12 21.27 18.40
N GLU B 373 -10.14 22.00 18.93
CA GLU B 373 -9.97 22.18 20.39
C GLU B 373 -9.99 20.83 21.10
N GLY B 374 -9.44 19.83 20.42
CA GLY B 374 -9.35 18.50 20.97
C GLY B 374 -10.60 17.66 20.82
N ARG B 375 -11.68 18.19 20.26
CA ARG B 375 -12.91 17.41 20.05
C ARG B 375 -12.73 16.55 18.79
N LEU B 376 -13.61 15.53 18.65
CA LEU B 376 -13.58 14.59 17.53
C LEU B 376 -13.20 15.27 16.22
N VAL B 377 -11.98 15.00 15.72
CA VAL B 377 -11.42 15.85 14.66
C VAL B 377 -12.08 15.60 13.31
N ASN B 378 -12.48 14.36 13.02
CA ASN B 378 -13.06 14.11 11.71
C ASN B 378 -14.35 14.90 11.52
N LEU B 379 -15.17 14.97 12.57
CA LEU B 379 -16.41 15.73 12.50
C LEU B 379 -16.20 17.22 12.72
N GLY B 380 -15.19 17.61 13.51
CA GLY B 380 -14.96 19.00 13.81
C GLY B 380 -14.32 19.78 12.68
N ASN B 381 -13.39 19.16 11.97
CA ASN B 381 -12.64 19.83 10.92
C ASN B 381 -12.99 19.32 9.53
N ALA B 382 -13.85 18.31 9.42
CA ALA B 382 -14.38 17.90 8.12
C ALA B 382 -15.86 17.51 8.28
N THR B 383 -16.32 16.40 7.69
CA THR B 383 -17.74 16.05 7.78
C THR B 383 -17.94 14.66 8.38
N GLY B 384 -16.98 14.19 9.15
CA GLY B 384 -17.13 12.86 9.69
C GLY B 384 -17.09 11.80 8.60
N HIS B 385 -17.68 10.66 8.91
CA HIS B 385 -17.62 9.52 8.01
C HIS B 385 -18.49 9.77 6.78
N PRO B 386 -18.19 9.11 5.67
CA PRO B 386 -18.99 9.29 4.46
C PRO B 386 -20.31 8.54 4.52
N SER B 387 -21.26 9.01 3.71
CA SER B 387 -22.60 8.43 3.69
C SER B 387 -22.57 6.91 3.51
N ARG B 388 -21.76 6.43 2.57
CA ARG B 388 -21.80 5.00 2.25
C ARG B 388 -21.31 4.13 3.41
N ILE B 389 -20.48 4.69 4.29
CA ILE B 389 -20.08 3.99 5.53
C ILE B 389 -21.16 4.15 6.60
N MET B 390 -21.69 5.35 6.78
CA MET B 390 -22.71 5.54 7.83
C MET B 390 -23.97 4.76 7.50
N ASP B 391 -24.16 4.43 6.23
CA ASP B 391 -25.25 3.55 5.82
C ASP B 391 -25.34 2.34 6.73
N GLY B 392 -24.20 1.67 6.94
CA GLY B 392 -24.19 0.49 7.79
C GLY B 392 -24.61 0.80 9.21
N SER B 393 -23.99 1.80 9.83
CA SER B 393 -24.30 2.14 11.22
C SER B 393 -25.79 2.46 11.36
N PHE B 394 -26.32 3.24 10.43
CA PHE B 394 -27.64 3.79 10.63
C PHE B 394 -28.73 2.82 10.21
N ALA B 395 -28.45 1.88 9.28
CA ALA B 395 -29.36 0.77 9.10
C ALA B 395 -29.49 -0.02 10.40
N ASN B 396 -28.37 -0.27 11.08
CA ASN B 396 -28.41 -0.91 12.41
C ASN B 396 -29.23 -0.07 13.41
N GLN B 397 -29.04 1.25 13.42
CA GLN B 397 -29.83 2.07 14.33
C GLN B 397 -31.32 1.89 14.10
N VAL B 398 -31.75 1.92 12.84
CA VAL B 398 -33.17 1.81 12.54
C VAL B 398 -33.72 0.46 12.99
N LEU B 399 -32.99 -0.60 12.68
CA LEU B 399 -33.41 -1.94 13.11
C LEU B 399 -33.46 -2.03 14.64
N ALA B 400 -32.50 -1.43 15.32
CA ALA B 400 -32.46 -1.48 16.78
C ALA B 400 -33.65 -0.73 17.37
N GLN B 401 -33.96 0.45 16.81
CA GLN B 401 -35.13 1.20 17.25
C GLN B 401 -36.40 0.38 17.06
N ILE B 402 -36.54 -0.29 15.91
CA ILE B 402 -37.74 -1.11 15.68
C ILE B 402 -37.83 -2.23 16.71
N HIS B 403 -36.71 -2.93 16.93
CA HIS B 403 -36.72 -4.05 17.86
C HIS B 403 -37.16 -3.62 19.25
N LEU B 404 -36.51 -2.60 19.81
CA LEU B 404 -36.85 -2.22 21.18
C LEU B 404 -38.22 -1.56 21.27
N PHE B 405 -38.62 -0.82 20.23
CA PHE B 405 -39.96 -0.23 20.28
C PHE B 405 -41.02 -1.31 20.23
N GLU B 406 -40.81 -2.35 19.42
CA GLU B 406 -41.82 -3.40 19.34
C GLU B 406 -41.86 -4.25 20.61
N GLN B 407 -40.76 -4.27 21.37
CA GLN B 407 -40.72 -5.10 22.59
C GLN B 407 -41.52 -4.46 23.71
N LYS B 408 -41.67 -3.13 23.69
CA LYS B 408 -42.54 -2.40 24.64
C LYS B 408 -42.16 -2.64 26.11
N TYR B 409 -40.86 -2.55 26.42
CA TYR B 409 -40.37 -2.79 27.78
C TYR B 409 -41.13 -1.95 28.83
N ALA B 410 -41.43 -0.68 28.53
CA ALA B 410 -42.07 0.18 29.53
C ALA B 410 -43.42 -0.37 29.97
N ASP B 411 -44.09 -1.13 29.12
CA ASP B 411 -45.42 -1.64 29.46
C ASP B 411 -45.37 -3.00 30.15
N LEU B 412 -44.19 -3.60 30.27
CA LEU B 412 -44.05 -4.91 30.92
C LEU B 412 -44.29 -4.81 32.44
N PRO B 413 -44.81 -5.88 33.05
CA PRO B 413 -44.84 -5.94 34.52
C PRO B 413 -43.43 -5.94 35.08
N ALA B 414 -43.31 -5.51 36.34
CA ALA B 414 -42.00 -5.43 37.01
C ALA B 414 -41.21 -6.73 36.88
N ALA B 415 -41.86 -7.88 37.12
CA ALA B 415 -41.16 -9.16 37.04
C ALA B 415 -40.61 -9.41 35.64
N GLU B 416 -41.31 -8.95 34.61
CA GLU B 416 -40.82 -9.18 33.25
C GLU B 416 -39.76 -8.17 32.85
N LYS B 417 -39.86 -6.93 33.34
CA LYS B 417 -38.80 -5.96 33.11
C LYS B 417 -37.47 -6.50 33.60
N ALA B 418 -37.47 -7.11 34.79
CA ALA B 418 -36.23 -7.60 35.38
C ALA B 418 -35.57 -8.62 34.48
N LYS B 419 -36.37 -9.42 33.77
CA LYS B 419 -35.83 -10.41 32.84
C LYS B 419 -35.30 -9.80 31.55
N ARG B 420 -35.70 -8.58 31.22
CA ARG B 420 -35.35 -7.98 29.94
C ARG B 420 -34.38 -6.81 30.07
N LEU B 421 -33.99 -6.44 31.29
CA LEU B 421 -33.12 -5.29 31.47
C LEU B 421 -31.69 -5.72 31.15
N SER B 422 -31.24 -5.35 29.96
CA SER B 422 -29.96 -5.87 29.48
C SER B 422 -29.41 -4.90 28.44
N VAL B 423 -28.15 -5.10 28.10
CA VAL B 423 -27.50 -4.47 26.96
C VAL B 423 -27.17 -5.57 25.97
N GLU B 424 -27.80 -5.53 24.78
CA GLU B 424 -27.66 -6.61 23.80
C GLU B 424 -27.22 -6.05 22.46
N VAL B 425 -26.72 -6.93 21.59
CA VAL B 425 -26.44 -6.55 20.21
C VAL B 425 -27.51 -7.13 19.28
N LEU B 426 -27.54 -6.65 18.04
CA LEU B 426 -28.48 -7.21 17.09
C LEU B 426 -28.01 -8.61 16.68
N PRO B 427 -28.94 -9.50 16.33
CA PRO B 427 -28.56 -10.83 15.86
C PRO B 427 -27.76 -10.79 14.56
N LYS B 428 -26.93 -11.82 14.38
CA LYS B 428 -26.01 -11.87 13.24
C LYS B 428 -26.76 -11.85 11.91
N LYS B 429 -27.95 -12.47 11.84
CA LYS B 429 -28.70 -12.47 10.56
C LYS B 429 -28.97 -11.04 10.09
N LEU B 430 -29.33 -10.12 11.01
CA LEU B 430 -29.52 -8.72 10.61
C LEU B 430 -28.21 -8.10 10.17
N ASP B 431 -27.13 -8.34 10.93
CA ASP B 431 -25.80 -7.83 10.58
C ASP B 431 -25.45 -8.23 9.14
N GLU B 432 -25.67 -9.51 8.81
CA GLU B 432 -25.37 -10.00 7.47
C GLU B 432 -26.26 -9.33 6.41
N GLU B 433 -27.53 -9.12 6.74
CA GLU B 433 -28.42 -8.54 5.72
C GLU B 433 -28.07 -7.08 5.44
N VAL B 434 -27.67 -6.34 6.48
CA VAL B 434 -27.13 -4.99 6.27
C VAL B 434 -25.88 -5.04 5.39
N ALA B 435 -24.97 -5.96 5.71
CA ALA B 435 -23.75 -6.11 4.92
C ALA B 435 -24.08 -6.40 3.45
N LEU B 436 -25.07 -7.26 3.20
CA LEU B 436 -25.37 -7.63 1.82
C LEU B 436 -25.83 -6.42 1.02
N GLU B 437 -26.65 -5.55 1.64
CA GLU B 437 -27.08 -4.34 0.94
C GLU B 437 -25.90 -3.39 0.69
N MET B 438 -24.95 -3.34 1.64
CA MET B 438 -23.74 -2.54 1.41
C MET B 438 -22.92 -3.10 0.24
N VAL B 439 -22.77 -4.41 0.18
CA VAL B 439 -22.00 -5.03 -0.90
C VAL B 439 -22.67 -4.80 -2.23
N LYS B 440 -24.00 -4.96 -2.29
CA LYS B 440 -24.71 -4.67 -3.53
C LYS B 440 -24.52 -3.22 -3.95
N GLY B 441 -24.35 -2.31 -2.97
CA GLY B 441 -24.17 -0.91 -3.30
C GLY B 441 -22.87 -0.63 -4.03
N PHE B 442 -21.85 -1.46 -3.78
CA PHE B 442 -20.59 -1.43 -4.53
C PHE B 442 -20.68 -2.17 -5.87
N GLY B 443 -21.79 -2.85 -6.13
CA GLY B 443 -21.87 -3.72 -7.27
C GLY B 443 -21.27 -5.08 -7.04
N GLY B 444 -20.92 -5.39 -5.79
CA GLY B 444 -20.43 -6.72 -5.48
C GLY B 444 -21.48 -7.80 -5.64
N VAL B 445 -21.02 -9.00 -6.01
CA VAL B 445 -21.89 -10.15 -6.19
C VAL B 445 -21.45 -11.24 -5.22
N VAL B 446 -22.29 -11.50 -4.23
CA VAL B 446 -22.07 -12.58 -3.27
C VAL B 446 -22.50 -13.90 -3.91
N THR B 447 -21.70 -14.94 -3.70
CA THR B 447 -22.00 -16.28 -4.17
C THR B 447 -22.99 -16.96 -3.23
N GLN B 448 -23.88 -17.77 -3.79
CA GLN B 448 -24.79 -18.60 -3.00
C GLN B 448 -24.22 -20.00 -2.83
N LEU B 449 -24.13 -20.47 -1.58
CA LEU B 449 -23.76 -21.86 -1.34
C LEU B 449 -24.70 -22.85 -2.04
N THR B 450 -24.13 -23.93 -2.58
CA THR B 450 -24.98 -25.05 -2.97
C THR B 450 -25.44 -25.78 -1.71
N PRO B 451 -26.52 -26.57 -1.81
CA PRO B 451 -26.90 -27.40 -0.65
C PRO B 451 -25.77 -28.28 -0.14
N LYS B 452 -24.98 -28.89 -1.03
CA LYS B 452 -23.89 -29.73 -0.58
C LYS B 452 -22.84 -28.92 0.20
N GLN B 453 -22.54 -27.71 -0.27
CA GLN B 453 -21.57 -26.88 0.42
C GLN B 453 -22.08 -26.40 1.77
N ALA B 454 -23.34 -26.00 1.83
CA ALA B 454 -23.92 -25.57 3.10
C ALA B 454 -23.91 -26.70 4.11
N GLU B 455 -24.23 -27.91 3.67
CA GLU B 455 -24.12 -29.08 4.55
C GLU B 455 -22.68 -29.31 4.99
N TYR B 456 -21.73 -29.12 4.07
CA TYR B 456 -20.33 -29.44 4.34
C TYR B 456 -19.74 -28.56 5.43
N ILE B 457 -20.03 -27.25 5.40
CA ILE B 457 -19.53 -26.38 6.46
C ILE B 457 -20.54 -26.19 7.57
N GLY B 458 -21.70 -26.80 7.47
CA GLY B 458 -22.69 -26.78 8.54
C GLY B 458 -23.40 -25.45 8.75
N VAL B 459 -23.81 -24.80 7.66
CA VAL B 459 -24.60 -23.58 7.77
C VAL B 459 -25.84 -23.72 6.88
N SER B 460 -26.82 -22.85 7.15
CA SER B 460 -27.95 -22.69 6.24
C SER B 460 -27.51 -21.88 5.02
N VAL B 461 -28.13 -22.17 3.87
CA VAL B 461 -27.80 -21.43 2.65
C VAL B 461 -28.03 -19.92 2.83
N GLU B 462 -29.06 -19.53 3.58
CA GLU B 462 -29.32 -18.11 3.80
C GLU B 462 -28.52 -17.52 4.96
N GLY B 463 -27.72 -18.31 5.66
CA GLY B 463 -26.99 -17.81 6.80
C GLY B 463 -27.80 -17.96 8.07
N PRO B 464 -27.25 -17.58 9.22
CA PRO B 464 -25.94 -16.93 9.40
C PRO B 464 -24.79 -17.87 9.01
N PHE B 465 -23.67 -17.29 8.58
CA PHE B 465 -22.57 -18.08 8.02
C PHE B 465 -21.46 -18.35 9.03
N LYS B 466 -21.50 -17.70 10.19
CA LYS B 466 -20.46 -17.75 11.20
C LYS B 466 -21.12 -17.90 12.56
N PRO B 467 -20.49 -18.60 13.50
CA PRO B 467 -21.00 -18.59 14.88
C PRO B 467 -20.83 -17.20 15.48
N ASP B 468 -21.55 -16.97 16.58
CA ASP B 468 -21.50 -15.66 17.21
C ASP B 468 -20.11 -15.33 17.74
N THR B 469 -19.26 -16.33 17.96
CA THR B 469 -17.91 -16.10 18.44
C THR B 469 -16.96 -15.58 17.37
N TYR B 470 -17.36 -15.60 16.09
CA TYR B 470 -16.40 -15.30 15.03
C TYR B 470 -16.00 -13.83 15.04
N ARG B 471 -14.73 -13.53 14.81
CA ARG B 471 -14.20 -12.18 15.00
C ARG B 471 -14.02 -11.39 13.70
N TYR B 472 -14.09 -12.04 12.55
CA TYR B 472 -13.86 -11.38 11.26
C TYR B 472 -12.52 -10.67 11.23
N PHE C 13 19.15 -45.85 18.18
CA PHE C 13 17.82 -45.29 17.97
C PHE C 13 17.37 -45.52 16.54
N THR C 14 16.27 -46.27 16.37
CA THR C 14 15.76 -46.60 15.04
C THR C 14 14.28 -46.30 14.90
N ASP C 15 13.66 -45.67 15.90
CA ASP C 15 12.21 -45.56 15.98
C ASP C 15 11.76 -44.28 15.27
N TYR C 16 11.94 -44.28 13.95
CA TYR C 16 11.59 -43.12 13.14
C TYR C 16 11.59 -43.53 11.69
N LYS C 17 11.07 -42.65 10.84
CA LYS C 17 11.33 -42.81 9.41
C LYS C 17 11.29 -41.44 8.78
N VAL C 18 12.41 -41.04 8.20
CA VAL C 18 12.54 -39.74 7.55
C VAL C 18 13.19 -39.98 6.19
N ALA C 19 13.20 -38.94 5.36
CA ALA C 19 13.75 -39.07 4.02
C ALA C 19 15.26 -39.30 4.07
N ASP C 20 15.97 -38.51 4.86
CA ASP C 20 17.43 -38.57 4.87
C ASP C 20 17.93 -38.06 6.22
N ILE C 21 18.32 -39.00 7.10
CA ILE C 21 18.83 -38.64 8.42
C ILE C 21 20.08 -37.75 8.33
N THR C 22 20.82 -37.77 7.22
CA THR C 22 22.03 -36.97 7.15
C THR C 22 21.73 -35.48 7.01
N LEU C 23 20.47 -35.09 6.80
CA LEU C 23 20.11 -33.68 6.84
C LEU C 23 20.01 -33.13 8.25
N ALA C 24 20.28 -33.94 9.28
CA ALA C 24 20.00 -33.53 10.66
C ALA C 24 20.80 -32.28 11.03
N ALA C 25 22.09 -32.27 10.73
CA ALA C 25 22.91 -31.10 11.05
C ALA C 25 22.31 -29.83 10.46
N TRP C 26 21.87 -29.89 9.20
CA TRP C 26 21.26 -28.73 8.56
C TRP C 26 19.99 -28.32 9.31
N GLY C 27 19.13 -29.29 9.61
CA GLY C 27 17.93 -28.96 10.37
C GLY C 27 18.25 -28.32 11.69
N ARG C 28 19.30 -28.80 12.37
CA ARG C 28 19.64 -28.25 13.68
C ARG C 28 20.13 -26.81 13.56
N ARG C 29 20.93 -26.49 12.54
CA ARG C 29 21.27 -25.08 12.34
C ARG C 29 20.01 -24.24 12.16
N GLU C 30 19.05 -24.74 11.38
CA GLU C 30 17.83 -23.95 11.17
C GLU C 30 16.96 -23.90 12.42
N LEU C 31 16.98 -24.95 13.25
CA LEU C 31 16.26 -24.89 14.53
C LEU C 31 16.86 -23.85 15.46
N ILE C 32 18.19 -23.75 15.50
CA ILE C 32 18.81 -22.74 16.36
C ILE C 32 18.45 -21.34 15.89
N ILE C 33 18.40 -21.12 14.56
CA ILE C 33 17.94 -19.82 14.06
C ILE C 33 16.50 -19.59 14.46
N ALA C 34 15.65 -20.59 14.27
CA ALA C 34 14.22 -20.42 14.53
C ALA C 34 13.95 -20.10 15.99
N GLU C 35 14.74 -20.68 16.92
CA GLU C 35 14.58 -20.35 18.32
C GLU C 35 14.72 -18.84 18.55
N SER C 36 15.67 -18.21 17.87
CA SER C 36 15.84 -16.77 18.02
C SER C 36 14.66 -15.99 17.43
N GLU C 37 13.84 -16.63 16.61
CA GLU C 37 12.70 -16.01 15.96
C GLU C 37 11.39 -16.30 16.70
N MET C 38 11.43 -17.05 17.80
CA MET C 38 10.20 -17.51 18.47
C MET C 38 10.26 -17.18 19.95
N PRO C 39 10.16 -15.88 20.28
CA PRO C 39 10.32 -15.46 21.68
C PRO C 39 9.20 -15.95 22.60
N ALA C 40 7.95 -16.01 22.16
CA ALA C 40 6.91 -16.50 23.07
C ALA C 40 7.16 -17.97 23.42
N LEU C 41 7.51 -18.77 22.43
CA LEU C 41 7.72 -20.19 22.68
C LEU C 41 8.98 -20.43 23.51
N MET C 42 10.09 -19.79 23.14
N MET C 42 10.10 -19.80 23.14
CA MET C 42 11.31 -19.86 23.94
CA MET C 42 11.29 -19.94 23.97
C MET C 42 11.05 -19.38 25.36
C MET C 42 11.10 -19.35 25.37
N GLY C 43 10.26 -18.32 25.52
CA GLY C 43 9.96 -17.84 26.86
C GLY C 43 9.24 -18.88 27.70
N LEU C 44 8.36 -19.67 27.06
CA LEU C 44 7.69 -20.75 27.80
C LEU C 44 8.68 -21.82 28.20
N ARG C 45 9.67 -22.14 27.35
CA ARG C 45 10.74 -23.03 27.77
C ARG C 45 11.39 -22.53 29.04
N ARG C 46 11.82 -21.27 29.06
CA ARG C 46 12.55 -20.78 30.22
C ARG C 46 11.66 -20.70 31.44
N LYS C 47 10.40 -20.36 31.24
CA LYS C 47 9.52 -20.11 32.37
C LYS C 47 9.06 -21.41 33.03
N TYR C 48 8.86 -22.46 32.24
CA TYR C 48 8.32 -23.70 32.75
C TYR C 48 9.35 -24.81 32.86
N ALA C 49 10.59 -24.56 32.44
CA ALA C 49 11.60 -25.62 32.50
C ALA C 49 11.77 -26.12 33.92
N GLY C 50 11.73 -25.22 34.89
CA GLY C 50 11.90 -25.63 36.27
C GLY C 50 10.76 -26.52 36.75
N GLN C 51 9.53 -26.15 36.42
CA GLN C 51 8.37 -26.89 36.92
C GLN C 51 8.23 -28.26 36.26
N GLN C 52 8.65 -28.43 35.01
CA GLN C 52 8.41 -29.63 34.25
C GLN C 52 6.91 -29.99 34.25
N PRO C 53 6.05 -29.09 33.74
CA PRO C 53 4.59 -29.32 33.81
C PRO C 53 4.13 -30.51 32.98
N LEU C 54 4.91 -30.94 32.00
CA LEU C 54 4.53 -32.07 31.14
C LEU C 54 5.26 -33.35 31.52
N LYS C 55 5.91 -33.39 32.68
CA LYS C 55 6.51 -34.64 33.15
C LYS C 55 5.42 -35.71 33.24
N GLY C 56 5.61 -36.80 32.52
CA GLY C 56 4.60 -37.85 32.46
C GLY C 56 3.69 -37.76 31.25
N ALA C 57 3.71 -36.63 30.52
CA ALA C 57 2.89 -36.53 29.32
C ALA C 57 3.47 -37.39 28.20
N LYS C 58 2.58 -38.04 27.47
CA LYS C 58 2.95 -38.87 26.32
C LYS C 58 2.06 -38.40 25.18
N ILE C 59 2.62 -37.56 24.31
CA ILE C 59 1.84 -36.78 23.34
C ILE C 59 1.97 -37.41 21.97
N LEU C 60 0.82 -37.73 21.37
CA LEU C 60 0.72 -38.03 19.95
C LEU C 60 0.52 -36.72 19.22
N GLY C 61 1.45 -36.36 18.34
CA GLY C 61 1.38 -35.10 17.61
C GLY C 61 1.24 -35.35 16.12
N CYS C 62 0.34 -34.58 15.48
CA CYS C 62 0.13 -34.67 14.03
C CYS C 62 0.00 -33.26 13.47
N ILE C 63 1.12 -32.70 13.02
CA ILE C 63 1.12 -31.38 12.43
C ILE C 63 2.36 -31.27 11.56
N HIS C 64 2.22 -30.55 10.43
CA HIS C 64 3.28 -30.31 9.47
C HIS C 64 4.67 -30.32 10.09
N MET C 65 5.52 -31.26 9.67
CA MET C 65 6.83 -31.46 10.28
C MET C 65 7.83 -30.47 9.66
N THR C 66 7.64 -29.20 10.03
CA THR C 66 8.50 -28.08 9.64
C THR C 66 9.53 -27.81 10.72
N ILE C 67 10.44 -26.88 10.41
CA ILE C 67 11.35 -26.35 11.42
C ILE C 67 10.56 -25.75 12.57
N GLN C 68 9.46 -25.04 12.26
CA GLN C 68 8.65 -24.42 13.30
C GLN C 68 8.10 -25.46 14.24
N THR C 69 7.57 -26.55 13.70
CA THR C 69 7.09 -27.65 14.53
C THR C 69 8.23 -28.31 15.32
N GLY C 70 9.45 -28.31 14.77
CA GLY C 70 10.57 -28.80 15.54
C GLY C 70 10.76 -28.02 16.83
N VAL C 71 10.59 -26.70 16.78
CA VAL C 71 10.81 -25.93 18.00
C VAL C 71 9.68 -26.19 18.98
N LEU C 72 8.47 -26.40 18.46
CA LEU C 72 7.33 -26.82 19.30
C LEU C 72 7.60 -28.18 19.95
N ILE C 73 8.02 -29.16 19.16
CA ILE C 73 8.28 -30.49 19.73
C ILE C 73 9.31 -30.39 20.83
N GLU C 74 10.42 -29.69 20.55
CA GLU C 74 11.49 -29.63 21.53
C GLU C 74 11.10 -28.82 22.76
N THR C 75 10.15 -27.90 22.63
CA THR C 75 9.62 -27.24 23.81
C THR C 75 8.82 -28.23 24.66
N LEU C 76 7.94 -29.01 24.05
CA LEU C 76 7.15 -29.97 24.82
C LEU C 76 8.07 -30.95 25.56
N VAL C 77 9.12 -31.42 24.87
CA VAL C 77 10.11 -32.31 25.47
C VAL C 77 10.88 -31.60 26.58
N ALA C 78 11.30 -30.35 26.34
CA ALA C 78 12.01 -29.60 27.37
C ALA C 78 11.16 -29.41 28.62
N LEU C 79 9.83 -29.47 28.51
CA LEU C 79 8.97 -29.31 29.67
C LEU C 79 8.59 -30.65 30.27
N GLY C 80 9.17 -31.75 29.79
CA GLY C 80 8.97 -33.04 30.41
C GLY C 80 8.26 -34.09 29.57
N ALA C 81 7.69 -33.74 28.42
CA ALA C 81 6.89 -34.69 27.68
C ALA C 81 7.74 -35.71 26.90
N GLU C 82 7.15 -36.88 26.64
CA GLU C 82 7.54 -37.72 25.52
C GLU C 82 6.53 -37.51 24.40
N VAL C 83 6.98 -37.65 23.15
CA VAL C 83 6.11 -37.44 22.00
C VAL C 83 6.37 -38.53 20.95
N ARG C 84 5.37 -38.74 20.07
CA ARG C 84 5.54 -39.49 18.83
C ARG C 84 4.84 -38.69 17.74
N TRP C 85 5.55 -38.35 16.66
CA TRP C 85 5.12 -37.28 15.77
C TRP C 85 4.94 -37.74 14.33
N SER C 86 3.98 -37.12 13.63
CA SER C 86 3.80 -37.30 12.20
C SER C 86 3.33 -35.98 11.61
N SER C 87 3.47 -35.84 10.29
CA SER C 87 2.94 -34.64 9.64
C SER C 87 1.44 -34.81 9.38
N CYS C 88 0.76 -33.68 9.25
CA CYS C 88 -0.65 -33.68 8.89
C CYS C 88 -0.89 -33.35 7.41
N ASN C 89 0.17 -33.35 6.58
CA ASN C 89 -0.01 -33.20 5.14
C ASN C 89 1.14 -33.88 4.40
N ILE C 90 0.84 -34.51 3.25
CA ILE C 90 1.85 -35.31 2.55
C ILE C 90 3.00 -34.47 2.01
N PHE C 91 2.82 -33.15 1.84
CA PHE C 91 3.83 -32.33 1.18
C PHE C 91 4.43 -31.28 2.11
N SER C 92 4.03 -31.23 3.37
CA SER C 92 4.38 -30.08 4.20
C SER C 92 5.66 -30.28 4.99
N THR C 93 6.15 -31.51 5.07
CA THR C 93 7.34 -31.77 5.89
C THR C 93 8.55 -31.07 5.27
N GLN C 94 9.39 -30.51 6.13
CA GLN C 94 10.73 -30.09 5.76
C GLN C 94 11.67 -31.22 6.18
N ASP C 95 12.24 -31.89 5.19
CA ASP C 95 13.02 -33.10 5.48
C ASP C 95 14.17 -32.84 6.45
N GLN C 96 14.76 -31.62 6.45
CA GLN C 96 15.85 -31.38 7.38
C GLN C 96 15.34 -31.20 8.81
N ALA C 97 14.11 -30.71 8.99
CA ALA C 97 13.51 -30.64 10.34
C ALA C 97 13.20 -32.03 10.88
N ALA C 98 12.55 -32.87 10.06
CA ALA C 98 12.30 -34.25 10.47
C ALA C 98 13.58 -34.96 10.87
N ALA C 99 14.65 -34.78 10.08
CA ALA C 99 15.91 -35.44 10.39
C ALA C 99 16.47 -34.95 11.72
N ALA C 100 16.38 -33.64 11.98
CA ALA C 100 16.95 -33.12 13.22
C ALA C 100 16.19 -33.68 14.44
N ILE C 101 14.87 -33.80 14.33
CA ILE C 101 14.10 -34.35 15.44
C ILE C 101 14.41 -35.83 15.63
N ALA C 102 14.49 -36.61 14.53
CA ALA C 102 14.86 -38.01 14.66
C ALA C 102 16.25 -38.15 15.28
N ALA C 103 17.19 -37.31 14.84
CA ALA C 103 18.56 -37.39 15.34
C ALA C 103 18.62 -37.05 16.82
N ALA C 104 17.69 -36.25 17.30
CA ALA C 104 17.59 -35.94 18.72
C ALA C 104 16.99 -37.09 19.53
N GLY C 105 16.69 -38.23 18.91
CA GLY C 105 16.13 -39.35 19.65
C GLY C 105 14.63 -39.28 19.87
N ILE C 106 13.91 -38.52 19.05
CA ILE C 106 12.48 -38.32 19.16
C ILE C 106 11.81 -39.06 18.03
N PRO C 107 10.83 -39.92 18.29
CA PRO C 107 10.18 -40.66 17.20
C PRO C 107 9.37 -39.72 16.31
N VAL C 108 9.66 -39.75 15.01
CA VAL C 108 8.93 -38.94 14.04
C VAL C 108 8.87 -39.74 12.75
N PHE C 109 7.73 -39.65 12.06
CA PHE C 109 7.47 -40.43 10.86
C PHE C 109 6.88 -39.45 9.86
N ALA C 110 7.73 -38.94 8.95
CA ALA C 110 7.36 -37.79 8.14
C ALA C 110 8.41 -37.49 7.09
N TRP C 111 7.97 -37.33 5.84
CA TRP C 111 8.85 -36.80 4.80
C TRP C 111 8.01 -36.03 3.79
N LYS C 112 8.68 -35.18 3.01
CA LYS C 112 8.02 -34.44 1.95
C LYS C 112 7.77 -35.37 0.77
N GLY C 113 6.54 -35.38 0.28
CA GLY C 113 6.20 -36.25 -0.85
C GLY C 113 5.69 -37.62 -0.47
N GLU C 114 5.05 -37.77 0.69
CA GLU C 114 4.39 -39.04 1.02
C GLU C 114 3.27 -39.35 0.03
N THR C 115 3.00 -40.63 -0.16
CA THR C 115 1.73 -41.05 -0.75
C THR C 115 0.65 -41.03 0.33
N GLU C 116 -0.62 -41.10 -0.11
CA GLU C 116 -1.71 -41.17 0.85
C GLU C 116 -1.54 -42.38 1.77
N GLU C 117 -1.12 -43.50 1.20
CA GLU C 117 -0.92 -44.71 1.97
C GLU C 117 0.19 -44.51 3.00
N GLU C 118 1.28 -43.87 2.59
CA GLU C 118 2.38 -43.62 3.52
C GLU C 118 1.98 -42.63 4.60
N TYR C 119 1.17 -41.63 4.24
CA TYR C 119 0.66 -40.69 5.22
C TYR C 119 -0.07 -41.40 6.35
N GLU C 120 -0.94 -42.33 6.00
CA GLU C 120 -1.69 -43.06 7.02
C GLU C 120 -0.77 -43.97 7.83
N TRP C 121 0.20 -44.59 7.16
CA TRP C 121 1.15 -45.44 7.87
C TRP C 121 1.93 -44.63 8.89
N CYS C 122 2.27 -43.38 8.55
CA CYS C 122 3.04 -42.53 9.46
C CYS C 122 2.25 -42.23 10.72
N ILE C 123 0.98 -41.87 10.58
CA ILE C 123 0.14 -41.64 11.76
C ILE C 123 0.07 -42.91 12.60
N GLU C 124 -0.05 -44.06 11.93
CA GLU C 124 -0.16 -45.33 12.63
C GLU C 124 1.11 -45.66 13.39
N GLN C 125 2.28 -45.23 12.88
CA GLN C 125 3.53 -45.45 13.60
C GLN C 125 3.62 -44.59 14.86
N THR C 126 2.96 -43.44 14.91
CA THR C 126 2.92 -42.73 16.18
C THR C 126 2.00 -43.45 17.15
N ILE C 127 0.87 -43.96 16.65
CA ILE C 127 -0.11 -44.57 17.53
C ILE C 127 0.44 -45.87 18.11
N LEU C 128 1.14 -46.66 17.31
CA LEU C 128 1.68 -47.94 17.74
C LEU C 128 3.14 -47.82 18.11
N LYS C 129 3.54 -48.40 19.23
CA LYS C 129 4.94 -48.56 19.55
C LYS C 129 5.20 -50.05 19.73
N ASP C 130 6.17 -50.58 18.98
CA ASP C 130 6.47 -52.01 18.99
C ASP C 130 5.20 -52.83 18.82
N GLY C 131 4.42 -52.48 17.79
CA GLY C 131 3.30 -53.30 17.38
C GLY C 131 2.08 -53.21 18.26
N GLN C 132 2.14 -52.44 19.34
CA GLN C 132 1.04 -52.29 20.27
C GLN C 132 0.74 -50.81 20.45
N PRO C 133 -0.48 -50.47 20.85
CA PRO C 133 -0.77 -49.06 21.14
C PRO C 133 0.18 -48.50 22.19
N TRP C 134 0.79 -47.36 21.85
CA TRP C 134 1.55 -46.61 22.83
C TRP C 134 0.64 -46.17 23.97
N ASP C 135 1.22 -46.02 25.17
CA ASP C 135 0.45 -45.55 26.31
C ASP C 135 0.32 -44.02 26.29
N ALA C 136 -0.22 -43.53 25.18
CA ALA C 136 -0.37 -42.10 24.98
C ALA C 136 -1.41 -41.55 25.94
N ASN C 137 -1.25 -40.29 26.33
CA ASN C 137 -2.23 -39.67 27.20
C ASN C 137 -2.56 -38.24 26.80
N MET C 138 -2.04 -37.75 25.68
CA MET C 138 -2.32 -36.41 25.16
C MET C 138 -2.27 -36.44 23.64
N VAL C 139 -3.04 -35.55 23.01
CA VAL C 139 -3.12 -35.45 21.55
C VAL C 139 -2.92 -34.00 21.13
N LEU C 140 -2.04 -33.77 20.16
CA LEU C 140 -1.89 -32.48 19.50
C LEU C 140 -2.17 -32.71 18.02
N ASP C 141 -3.18 -32.03 17.48
CA ASP C 141 -3.65 -32.30 16.12
C ASP C 141 -3.78 -31.01 15.31
N ASP C 142 -3.74 -31.15 13.97
CA ASP C 142 -3.85 -30.03 13.01
C ASP C 142 -4.68 -30.52 11.83
N GLY C 143 -5.99 -30.29 11.90
CA GLY C 143 -6.90 -30.73 10.85
C GLY C 143 -7.77 -31.89 11.25
N GLY C 144 -7.45 -32.59 12.34
CA GLY C 144 -8.35 -33.61 12.87
C GLY C 144 -8.18 -35.02 12.34
N ASP C 145 -7.19 -35.27 11.48
CA ASP C 145 -7.03 -36.64 10.96
C ASP C 145 -6.68 -37.61 12.09
N LEU C 146 -5.73 -37.23 12.95
CA LEU C 146 -5.32 -38.12 14.03
C LEU C 146 -6.45 -38.30 15.04
N THR C 147 -7.14 -37.20 15.38
CA THR C 147 -8.32 -37.27 16.25
C THR C 147 -9.34 -38.26 15.68
N GLU C 148 -9.60 -38.15 14.38
CA GLU C 148 -10.57 -39.05 13.75
C GLU C 148 -10.10 -40.50 13.81
N ILE C 149 -8.82 -40.75 13.51
CA ILE C 149 -8.33 -42.14 13.51
C ILE C 149 -8.44 -42.74 14.91
N LEU C 150 -8.12 -41.95 15.94
CA LEU C 150 -8.24 -42.48 17.31
C LEU C 150 -9.68 -42.83 17.65
N HIS C 151 -10.62 -41.94 17.30
CA HIS C 151 -12.02 -42.21 17.63
C HIS C 151 -12.56 -43.39 16.86
N LYS C 152 -12.20 -43.50 15.58
CA LYS C 152 -12.81 -44.54 14.76
C LYS C 152 -12.12 -45.89 14.94
N LYS C 153 -10.78 -45.91 14.95
CA LYS C 153 -10.03 -47.16 14.91
C LYS C 153 -9.44 -47.56 16.26
N TYR C 154 -9.11 -46.60 17.13
CA TYR C 154 -8.46 -46.92 18.41
C TYR C 154 -9.23 -46.30 19.59
N PRO C 155 -10.55 -46.52 19.66
CA PRO C 155 -11.33 -45.84 20.73
C PRO C 155 -10.87 -46.18 22.14
N GLN C 156 -10.35 -47.38 22.38
CA GLN C 156 -9.91 -47.70 23.73
C GLN C 156 -8.71 -46.85 24.15
N MET C 157 -7.85 -46.46 23.20
CA MET C 157 -6.74 -45.58 23.58
C MET C 157 -7.26 -44.27 24.15
N LEU C 158 -8.42 -43.80 23.69
CA LEU C 158 -8.96 -42.55 24.19
C LEU C 158 -9.31 -42.61 25.66
N GLU C 159 -9.45 -43.81 26.21
CA GLU C 159 -9.75 -43.96 27.63
C GLU C 159 -8.61 -43.46 28.51
N ARG C 160 -7.40 -43.32 27.97
CA ARG C 160 -6.25 -42.89 28.73
C ARG C 160 -5.79 -41.48 28.41
N ILE C 161 -6.45 -40.81 27.46
CA ILE C 161 -5.99 -39.53 26.96
C ILE C 161 -6.73 -38.42 27.70
N HIS C 162 -5.98 -37.43 28.17
CA HIS C 162 -6.57 -36.33 28.93
C HIS C 162 -7.14 -35.21 28.06
N GLY C 163 -6.67 -35.06 26.83
CA GLY C 163 -7.21 -34.00 26.00
C GLY C 163 -6.58 -33.97 24.62
N ILE C 164 -7.21 -33.17 23.76
CA ILE C 164 -6.78 -32.87 22.40
C ILE C 164 -6.58 -31.36 22.31
N THR C 165 -5.47 -30.93 21.71
CA THR C 165 -5.27 -29.52 21.39
C THR C 165 -5.22 -29.40 19.87
N GLU C 166 -6.20 -28.72 19.29
CA GLU C 166 -6.41 -28.68 17.85
C GLU C 166 -6.02 -27.32 17.30
N GLU C 167 -5.25 -27.34 16.21
CA GLU C 167 -4.54 -26.18 15.69
C GLU C 167 -5.41 -25.30 14.76
N THR C 168 -6.26 -25.90 13.94
CA THR C 168 -6.72 -25.16 12.77
C THR C 168 -8.24 -25.15 12.65
N THR C 169 -8.72 -24.21 11.80
CA THR C 169 -10.14 -23.95 11.70
C THR C 169 -10.92 -25.20 11.31
N THR C 170 -10.49 -25.87 10.23
CA THR C 170 -11.11 -27.13 9.81
C THR C 170 -11.16 -28.15 10.95
N GLY C 171 -10.05 -28.33 11.65
CA GLY C 171 -10.03 -29.32 12.72
C GLY C 171 -11.01 -28.99 13.84
N VAL C 172 -11.09 -27.71 14.18
CA VAL C 172 -12.05 -27.27 15.20
C VAL C 172 -13.46 -27.58 14.74
N HIS C 173 -13.77 -27.29 13.48
CA HIS C 173 -15.09 -27.62 12.95
C HIS C 173 -15.39 -29.10 13.18
N ARG C 174 -14.43 -29.98 12.87
CA ARG C 174 -14.66 -31.42 13.06
C ARG C 174 -14.88 -31.75 14.54
N LEU C 175 -14.15 -31.08 15.44
CA LEU C 175 -14.34 -31.31 16.88
C LEU C 175 -15.74 -30.94 17.33
N LEU C 176 -16.25 -29.80 16.84
CA LEU C 176 -17.57 -29.36 17.25
C LEU C 176 -18.66 -30.28 16.71
N ASP C 177 -18.47 -30.85 15.51
CA ASP C 177 -19.43 -31.83 15.00
CA ASP C 177 -19.45 -31.80 15.02
C ASP C 177 -19.48 -33.05 15.91
N MET C 178 -18.30 -33.51 16.37
CA MET C 178 -18.28 -34.65 17.29
C MET C 178 -18.91 -34.28 18.63
N LEU C 179 -18.66 -33.06 19.11
CA LEU C 179 -19.28 -32.64 20.37
C LEU C 179 -20.79 -32.61 20.24
N LYS C 180 -21.29 -31.98 19.17
CA LYS C 180 -22.73 -31.93 18.93
C LYS C 180 -23.33 -33.32 18.82
N ASN C 181 -22.62 -34.26 18.20
CA ASN C 181 -23.11 -35.62 17.99
C ASN C 181 -22.94 -36.52 19.21
N GLY C 182 -22.31 -36.03 20.28
CA GLY C 182 -22.05 -36.87 21.42
C GLY C 182 -21.01 -37.95 21.17
N THR C 183 -20.15 -37.77 20.18
CA THR C 183 -19.15 -38.78 19.85
C THR C 183 -17.73 -38.37 20.23
N LEU C 184 -17.51 -37.13 20.64
CA LEU C 184 -16.23 -36.72 21.20
C LEU C 184 -16.00 -37.37 22.57
N LYS C 185 -14.82 -37.99 22.76
CA LYS C 185 -14.56 -38.79 23.96
C LYS C 185 -13.66 -38.11 24.98
N VAL C 186 -12.95 -37.06 24.59
CA VAL C 186 -12.06 -36.35 25.53
C VAL C 186 -12.19 -34.86 25.30
N PRO C 187 -11.90 -34.06 26.32
CA PRO C 187 -11.99 -32.61 26.17
C PRO C 187 -10.91 -32.06 25.25
N ALA C 188 -11.19 -30.92 24.66
CA ALA C 188 -10.29 -30.33 23.70
C ALA C 188 -10.15 -28.83 23.92
N ILE C 189 -9.01 -28.30 23.53
CA ILE C 189 -8.83 -26.86 23.46
C ILE C 189 -8.74 -26.46 21.99
N ASN C 190 -9.60 -25.52 21.61
CA ASN C 190 -9.54 -24.84 20.33
C ASN C 190 -8.40 -23.81 20.42
N VAL C 191 -7.22 -24.20 19.93
CA VAL C 191 -6.08 -23.30 19.88
C VAL C 191 -6.25 -22.29 18.74
N ASN C 192 -6.92 -22.70 17.67
CA ASN C 192 -7.12 -21.80 16.51
C ASN C 192 -7.69 -20.45 16.94
N ASP C 193 -8.61 -20.46 17.89
CA ASP C 193 -9.34 -19.20 18.21
C ASP C 193 -8.71 -18.31 19.27
N SER C 194 -7.47 -18.58 19.63
CA SER C 194 -6.77 -17.55 20.42
C SER C 194 -6.56 -16.43 19.39
N VAL C 195 -6.57 -15.18 19.81
CA VAL C 195 -6.32 -14.11 18.84
C VAL C 195 -4.90 -14.21 18.32
N THR C 196 -3.94 -14.59 19.19
CA THR C 196 -2.55 -14.70 18.75
C THR C 196 -2.34 -15.91 17.88
N LYS C 197 -3.39 -16.69 17.65
CA LYS C 197 -3.34 -17.73 16.64
C LYS C 197 -4.13 -17.27 15.41
N SER C 198 -5.46 -17.29 15.50
CA SER C 198 -6.31 -16.99 14.35
C SER C 198 -5.94 -15.69 13.64
N LYS C 199 -5.72 -14.60 14.39
CA LYS C 199 -5.53 -13.30 13.75
C LYS C 199 -4.07 -12.95 13.59
N ASN C 200 -3.22 -13.97 13.55
CA ASN C 200 -1.78 -13.84 13.39
C ASN C 200 -1.39 -14.85 12.31
N ASP C 201 -1.32 -16.11 12.72
CA ASP C 201 -1.21 -17.28 11.85
C ASP C 201 -2.10 -17.25 10.60
N ASN C 202 -3.43 -17.39 10.76
CA ASN C 202 -4.32 -17.66 9.63
C ASN C 202 -4.27 -16.51 8.63
N LYS C 203 -4.14 -15.29 9.13
CA LYS C 203 -4.11 -14.11 8.25
C LYS C 203 -2.68 -13.79 7.84
N TYR C 204 -1.85 -13.35 8.81
CA TYR C 204 -0.52 -12.85 8.44
C TYR C 204 0.37 -13.96 7.91
N GLY C 205 0.19 -15.19 8.40
CA GLY C 205 1.01 -16.28 7.90
C GLY C 205 0.82 -16.49 6.42
N CYS C 206 -0.42 -16.46 5.97
CA CYS C 206 -0.72 -16.61 4.55
C CYS C 206 -0.27 -15.40 3.76
N ARG C 207 -0.31 -14.21 4.37
CA ARG C 207 0.23 -13.04 3.68
CA ARG C 207 0.23 -13.04 3.69
C ARG C 207 1.70 -13.24 3.36
N HIS C 208 2.44 -13.82 4.28
CA HIS C 208 3.87 -14.04 4.05
C HIS C 208 4.10 -15.16 3.06
N SER C 209 3.34 -16.26 3.17
CA SER C 209 3.75 -17.50 2.50
C SER C 209 2.99 -17.83 1.20
N LEU C 210 1.89 -17.16 0.88
CA LEU C 210 1.20 -17.49 -0.37
C LEU C 210 2.00 -17.00 -1.56
N ASN C 211 2.35 -15.71 -1.62
CA ASN C 211 3.16 -15.25 -2.75
CA ASN C 211 3.16 -15.24 -2.73
C ASN C 211 4.52 -15.95 -2.76
N ASP C 212 5.06 -16.28 -1.57
CA ASP C 212 6.29 -17.05 -1.45
C ASP C 212 6.19 -18.35 -2.25
N ALA C 213 5.14 -19.13 -1.99
CA ALA C 213 5.00 -20.43 -2.63
C ALA C 213 4.72 -20.30 -4.12
N ILE C 214 3.93 -19.30 -4.53
CA ILE C 214 3.68 -19.13 -5.96
C ILE C 214 4.99 -18.80 -6.68
N LYS C 215 5.81 -17.93 -6.09
CA LYS C 215 7.09 -17.59 -6.70
C LYS C 215 7.99 -18.82 -6.79
N ARG C 216 8.11 -19.58 -5.69
CA ARG C 216 9.02 -20.73 -5.73
C ARG C 216 8.57 -21.74 -6.79
N GLY C 217 7.27 -21.92 -6.92
CA GLY C 217 6.77 -22.93 -7.83
C GLY C 217 6.87 -22.55 -9.29
N THR C 218 6.57 -21.29 -9.61
CA THR C 218 6.47 -20.84 -11.00
C THR C 218 7.43 -19.73 -11.37
N ASP C 219 7.91 -18.95 -10.40
CA ASP C 219 8.68 -17.73 -10.63
C ASP C 219 7.93 -16.75 -11.52
N HIS C 220 6.61 -16.80 -11.50
CA HIS C 220 5.81 -15.86 -12.29
C HIS C 220 5.87 -14.47 -11.69
N LEU C 221 6.03 -13.48 -12.53
CA LEU C 221 5.63 -12.13 -12.14
C LEU C 221 4.17 -12.13 -11.71
N LEU C 222 3.88 -11.50 -10.57
CA LEU C 222 2.49 -11.34 -10.15
C LEU C 222 1.96 -9.95 -10.43
N SER C 223 2.79 -8.90 -10.37
CA SER C 223 2.34 -7.54 -10.61
C SER C 223 1.63 -7.44 -11.96
N GLY C 224 0.50 -6.74 -11.99
CA GLY C 224 -0.20 -6.45 -13.22
C GLY C 224 -1.15 -7.53 -13.69
N LYS C 225 -1.13 -8.70 -13.05
CA LYS C 225 -1.94 -9.85 -13.43
C LYS C 225 -3.18 -9.90 -12.59
N GLN C 226 -4.14 -10.72 -13.02
CA GLN C 226 -5.45 -10.76 -12.37
C GLN C 226 -5.56 -11.99 -11.50
N ALA C 227 -5.98 -11.81 -10.25
CA ALA C 227 -6.20 -12.92 -9.34
C ALA C 227 -7.66 -12.96 -8.91
N LEU C 228 -8.12 -14.17 -8.62
CA LEU C 228 -9.41 -14.40 -7.95
C LEU C 228 -9.15 -15.20 -6.69
N VAL C 229 -9.45 -14.61 -5.54
CA VAL C 229 -9.32 -15.30 -4.26
C VAL C 229 -10.71 -15.73 -3.85
N ILE C 230 -10.93 -17.03 -3.66
CA ILE C 230 -12.23 -17.53 -3.27
C ILE C 230 -12.22 -17.61 -1.74
N GLY C 231 -13.03 -16.78 -1.10
CA GLY C 231 -13.06 -16.74 0.35
C GLY C 231 -12.37 -15.50 0.89
N TYR C 232 -12.91 -14.99 2.00
CA TYR C 232 -12.35 -13.79 2.61
C TYR C 232 -12.52 -13.85 4.11
N GLY C 233 -12.34 -15.04 4.68
CA GLY C 233 -12.13 -15.21 6.10
C GLY C 233 -10.70 -14.84 6.43
N ASP C 234 -10.15 -15.42 7.50
CA ASP C 234 -8.81 -14.97 7.88
C ASP C 234 -7.77 -15.35 6.83
N VAL C 235 -7.86 -16.57 6.30
CA VAL C 235 -6.91 -17.01 5.29
C VAL C 235 -7.11 -16.24 3.99
N GLY C 236 -8.37 -16.02 3.59
CA GLY C 236 -8.62 -15.25 2.38
C GLY C 236 -8.19 -13.80 2.53
N LYS C 237 -8.31 -13.24 3.73
CA LYS C 237 -7.82 -11.89 3.95
C LYS C 237 -6.31 -11.81 3.77
N GLY C 238 -5.58 -12.72 4.41
CA GLY C 238 -4.13 -12.68 4.30
C GLY C 238 -3.68 -13.01 2.89
N SER C 239 -4.37 -13.94 2.24
CA SER C 239 -4.05 -14.34 0.88
C SER C 239 -4.25 -13.18 -0.09
N SER C 240 -5.38 -12.50 0.02
CA SER C 240 -5.66 -11.35 -0.83
C SER C 240 -4.57 -10.29 -0.67
N GLN C 241 -4.11 -10.06 0.55
CA GLN C 241 -3.09 -9.06 0.79
C GLN C 241 -1.74 -9.52 0.19
N SER C 242 -1.45 -10.81 0.34
CA SER C 242 -0.23 -11.40 -0.22
C SER C 242 -0.12 -11.08 -1.71
N LEU C 243 -1.25 -11.14 -2.40
CA LEU C 243 -1.27 -10.90 -3.85
C LEU C 243 -1.36 -9.41 -4.20
N ARG C 244 -2.22 -8.65 -3.50
CA ARG C 244 -2.36 -7.23 -3.81
C ARG C 244 -1.08 -6.46 -3.53
N GLN C 245 -0.34 -6.85 -2.48
CA GLN C 245 0.87 -6.11 -2.16
C GLN C 245 1.94 -6.32 -3.22
N GLU C 246 1.85 -7.40 -3.99
CA GLU C 246 2.72 -7.65 -5.12
C GLU C 246 2.27 -6.90 -6.37
N GLY C 247 1.14 -6.22 -6.31
CA GLY C 247 0.61 -5.53 -7.48
C GLY C 247 -0.39 -6.33 -8.32
N MET C 248 -0.91 -7.44 -7.81
CA MET C 248 -1.98 -8.13 -8.53
C MET C 248 -3.27 -7.30 -8.45
N ILE C 249 -4.09 -7.41 -9.50
CA ILE C 249 -5.46 -6.91 -9.50
C ILE C 249 -6.29 -8.04 -8.92
N VAL C 250 -6.67 -7.92 -7.65
CA VAL C 250 -7.30 -9.01 -6.91
C VAL C 250 -8.81 -8.81 -6.89
N LYS C 251 -9.53 -9.82 -7.32
CA LYS C 251 -10.97 -9.92 -7.08
C LYS C 251 -11.24 -10.97 -6.02
N VAL C 252 -12.34 -10.80 -5.28
CA VAL C 252 -12.63 -11.66 -4.14
C VAL C 252 -14.03 -12.24 -4.31
N ALA C 253 -14.18 -13.53 -4.06
CA ALA C 253 -15.50 -14.13 -3.97
C ALA C 253 -15.80 -14.53 -2.53
N GLU C 254 -17.08 -14.46 -2.16
CA GLU C 254 -17.51 -14.81 -0.81
C GLU C 254 -18.96 -15.24 -0.83
N VAL C 255 -19.33 -16.08 0.13
CA VAL C 255 -20.74 -16.35 0.43
C VAL C 255 -21.19 -15.56 1.66
N ASP C 256 -20.27 -15.04 2.45
CA ASP C 256 -20.66 -14.38 3.69
C ASP C 256 -20.68 -12.89 3.39
N PRO C 257 -21.83 -12.22 3.44
CA PRO C 257 -21.84 -10.79 3.05
C PRO C 257 -21.04 -9.89 3.96
N ILE C 258 -20.86 -10.25 5.24
CA ILE C 258 -20.04 -9.40 6.10
C ILE C 258 -18.58 -9.45 5.65
N CYS C 259 -18.06 -10.64 5.44
CA CYS C 259 -16.71 -10.75 4.88
C CYS C 259 -16.60 -10.07 3.53
N ALA C 260 -17.64 -10.17 2.70
CA ALA C 260 -17.63 -9.47 1.41
C ALA C 260 -17.58 -7.94 1.60
N MET C 261 -18.35 -7.41 2.56
N MET C 261 -18.36 -7.42 2.54
CA MET C 261 -18.28 -5.99 2.88
CA MET C 261 -18.27 -5.99 2.87
C MET C 261 -16.85 -5.58 3.23
C MET C 261 -16.85 -5.59 3.21
N GLN C 262 -16.17 -6.38 4.05
CA GLN C 262 -14.79 -6.09 4.40
C GLN C 262 -13.91 -6.08 3.15
N ALA C 263 -14.13 -7.02 2.22
CA ALA C 263 -13.32 -7.04 1.00
C ALA C 263 -13.52 -5.76 0.20
N CYS C 264 -14.78 -5.32 0.04
CA CYS C 264 -15.04 -4.07 -0.66
C CYS C 264 -14.30 -2.92 0.03
N MET C 265 -14.47 -2.79 1.35
CA MET C 265 -13.87 -1.68 2.06
C MET C 265 -12.35 -1.75 2.01
N ASP C 266 -11.81 -2.97 1.94
CA ASP C 266 -10.38 -3.14 1.78
C ASP C 266 -9.88 -2.86 0.37
N GLY C 267 -10.74 -2.48 -0.57
CA GLY C 267 -10.28 -2.10 -1.89
C GLY C 267 -10.33 -3.17 -2.95
N PHE C 268 -11.13 -4.20 -2.75
CA PHE C 268 -11.24 -5.29 -3.71
C PHE C 268 -12.63 -5.28 -4.37
N GLU C 269 -12.65 -5.70 -5.62
CA GLU C 269 -13.89 -5.94 -6.33
C GLU C 269 -14.40 -7.34 -5.93
N VAL C 270 -15.66 -7.42 -5.50
CA VAL C 270 -16.22 -8.69 -5.05
C VAL C 270 -17.02 -9.28 -6.21
N VAL C 271 -16.66 -10.49 -6.64
CA VAL C 271 -17.31 -11.09 -7.80
C VAL C 271 -17.67 -12.53 -7.47
N SER C 272 -18.53 -13.10 -8.31
CA SER C 272 -18.84 -14.53 -8.20
C SER C 272 -18.40 -15.29 -9.47
N PRO C 273 -17.87 -16.51 -9.35
CA PRO C 273 -17.66 -17.31 -10.56
C PRO C 273 -18.93 -17.54 -11.34
N TYR C 274 -20.09 -17.41 -10.68
CA TYR C 274 -21.38 -17.79 -11.25
C TYR C 274 -22.19 -16.55 -11.54
N LYS C 275 -22.94 -16.57 -12.64
CA LYS C 275 -23.82 -15.47 -12.97
C LYS C 275 -24.82 -15.22 -11.84
N ASN C 276 -24.86 -13.99 -11.35
CA ASN C 276 -25.70 -13.59 -10.21
C ASN C 276 -25.41 -14.39 -8.96
N GLY C 277 -24.24 -15.02 -8.87
CA GLY C 277 -23.90 -15.79 -7.71
C GLY C 277 -24.59 -17.15 -7.59
N ILE C 278 -25.33 -17.60 -8.60
CA ILE C 278 -26.14 -18.81 -8.50
C ILE C 278 -25.42 -19.94 -9.23
N ASN C 279 -24.99 -20.94 -8.47
CA ASN C 279 -24.21 -22.10 -8.90
C ASN C 279 -25.22 -23.24 -9.04
N ASP C 280 -25.85 -23.34 -10.22
CA ASP C 280 -26.86 -24.37 -10.48
C ASP C 280 -26.30 -25.62 -11.17
N GLY C 281 -24.99 -25.76 -11.29
CA GLY C 281 -24.39 -26.94 -11.86
C GLY C 281 -24.17 -26.92 -13.37
N THR C 282 -24.74 -25.96 -14.07
CA THR C 282 -24.60 -25.93 -15.53
C THR C 282 -23.40 -25.09 -15.93
N GLU C 283 -22.88 -25.39 -17.12
CA GLU C 283 -21.84 -24.53 -17.67
C GLU C 283 -22.36 -23.13 -17.93
N ALA C 284 -23.65 -23.02 -18.26
CA ALA C 284 -24.24 -21.71 -18.58
C ALA C 284 -24.18 -20.76 -17.38
N SER C 285 -24.16 -21.30 -16.16
CA SER C 285 -24.07 -20.46 -14.97
C SER C 285 -22.69 -19.85 -14.77
N ILE C 286 -21.67 -20.37 -15.44
CA ILE C 286 -20.31 -19.86 -15.27
C ILE C 286 -20.19 -18.49 -15.94
N ASP C 287 -19.60 -17.54 -15.23
CA ASP C 287 -19.24 -16.24 -15.82
C ASP C 287 -17.96 -16.45 -16.61
N ALA C 288 -18.13 -16.87 -17.86
CA ALA C 288 -16.97 -17.23 -18.67
C ALA C 288 -16.12 -16.01 -18.98
N ALA C 289 -16.73 -14.83 -19.06
CA ALA C 289 -15.94 -13.65 -19.38
C ALA C 289 -15.01 -13.31 -18.22
N LEU C 290 -15.53 -13.39 -17.00
CA LEU C 290 -14.72 -13.18 -15.81
C LEU C 290 -13.58 -14.20 -15.74
N LEU C 291 -13.91 -15.49 -15.81
CA LEU C 291 -12.91 -16.52 -15.59
C LEU C 291 -11.85 -16.52 -16.69
N GLY C 292 -12.24 -16.15 -17.92
CA GLY C 292 -11.32 -16.03 -19.06
C GLY C 292 -10.29 -14.94 -18.92
N LYS C 293 -10.40 -14.10 -17.89
CA LYS C 293 -9.43 -13.05 -17.65
C LYS C 293 -8.56 -13.33 -16.42
N ILE C 294 -8.78 -14.43 -15.71
CA ILE C 294 -8.10 -14.67 -14.43
C ILE C 294 -6.79 -15.42 -14.65
N ASP C 295 -5.69 -14.87 -14.11
CA ASP C 295 -4.38 -15.48 -14.24
C ASP C 295 -4.03 -16.40 -13.07
N LEU C 296 -4.73 -16.27 -11.95
CA LEU C 296 -4.40 -17.01 -10.74
C LEU C 296 -5.68 -17.17 -9.93
N ILE C 297 -6.00 -18.39 -9.52
CA ILE C 297 -7.12 -18.60 -8.60
C ILE C 297 -6.56 -19.27 -7.35
N VAL C 298 -6.97 -18.76 -6.18
CA VAL C 298 -6.54 -19.28 -4.88
C VAL C 298 -7.80 -19.58 -4.07
N THR C 299 -7.91 -20.80 -3.58
CA THR C 299 -9.05 -21.16 -2.72
C THR C 299 -8.63 -21.08 -1.26
N THR C 300 -9.52 -20.50 -0.41
CA THR C 300 -9.18 -20.23 0.99
C THR C 300 -10.29 -20.62 1.96
N THR C 301 -11.22 -21.49 1.57
CA THR C 301 -12.51 -21.50 2.25
C THR C 301 -12.64 -22.54 3.34
N GLY C 302 -11.92 -23.65 3.23
CA GLY C 302 -12.28 -24.82 4.02
C GLY C 302 -13.58 -25.47 3.59
N ASN C 303 -14.13 -25.10 2.42
CA ASN C 303 -15.33 -25.70 1.87
C ASN C 303 -14.95 -26.68 0.75
N VAL C 304 -15.97 -27.26 0.13
CA VAL C 304 -15.77 -28.29 -0.89
C VAL C 304 -16.13 -27.73 -2.26
N ASN C 305 -15.26 -27.99 -3.24
CA ASN C 305 -15.59 -27.75 -4.64
C ASN C 305 -15.91 -26.28 -4.94
N VAL C 306 -15.08 -25.38 -4.41
CA VAL C 306 -15.29 -23.96 -4.65
C VAL C 306 -14.55 -23.49 -5.89
N CYS C 307 -13.65 -24.32 -6.43
CA CYS C 307 -13.07 -24.13 -7.76
C CYS C 307 -13.44 -25.41 -8.50
N ASP C 308 -14.59 -25.40 -9.16
CA ASP C 308 -15.20 -26.63 -9.64
C ASP C 308 -14.82 -26.91 -11.10
N ALA C 309 -15.34 -28.02 -11.62
CA ALA C 309 -14.94 -28.47 -12.96
C ALA C 309 -15.28 -27.44 -14.02
N ASN C 310 -16.48 -26.84 -13.95
CA ASN C 310 -16.84 -25.87 -14.98
C ASN C 310 -16.00 -24.61 -14.88
N MET C 311 -15.67 -24.18 -13.67
CA MET C 311 -14.74 -23.06 -13.52
C MET C 311 -13.39 -23.39 -14.14
N LEU C 312 -12.87 -24.58 -13.85
CA LEU C 312 -11.57 -24.98 -14.42
C LEU C 312 -11.60 -25.00 -15.94
N LYS C 313 -12.73 -25.40 -16.53
CA LYS C 313 -12.83 -25.40 -17.98
C LYS C 313 -12.82 -23.98 -18.54
N ALA C 314 -13.33 -23.02 -17.78
CA ALA C 314 -13.50 -21.67 -18.27
C ALA C 314 -12.30 -20.78 -18.02
N LEU C 315 -11.37 -21.21 -17.17
CA LEU C 315 -10.24 -20.35 -16.80
C LEU C 315 -9.39 -20.01 -18.01
N LYS C 316 -8.82 -18.81 -17.96
CA LYS C 316 -7.83 -18.37 -18.92
C LYS C 316 -6.73 -19.40 -19.11
N LYS C 317 -6.33 -19.60 -20.36
CA LYS C 317 -5.19 -20.46 -20.64
C LYS C 317 -3.99 -20.06 -19.78
N ARG C 318 -3.30 -21.06 -19.23
CA ARG C 318 -2.06 -20.89 -18.48
C ARG C 318 -2.26 -20.18 -17.15
N ALA C 319 -3.50 -20.10 -16.68
CA ALA C 319 -3.73 -19.66 -15.31
C ALA C 319 -3.14 -20.64 -14.30
N VAL C 320 -2.74 -20.11 -13.16
CA VAL C 320 -2.30 -20.90 -12.01
C VAL C 320 -3.49 -21.18 -11.10
N VAL C 321 -3.56 -22.40 -10.58
CA VAL C 321 -4.62 -22.87 -9.70
C VAL C 321 -3.95 -23.37 -8.43
N CYS C 322 -4.38 -22.86 -7.26
CA CYS C 322 -3.85 -23.42 -6.03
C CYS C 322 -4.83 -23.25 -4.89
N ASN C 323 -4.52 -23.95 -3.81
CA ASN C 323 -5.38 -24.01 -2.66
C ASN C 323 -4.54 -23.81 -1.42
N ILE C 324 -5.01 -22.95 -0.52
CA ILE C 324 -4.34 -22.74 0.76
C ILE C 324 -5.25 -23.08 1.94
N GLY C 325 -6.46 -23.62 1.68
CA GLY C 325 -7.26 -24.25 2.73
C GLY C 325 -6.67 -25.59 3.15
N HIS C 326 -7.24 -26.18 4.20
CA HIS C 326 -6.60 -27.36 4.79
C HIS C 326 -6.61 -28.58 3.85
N PHE C 327 -7.67 -28.77 3.06
CA PHE C 327 -7.86 -30.00 2.31
C PHE C 327 -7.94 -29.72 0.82
N ASP C 328 -7.48 -30.69 0.01
CA ASP C 328 -7.37 -30.45 -1.43
C ASP C 328 -8.70 -30.53 -2.18
N ASN C 329 -9.76 -30.97 -1.54
CA ASN C 329 -11.04 -31.00 -2.23
C ASN C 329 -11.68 -29.58 -2.44
N GLU C 330 -10.99 -28.47 -2.13
CA GLU C 330 -11.49 -27.15 -2.50
C GLU C 330 -11.54 -27.00 -4.01
N ILE C 331 -10.56 -27.58 -4.71
CA ILE C 331 -10.49 -27.62 -6.17
C ILE C 331 -10.89 -29.02 -6.60
N ASP C 332 -11.65 -29.12 -7.69
CA ASP C 332 -12.03 -30.43 -8.22
C ASP C 332 -10.84 -31.02 -9.00
N THR C 333 -9.82 -31.44 -8.25
CA THR C 333 -8.68 -32.07 -8.89
C THR C 333 -9.01 -33.47 -9.41
N ALA C 334 -10.00 -34.14 -8.83
CA ALA C 334 -10.44 -35.43 -9.35
C ALA C 334 -10.92 -35.32 -10.79
N PHE C 335 -11.69 -34.29 -11.09
CA PHE C 335 -12.08 -34.02 -12.48
C PHE C 335 -10.85 -33.91 -13.37
N MET C 336 -9.84 -33.15 -12.93
CA MET C 336 -8.67 -32.98 -13.78
C MET C 336 -7.88 -34.27 -13.93
N ARG C 337 -7.84 -35.11 -12.89
CA ARG C 337 -7.19 -36.40 -13.05
C ARG C 337 -7.94 -37.28 -14.04
N LYS C 338 -9.26 -37.19 -14.06
CA LYS C 338 -10.07 -38.05 -14.93
C LYS C 338 -10.02 -37.63 -16.39
N ASN C 339 -9.86 -36.34 -16.68
CA ASN C 339 -10.11 -35.83 -18.02
C ASN C 339 -8.91 -35.21 -18.72
N TRP C 340 -7.90 -34.74 -18.00
CA TRP C 340 -6.82 -33.99 -18.61
C TRP C 340 -5.47 -34.65 -18.31
N ALA C 341 -4.48 -34.31 -19.12
CA ALA C 341 -3.15 -34.93 -19.02
C ALA C 341 -2.23 -34.08 -18.15
N TRP C 342 -1.59 -34.72 -17.18
CA TRP C 342 -0.71 -34.02 -16.25
C TRP C 342 0.75 -34.16 -16.72
N GLU C 343 1.43 -33.03 -16.81
CA GLU C 343 2.86 -32.97 -17.13
C GLU C 343 3.57 -32.36 -15.93
N GLU C 344 4.37 -33.14 -15.22
CA GLU C 344 5.09 -32.57 -14.10
C GLU C 344 6.16 -31.62 -14.61
N VAL C 345 6.16 -30.39 -14.09
CA VAL C 345 7.25 -29.48 -14.36
C VAL C 345 8.44 -29.80 -13.46
N LYS C 346 8.14 -29.88 -12.17
CA LYS C 346 9.05 -30.26 -11.10
C LYS C 346 8.17 -30.67 -9.94
N PRO C 347 8.73 -31.20 -8.84
CA PRO C 347 7.86 -31.66 -7.76
C PRO C 347 6.90 -30.57 -7.30
N GLN C 348 5.64 -30.95 -7.16
CA GLN C 348 4.56 -30.08 -6.72
C GLN C 348 4.21 -28.97 -7.70
N VAL C 349 4.61 -29.11 -8.97
CA VAL C 349 4.18 -28.18 -10.02
C VAL C 349 3.78 -29.01 -11.24
N HIS C 350 2.51 -28.94 -11.63
CA HIS C 350 2.06 -29.70 -12.79
C HIS C 350 1.37 -28.78 -13.79
N LYS C 351 1.69 -28.99 -15.07
CA LYS C 351 0.86 -28.44 -16.12
C LYS C 351 -0.26 -29.42 -16.41
N ILE C 352 -1.48 -28.93 -16.44
CA ILE C 352 -2.65 -29.76 -16.69
C ILE C 352 -3.19 -29.40 -18.07
N HIS C 353 -3.06 -30.33 -19.02
CA HIS C 353 -3.33 -30.05 -20.42
C HIS C 353 -4.80 -30.30 -20.71
N ARG C 354 -5.50 -29.26 -21.09
CA ARG C 354 -6.94 -29.32 -21.27
C ARG C 354 -7.32 -29.87 -22.63
N THR C 355 -6.32 -30.31 -23.39
CA THR C 355 -6.55 -30.84 -24.71
C THR C 355 -7.07 -32.28 -24.70
N GLY C 356 -6.94 -32.97 -23.58
CA GLY C 356 -7.36 -34.36 -23.53
C GLY C 356 -6.62 -35.09 -22.44
N LYS C 357 -7.00 -36.36 -22.29
CA LYS C 357 -6.57 -37.19 -21.16
C LYS C 357 -5.31 -37.98 -21.42
N ASP C 358 -5.18 -38.56 -22.61
CA ASP C 358 -4.12 -39.51 -22.90
C ASP C 358 -3.06 -38.80 -23.74
N GLY C 359 -1.99 -38.39 -23.09
CA GLY C 359 -0.91 -37.72 -23.78
C GLY C 359 -1.19 -36.24 -23.97
N PHE C 360 -0.13 -35.51 -24.29
CA PHE C 360 -0.20 -34.07 -24.51
C PHE C 360 0.91 -33.67 -25.47
N ASP C 361 0.71 -32.55 -26.13
CA ASP C 361 1.75 -31.91 -26.91
C ASP C 361 2.62 -31.07 -25.99
N ALA C 362 3.93 -31.32 -25.99
CA ALA C 362 4.84 -30.58 -25.09
C ALA C 362 4.80 -29.07 -25.32
N HIS C 363 4.30 -28.62 -26.47
CA HIS C 363 4.18 -27.21 -26.77
C HIS C 363 2.73 -26.72 -26.76
N ASN C 364 1.80 -27.54 -26.29
CA ASN C 364 0.42 -27.11 -26.13
C ASN C 364 0.35 -25.83 -25.31
N ASP C 365 -0.43 -24.86 -25.79
CA ASP C 365 -0.62 -23.62 -25.04
C ASP C 365 -1.84 -23.66 -24.13
N ASP C 366 -2.68 -24.69 -24.23
CA ASP C 366 -3.92 -24.73 -23.44
C ASP C 366 -3.73 -25.62 -22.23
N TYR C 367 -3.14 -25.07 -21.17
CA TYR C 367 -2.94 -25.80 -19.94
C TYR C 367 -3.15 -24.87 -18.76
N LEU C 368 -3.35 -25.47 -17.59
CA LEU C 368 -3.34 -24.76 -16.31
C LEU C 368 -2.13 -25.24 -15.52
N ILE C 369 -1.65 -24.42 -14.59
CA ILE C 369 -0.56 -24.84 -13.72
C ILE C 369 -1.16 -25.03 -12.34
N LEU C 370 -1.15 -26.26 -11.86
CA LEU C 370 -1.63 -26.62 -10.53
C LEU C 370 -0.45 -26.76 -9.59
N LEU C 371 -0.53 -26.11 -8.44
CA LEU C 371 0.52 -26.18 -7.43
C LEU C 371 0.16 -27.20 -6.34
N ALA C 372 1.16 -28.00 -5.94
CA ALA C 372 1.06 -28.93 -4.81
C ALA C 372 -0.10 -29.91 -4.98
N GLU C 373 -0.48 -30.19 -6.22
CA GLU C 373 -1.61 -31.08 -6.55
C GLU C 373 -2.87 -30.66 -5.79
N GLY C 374 -3.06 -29.36 -5.60
CA GLY C 374 -4.22 -28.87 -4.88
C GLY C 374 -4.10 -28.91 -3.36
N ARG C 375 -2.99 -29.40 -2.82
CA ARG C 375 -2.83 -29.40 -1.35
C ARG C 375 -2.31 -28.05 -0.89
N LEU C 376 -2.30 -27.84 0.44
CA LEU C 376 -1.91 -26.54 1.03
C LEU C 376 -0.67 -25.96 0.36
N VAL C 377 -0.84 -24.88 -0.41
CA VAL C 377 0.23 -24.49 -1.30
C VAL C 377 1.40 -23.86 -0.56
N ASN C 378 1.13 -23.14 0.53
CA ASN C 378 2.22 -22.46 1.21
C ASN C 378 3.20 -23.46 1.79
N LEU C 379 2.69 -24.54 2.36
CA LEU C 379 3.56 -25.60 2.89
C LEU C 379 4.07 -26.51 1.77
N GLY C 380 3.28 -26.70 0.71
CA GLY C 380 3.65 -27.61 -0.35
C GLY C 380 4.70 -27.07 -1.30
N ASN C 381 4.62 -25.78 -1.67
CA ASN C 381 5.59 -25.20 -2.59
C ASN C 381 6.58 -24.25 -1.92
N ALA C 382 6.44 -23.99 -0.62
CA ALA C 382 7.43 -23.22 0.11
C ALA C 382 7.61 -23.84 1.50
N THR C 383 7.65 -23.05 2.58
CA THR C 383 7.89 -23.59 3.91
C THR C 383 6.80 -23.17 4.90
N GLY C 384 5.61 -22.85 4.39
CA GLY C 384 4.53 -22.40 5.26
C GLY C 384 4.87 -21.09 5.95
N HIS C 385 4.24 -20.90 7.10
CA HIS C 385 4.38 -19.64 7.81
C HIS C 385 5.78 -19.52 8.41
N PRO C 386 6.25 -18.30 8.62
CA PRO C 386 7.57 -18.09 9.18
C PRO C 386 7.58 -18.29 10.70
N SER C 387 8.77 -18.60 11.20
CA SER C 387 8.96 -18.89 12.61
C SER C 387 8.32 -17.84 13.52
N ARG C 388 8.50 -16.54 13.22
CA ARG C 388 8.04 -15.50 14.13
C ARG C 388 6.50 -15.42 14.19
N ILE C 389 5.82 -15.90 13.15
CA ILE C 389 4.36 -16.02 13.20
C ILE C 389 3.94 -17.31 13.90
N MET C 390 4.54 -18.45 13.55
CA MET C 390 4.19 -19.70 14.21
C MET C 390 4.46 -19.64 15.71
N ASP C 391 5.37 -18.77 16.15
CA ASP C 391 5.60 -18.51 17.58
C ASP C 391 4.29 -18.36 18.34
N GLY C 392 3.38 -17.53 17.81
CA GLY C 392 2.13 -17.29 18.52
C GLY C 392 1.31 -18.55 18.61
N SER C 393 1.08 -19.20 17.48
CA SER C 393 0.28 -20.42 17.46
C SER C 393 0.84 -21.47 18.41
N PHE C 394 2.14 -21.66 18.40
CA PHE C 394 2.72 -22.79 19.11
C PHE C 394 2.90 -22.48 20.60
N ALA C 395 3.06 -21.20 20.96
CA ALA C 395 2.98 -20.87 22.40
C ALA C 395 1.61 -21.25 22.96
N ASN C 396 0.55 -20.94 22.20
CA ASN C 396 -0.78 -21.36 22.60
C ASN C 396 -0.89 -22.87 22.73
N GLN C 397 -0.33 -23.62 21.77
CA GLN C 397 -0.35 -25.07 21.85
C GLN C 397 0.27 -25.57 23.14
N VAL C 398 1.43 -25.03 23.51
CA VAL C 398 2.13 -25.50 24.71
C VAL C 398 1.29 -25.25 25.95
N LEU C 399 0.73 -24.04 26.04
CA LEU C 399 -0.10 -23.71 27.19
C LEU C 399 -1.31 -24.62 27.26
N ALA C 400 -1.93 -24.88 26.12
CA ALA C 400 -3.10 -25.77 26.07
C ALA C 400 -2.74 -27.19 26.46
N GLN C 401 -1.57 -27.69 26.01
CA GLN C 401 -1.15 -29.02 26.43
C GLN C 401 -0.92 -29.08 27.93
N ILE C 402 -0.27 -28.06 28.49
CA ILE C 402 -0.04 -28.03 29.94
C ILE C 402 -1.37 -28.08 30.68
N HIS C 403 -2.33 -27.27 30.24
CA HIS C 403 -3.61 -27.17 30.96
C HIS C 403 -4.38 -28.49 30.94
N LEU C 404 -4.58 -29.06 29.76
CA LEU C 404 -5.32 -30.33 29.72
C LEU C 404 -4.57 -31.45 30.42
N PHE C 405 -3.24 -31.51 30.27
CA PHE C 405 -2.52 -32.57 30.94
C PHE C 405 -2.65 -32.44 32.45
N GLU C 406 -2.61 -31.21 32.95
CA GLU C 406 -2.73 -31.00 34.40
C GLU C 406 -4.14 -31.27 34.92
N GLN C 407 -5.17 -31.10 34.10
CA GLN C 407 -6.54 -31.39 34.50
C GLN C 407 -6.82 -32.88 34.64
N LYS C 408 -6.05 -33.74 33.97
CA LYS C 408 -6.11 -35.19 34.18
C LYS C 408 -7.54 -35.75 34.01
N TYR C 409 -8.21 -35.34 32.93
CA TYR C 409 -9.57 -35.79 32.64
C TYR C 409 -9.69 -37.32 32.64
N ALA C 410 -8.70 -38.03 32.09
CA ALA C 410 -8.86 -39.48 31.98
C ALA C 410 -8.89 -40.16 33.34
N ASP C 411 -8.44 -39.48 34.39
CA ASP C 411 -8.46 -40.02 35.74
C ASP C 411 -9.69 -39.60 36.54
N LEU C 412 -10.60 -38.83 35.95
CA LEU C 412 -11.79 -38.41 36.67
C LEU C 412 -12.81 -39.55 36.76
N PRO C 413 -13.70 -39.50 37.76
CA PRO C 413 -14.82 -40.45 37.80
C PRO C 413 -15.76 -40.21 36.62
N ALA C 414 -16.48 -41.27 36.26
CA ALA C 414 -17.31 -41.24 35.05
C ALA C 414 -18.30 -40.08 35.08
N ALA C 415 -18.85 -39.76 36.25
CA ALA C 415 -19.79 -38.65 36.33
C ALA C 415 -19.08 -37.31 36.20
N GLU C 416 -17.90 -37.18 36.81
CA GLU C 416 -17.13 -35.94 36.70
C GLU C 416 -16.73 -35.66 35.26
N LYS C 417 -16.52 -36.71 34.47
CA LYS C 417 -16.12 -36.54 33.08
C LYS C 417 -17.19 -35.81 32.29
N ALA C 418 -18.47 -36.13 32.54
CA ALA C 418 -19.56 -35.51 31.80
C ALA C 418 -19.53 -34.00 31.90
N LYS C 419 -19.25 -33.46 33.09
CA LYS C 419 -19.15 -32.02 33.26
C LYS C 419 -17.92 -31.42 32.60
N ARG C 420 -16.89 -32.22 32.34
CA ARG C 420 -15.64 -31.70 31.80
C ARG C 420 -15.53 -31.81 30.28
N LEU C 421 -16.44 -32.53 29.63
CA LEU C 421 -16.32 -32.83 28.21
C LEU C 421 -16.71 -31.58 27.41
N SER C 422 -15.72 -30.79 27.01
CA SER C 422 -16.00 -29.53 26.36
C SER C 422 -14.87 -29.19 25.37
N VAL C 423 -15.15 -28.18 24.55
CA VAL C 423 -14.16 -27.56 23.68
C VAL C 423 -14.01 -26.11 24.16
N GLU C 424 -12.84 -25.78 24.69
CA GLU C 424 -12.61 -24.49 25.33
C GLU C 424 -11.52 -23.73 24.58
N VAL C 425 -11.46 -22.42 24.82
CA VAL C 425 -10.32 -21.63 24.40
C VAL C 425 -9.55 -21.23 25.65
N LEU C 426 -8.30 -20.83 25.45
CA LEU C 426 -7.50 -20.32 26.55
C LEU C 426 -8.03 -18.98 27.00
N PRO C 427 -7.89 -18.65 28.28
CA PRO C 427 -8.35 -17.36 28.76
C PRO C 427 -7.56 -16.22 28.15
N LYS C 428 -8.20 -15.04 28.13
CA LYS C 428 -7.65 -13.91 27.42
C LYS C 428 -6.32 -13.46 28.02
N LYS C 429 -6.14 -13.57 29.33
CA LYS C 429 -4.88 -13.16 29.90
C LYS C 429 -3.71 -13.92 29.28
N LEU C 430 -3.90 -15.21 29.02
CA LEU C 430 -2.79 -15.97 28.44
C LEU C 430 -2.56 -15.57 26.98
N ASP C 431 -3.65 -15.27 26.28
CA ASP C 431 -3.58 -14.75 24.92
C ASP C 431 -2.76 -13.46 24.88
N GLU C 432 -3.09 -12.53 25.79
CA GLU C 432 -2.36 -11.28 25.91
C GLU C 432 -0.89 -11.53 26.26
N GLU C 433 -0.61 -12.51 27.12
CA GLU C 433 0.79 -12.76 27.48
C GLU C 433 1.59 -13.29 26.29
N VAL C 434 1.00 -14.14 25.46
CA VAL C 434 1.66 -14.56 24.23
C VAL C 434 1.93 -13.35 23.35
N ALA C 435 0.89 -12.52 23.17
CA ALA C 435 1.04 -11.31 22.37
C ALA C 435 2.15 -10.41 22.89
N LEU C 436 2.27 -10.27 24.21
CA LEU C 436 3.29 -9.39 24.76
C LEU C 436 4.69 -9.85 24.35
N GLU C 437 4.94 -11.15 24.44
CA GLU C 437 6.26 -11.64 24.05
C GLU C 437 6.48 -11.45 22.55
N MET C 438 5.44 -11.59 21.75
CA MET C 438 5.59 -11.33 20.31
C MET C 438 5.98 -9.88 20.06
N VAL C 439 5.27 -8.96 20.71
CA VAL C 439 5.56 -7.54 20.56
C VAL C 439 6.99 -7.24 20.98
N LYS C 440 7.42 -7.81 22.10
CA LYS C 440 8.79 -7.60 22.54
C LYS C 440 9.78 -8.13 21.51
N GLY C 441 9.43 -9.21 20.80
CA GLY C 441 10.32 -9.72 19.76
C GLY C 441 10.56 -8.74 18.64
N PHE C 442 9.61 -7.84 18.40
CA PHE C 442 9.78 -6.79 17.40
C PHE C 442 10.47 -5.55 17.97
N GLY C 443 10.83 -5.55 19.26
CA GLY C 443 11.30 -4.34 19.90
C GLY C 443 10.19 -3.38 20.29
N GLY C 444 8.94 -3.80 20.19
CA GLY C 444 7.85 -2.91 20.53
C GLY C 444 7.74 -2.75 22.04
N VAL C 445 7.24 -1.59 22.45
CA VAL C 445 7.09 -1.25 23.87
C VAL C 445 5.61 -1.02 24.12
N VAL C 446 5.00 -1.91 24.92
CA VAL C 446 3.61 -1.73 25.35
C VAL C 446 3.58 -0.76 26.54
N THR C 447 2.64 0.18 26.51
CA THR C 447 2.49 1.19 27.54
C THR C 447 1.65 0.62 28.68
N GLN C 448 1.95 1.06 29.90
CA GLN C 448 1.21 0.60 31.07
C GLN C 448 0.19 1.66 31.45
N LEU C 449 -1.06 1.23 31.63
CA LEU C 449 -2.08 2.14 32.16
C LEU C 449 -1.71 2.68 33.53
N THR C 450 -2.08 3.94 33.79
CA THR C 450 -2.11 4.40 35.17
C THR C 450 -3.31 3.79 35.88
N PRO C 451 -3.29 3.73 37.22
CA PRO C 451 -4.50 3.30 37.93
C PRO C 451 -5.76 4.08 37.56
N LYS C 452 -5.65 5.41 37.46
CA LYS C 452 -6.80 6.23 37.07
C LYS C 452 -7.28 5.90 35.67
N GLN C 453 -6.35 5.68 34.74
CA GLN C 453 -6.77 5.34 33.37
C GLN C 453 -7.43 3.98 33.33
N ALA C 454 -6.90 3.01 34.10
CA ALA C 454 -7.54 1.70 34.12
C ALA C 454 -8.95 1.79 34.71
N GLU C 455 -9.11 2.54 35.81
CA GLU C 455 -10.44 2.79 36.36
C GLU C 455 -11.34 3.44 35.32
N TYR C 456 -10.82 4.45 34.61
CA TYR C 456 -11.63 5.21 33.65
C TYR C 456 -12.25 4.29 32.58
N ILE C 457 -11.49 3.34 32.03
CA ILE C 457 -12.02 2.46 30.99
C ILE C 457 -12.54 1.14 31.54
N GLY C 458 -12.46 0.91 32.85
CA GLY C 458 -13.04 -0.26 33.49
C GLY C 458 -12.27 -1.54 33.31
N VAL C 459 -10.94 -1.48 33.31
CA VAL C 459 -10.09 -2.65 33.24
C VAL C 459 -9.10 -2.60 34.39
N SER C 460 -8.48 -3.73 34.67
CA SER C 460 -7.34 -3.77 35.56
C SER C 460 -6.07 -3.37 34.82
N VAL C 461 -5.14 -2.71 35.52
CA VAL C 461 -3.85 -2.38 34.92
C VAL C 461 -3.19 -3.63 34.37
N GLU C 462 -3.44 -4.77 35.01
CA GLU C 462 -2.93 -6.07 34.62
C GLU C 462 -3.64 -6.64 33.40
N GLY C 463 -4.78 -6.08 33.02
CA GLY C 463 -5.59 -6.71 32.02
C GLY C 463 -6.36 -7.87 32.63
N PRO C 464 -7.16 -8.59 31.84
CA PRO C 464 -7.35 -8.41 30.39
C PRO C 464 -7.94 -7.07 30.01
N PHE C 465 -7.56 -6.58 28.83
CA PHE C 465 -7.92 -5.22 28.43
C PHE C 465 -9.21 -5.16 27.63
N LYS C 466 -9.77 -6.29 27.24
CA LYS C 466 -10.98 -6.35 26.43
C LYS C 466 -11.90 -7.43 26.98
N PRO C 467 -13.21 -7.25 26.84
CA PRO C 467 -14.11 -8.36 27.16
C PRO C 467 -13.95 -9.47 26.15
N ASP C 468 -14.44 -10.66 26.53
CA ASP C 468 -14.31 -11.81 25.65
C ASP C 468 -15.04 -11.63 24.32
N THR C 469 -16.01 -10.73 24.25
CA THR C 469 -16.74 -10.45 23.01
C THR C 469 -15.94 -9.65 22.01
N TYR C 470 -14.82 -9.07 22.42
CA TYR C 470 -14.15 -8.11 21.54
C TYR C 470 -13.55 -8.83 20.34
N ARG C 471 -13.62 -8.19 19.17
CA ARG C 471 -13.25 -8.88 17.95
C ARG C 471 -11.90 -8.49 17.37
N TYR C 472 -11.27 -7.44 17.88
CA TYR C 472 -9.97 -6.95 17.36
C TYR C 472 -10.05 -6.68 15.85
N ALA D 11 24.49 -34.72 -30.49
CA ALA D 11 25.10 -35.95 -31.01
C ALA D 11 26.57 -35.73 -31.33
N GLY D 12 27.44 -36.01 -30.36
CA GLY D 12 28.84 -35.68 -30.48
C GLY D 12 29.22 -34.35 -29.88
N PHE D 13 28.27 -33.63 -29.28
CA PHE D 13 28.50 -32.27 -28.81
C PHE D 13 29.12 -32.31 -27.41
N THR D 14 30.33 -31.76 -27.29
CA THR D 14 31.02 -31.71 -26.01
C THR D 14 31.48 -30.31 -25.64
N ASP D 15 31.12 -29.30 -26.44
CA ASP D 15 31.70 -27.97 -26.33
C ASP D 15 30.90 -27.16 -25.30
N TYR D 16 30.92 -27.62 -24.05
CA TYR D 16 30.21 -26.95 -22.97
C TYR D 16 30.79 -27.44 -21.65
N LYS D 17 30.36 -26.81 -20.55
CA LYS D 17 30.65 -27.34 -19.23
C LYS D 17 29.53 -26.86 -18.31
N VAL D 18 28.72 -27.78 -17.79
CA VAL D 18 27.61 -27.43 -16.91
C VAL D 18 27.64 -28.36 -15.70
N ALA D 19 26.80 -28.05 -14.70
CA ALA D 19 26.83 -28.87 -13.49
C ALA D 19 26.34 -30.28 -13.76
N ASP D 20 25.30 -30.42 -14.58
CA ASP D 20 24.61 -31.70 -14.72
C ASP D 20 23.71 -31.65 -15.95
N ILE D 21 24.17 -32.26 -17.05
CA ILE D 21 23.43 -32.23 -18.31
C ILE D 21 22.08 -32.91 -18.20
N THR D 22 21.91 -33.82 -17.23
CA THR D 22 20.64 -34.55 -17.12
C THR D 22 19.51 -33.67 -16.60
N LEU D 23 19.78 -32.41 -16.24
CA LEU D 23 18.75 -31.48 -15.84
C LEU D 23 18.12 -30.77 -17.05
N ALA D 24 18.53 -31.17 -18.26
CA ALA D 24 18.11 -30.45 -19.47
C ALA D 24 16.61 -30.52 -19.71
N ALA D 25 16.01 -31.71 -19.56
CA ALA D 25 14.57 -31.83 -19.80
C ALA D 25 13.78 -30.91 -18.89
N TRP D 26 14.17 -30.84 -17.62
CA TRP D 26 13.56 -29.89 -16.67
C TRP D 26 13.72 -28.46 -17.16
N GLY D 27 14.95 -28.08 -17.51
CA GLY D 27 15.17 -26.75 -18.04
C GLY D 27 14.32 -26.46 -19.26
N ARG D 28 14.18 -27.45 -20.15
CA ARG D 28 13.40 -27.26 -21.36
C ARG D 28 11.93 -27.03 -21.02
N ARG D 29 11.40 -27.76 -20.02
CA ARG D 29 10.04 -27.49 -19.58
C ARG D 29 9.90 -26.06 -19.07
N GLU D 30 10.90 -25.59 -18.31
CA GLU D 30 10.80 -24.23 -17.80
C GLU D 30 10.99 -23.18 -18.90
N LEU D 31 11.79 -23.49 -19.91
CA LEU D 31 11.95 -22.57 -21.03
C LEU D 31 10.63 -22.41 -21.79
N ILE D 32 9.89 -23.51 -21.97
CA ILE D 32 8.63 -23.46 -22.70
C ILE D 32 7.61 -22.64 -21.92
N ILE D 33 7.59 -22.77 -20.60
CA ILE D 33 6.77 -21.86 -19.79
C ILE D 33 7.25 -20.41 -19.92
N ALA D 34 8.56 -20.19 -19.86
CA ALA D 34 9.10 -18.82 -19.93
C ALA D 34 8.75 -18.15 -21.26
N GLU D 35 8.80 -18.91 -22.36
CA GLU D 35 8.37 -18.39 -23.65
C GLU D 35 6.96 -17.79 -23.59
N SER D 36 6.03 -18.45 -22.86
CA SER D 36 4.68 -17.91 -22.75
C SER D 36 4.66 -16.66 -21.89
N GLU D 37 5.70 -16.44 -21.09
CA GLU D 37 5.79 -15.24 -20.27
C GLU D 37 6.59 -14.12 -20.89
N MET D 38 7.12 -14.29 -22.11
CA MET D 38 8.02 -13.31 -22.70
C MET D 38 7.50 -12.95 -24.09
N PRO D 39 6.35 -12.25 -24.16
CA PRO D 39 5.75 -11.97 -25.48
C PRO D 39 6.58 -11.04 -26.34
N ALA D 40 7.33 -10.09 -25.77
CA ALA D 40 8.12 -9.19 -26.61
C ALA D 40 9.26 -9.95 -27.28
N LEU D 41 9.92 -10.82 -26.53
CA LEU D 41 11.02 -11.62 -27.08
C LEU D 41 10.49 -12.63 -28.10
N MET D 42 9.42 -13.34 -27.77
N MET D 42 9.41 -13.33 -27.78
CA MET D 42 8.76 -14.24 -28.71
CA MET D 42 8.83 -14.26 -28.75
C MET D 42 8.31 -13.50 -29.96
C MET D 42 8.25 -13.53 -29.96
N GLY D 43 7.75 -12.30 -29.79
CA GLY D 43 7.32 -11.53 -30.94
C GLY D 43 8.48 -11.21 -31.87
N LEU D 44 9.64 -10.89 -31.30
CA LEU D 44 10.83 -10.68 -32.13
C LEU D 44 11.22 -11.94 -32.90
N ARG D 45 11.12 -13.12 -32.27
CA ARG D 45 11.36 -14.37 -33.01
C ARG D 45 10.44 -14.49 -34.22
N ARG D 46 9.14 -14.31 -34.01
CA ARG D 46 8.22 -14.44 -35.13
C ARG D 46 8.49 -13.38 -36.18
N LYS D 47 8.74 -12.15 -35.75
CA LYS D 47 8.89 -11.07 -36.71
C LYS D 47 10.12 -11.25 -37.59
N TYR D 48 11.22 -11.73 -37.02
CA TYR D 48 12.49 -11.67 -37.71
C TYR D 48 13.02 -13.03 -38.18
N ALA D 49 12.30 -14.12 -37.89
CA ALA D 49 12.81 -15.45 -38.21
C ALA D 49 13.05 -15.60 -39.70
N GLY D 50 12.13 -15.10 -40.51
CA GLY D 50 12.29 -15.21 -41.96
C GLY D 50 13.46 -14.39 -42.48
N GLN D 51 13.65 -13.19 -41.93
CA GLN D 51 14.72 -12.31 -42.42
C GLN D 51 16.11 -12.74 -41.95
N GLN D 52 16.22 -13.49 -40.85
CA GLN D 52 17.51 -13.88 -40.30
C GLN D 52 18.48 -12.71 -40.17
N PRO D 53 18.14 -11.66 -39.42
CA PRO D 53 19.03 -10.49 -39.33
C PRO D 53 20.36 -10.77 -38.67
N LEU D 54 20.46 -11.84 -37.89
CA LEU D 54 21.70 -12.18 -37.21
C LEU D 54 22.46 -13.31 -37.90
N LYS D 55 22.10 -13.65 -39.13
CA LYS D 55 22.87 -14.63 -39.89
C LYS D 55 24.29 -14.14 -40.05
N GLY D 56 25.25 -14.95 -39.61
CA GLY D 56 26.64 -14.54 -39.62
C GLY D 56 27.11 -13.88 -38.35
N ALA D 57 26.20 -13.54 -37.43
CA ALA D 57 26.63 -13.02 -36.14
C ALA D 57 27.20 -14.14 -35.29
N LYS D 58 28.28 -13.82 -34.58
CA LYS D 58 28.94 -14.77 -33.67
C LYS D 58 29.11 -14.00 -32.37
N ILE D 59 28.25 -14.29 -31.38
CA ILE D 59 28.09 -13.44 -30.19
C ILE D 59 28.75 -14.11 -28.99
N LEU D 60 29.71 -13.40 -28.39
CA LEU D 60 30.17 -13.74 -27.04
C LEU D 60 29.18 -13.17 -26.03
N GLY D 61 28.55 -14.04 -25.25
N GLY D 61 28.55 -14.04 -25.26
CA GLY D 61 27.57 -13.60 -24.26
CA GLY D 61 27.59 -13.59 -24.28
C GLY D 61 28.08 -13.89 -22.86
C GLY D 61 28.00 -13.90 -22.86
N CYS D 62 28.01 -12.88 -21.99
CA CYS D 62 28.33 -13.06 -20.57
C CYS D 62 27.20 -12.43 -19.74
N ILE D 63 26.25 -13.25 -19.31
CA ILE D 63 25.13 -12.79 -18.48
C ILE D 63 24.56 -14.00 -17.75
N HIS D 64 24.17 -13.79 -16.49
CA HIS D 64 23.49 -14.77 -15.64
C HIS D 64 22.77 -15.88 -16.41
N MET D 65 23.22 -17.12 -16.28
CA MET D 65 22.71 -18.22 -17.12
C MET D 65 21.44 -18.80 -16.47
N THR D 66 20.38 -17.97 -16.50
CA THR D 66 19.05 -18.29 -16.00
C THR D 66 18.17 -18.80 -17.13
N ILE D 67 16.97 -19.26 -16.74
CA ILE D 67 15.94 -19.62 -17.72
C ILE D 67 15.64 -18.44 -18.64
N GLN D 68 15.62 -17.22 -18.09
CA GLN D 68 15.33 -16.04 -18.90
C GLN D 68 16.42 -15.80 -19.92
N THR D 69 17.67 -15.94 -19.51
CA THR D 69 18.78 -15.83 -20.46
C THR D 69 18.71 -16.93 -21.50
N GLY D 70 18.20 -18.11 -21.11
CA GLY D 70 18.00 -19.17 -22.08
C GLY D 70 17.07 -18.78 -23.22
N VAL D 71 15.98 -18.07 -22.90
CA VAL D 71 15.06 -17.63 -23.96
C VAL D 71 15.72 -16.57 -24.82
N LEU D 72 16.51 -15.68 -24.21
CA LEU D 72 17.29 -14.71 -24.97
C LEU D 72 18.22 -15.43 -25.95
N ILE D 73 18.97 -16.40 -25.46
CA ILE D 73 19.96 -17.11 -26.29
C ILE D 73 19.26 -17.76 -27.48
N GLU D 74 18.15 -18.47 -27.23
CA GLU D 74 17.50 -19.15 -28.34
C GLU D 74 16.81 -18.18 -29.28
N THR D 75 16.48 -16.96 -28.83
CA THR D 75 16.01 -15.93 -29.75
C THR D 75 17.13 -15.48 -30.67
N LEU D 76 18.31 -15.20 -30.09
CA LEU D 76 19.46 -14.82 -30.90
C LEU D 76 19.75 -15.90 -31.94
N VAL D 77 19.74 -17.16 -31.50
CA VAL D 77 20.03 -18.29 -32.38
C VAL D 77 18.95 -18.45 -33.45
N ALA D 78 17.69 -18.26 -33.06
CA ALA D 78 16.61 -18.35 -34.03
C ALA D 78 16.68 -17.24 -35.06
N LEU D 79 17.34 -16.12 -34.77
CA LEU D 79 17.50 -15.06 -35.74
C LEU D 79 18.76 -15.22 -36.58
N GLY D 80 19.49 -16.32 -36.42
CA GLY D 80 20.65 -16.65 -37.23
C GLY D 80 21.99 -16.64 -36.50
N ALA D 81 22.06 -16.17 -35.27
CA ALA D 81 23.35 -16.05 -34.60
C ALA D 81 23.92 -17.41 -34.20
N GLU D 82 25.25 -17.47 -34.08
CA GLU D 82 25.92 -18.45 -33.23
C GLU D 82 26.41 -17.75 -31.97
N VAL D 83 26.48 -18.46 -30.84
CA VAL D 83 26.88 -17.83 -29.59
C VAL D 83 27.82 -18.77 -28.84
N ARG D 84 28.59 -18.19 -27.91
CA ARG D 84 29.28 -18.93 -26.86
C ARG D 84 29.05 -18.16 -25.59
N TRP D 85 28.60 -18.86 -24.54
CA TRP D 85 28.00 -18.20 -23.39
C TRP D 85 28.67 -18.57 -22.07
N SER D 86 28.67 -17.61 -21.16
CA SER D 86 29.06 -17.80 -19.77
C SER D 86 28.17 -16.92 -18.90
N SER D 87 28.15 -17.22 -17.61
CA SER D 87 27.45 -16.39 -16.64
C SER D 87 28.32 -15.22 -16.24
N CYS D 88 27.68 -14.13 -15.80
CA CYS D 88 28.43 -12.99 -15.27
C CYS D 88 28.47 -12.98 -13.74
N ASN D 89 28.10 -14.09 -13.09
CA ASN D 89 28.20 -14.18 -11.64
C ASN D 89 28.32 -15.65 -11.22
N ILE D 90 29.08 -15.89 -10.15
CA ILE D 90 29.41 -17.24 -9.74
C ILE D 90 28.20 -17.98 -9.16
N PHE D 91 27.20 -17.25 -8.70
CA PHE D 91 26.04 -17.85 -8.02
C PHE D 91 24.74 -17.74 -8.80
N SER D 92 24.73 -17.10 -9.97
CA SER D 92 23.45 -16.74 -10.57
C SER D 92 22.93 -17.76 -11.57
N THR D 93 23.74 -18.71 -12.01
CA THR D 93 23.26 -19.67 -12.99
C THR D 93 22.14 -20.53 -12.39
N GLN D 94 21.16 -20.88 -13.20
CA GLN D 94 20.24 -21.95 -12.86
C GLN D 94 20.69 -23.18 -13.64
N ASP D 95 21.10 -24.24 -12.93
CA ASP D 95 21.78 -25.35 -13.59
C ASP D 95 20.90 -26.04 -14.62
N GLN D 96 19.57 -26.04 -14.41
CA GLN D 96 18.70 -26.66 -15.41
C GLN D 96 18.62 -25.82 -16.68
N ALA D 97 18.77 -24.48 -16.56
CA ALA D 97 18.81 -23.62 -17.73
C ALA D 97 20.09 -23.86 -18.52
N ALA D 98 21.23 -23.89 -17.83
CA ALA D 98 22.49 -24.16 -18.50
C ALA D 98 22.48 -25.53 -19.18
N ALA D 99 21.85 -26.53 -18.55
CA ALA D 99 21.79 -27.85 -19.17
C ALA D 99 20.92 -27.85 -20.42
N ALA D 100 19.75 -27.20 -20.36
CA ALA D 100 18.89 -27.17 -21.54
C ALA D 100 19.58 -26.53 -22.73
N ILE D 101 20.39 -25.49 -22.48
CA ILE D 101 21.11 -24.80 -23.54
C ILE D 101 22.24 -25.68 -24.08
N ALA D 102 23.03 -26.30 -23.19
CA ALA D 102 24.05 -27.22 -23.67
C ALA D 102 23.44 -28.38 -24.47
N ALA D 103 22.30 -28.89 -24.03
CA ALA D 103 21.71 -30.04 -24.69
C ALA D 103 21.20 -29.67 -26.07
N ALA D 104 20.90 -28.40 -26.29
CA ALA D 104 20.49 -27.87 -27.58
C ALA D 104 21.66 -27.68 -28.52
N GLY D 105 22.87 -28.02 -28.10
CA GLY D 105 24.03 -27.87 -28.97
C GLY D 105 24.65 -26.49 -28.98
N ILE D 106 24.44 -25.72 -27.92
CA ILE D 106 24.93 -24.35 -27.80
C ILE D 106 26.05 -24.34 -26.78
N PRO D 107 27.23 -23.81 -27.11
CA PRO D 107 28.32 -23.74 -26.11
C PRO D 107 27.98 -22.83 -24.93
N VAL D 108 27.95 -23.42 -23.74
CA VAL D 108 27.67 -22.69 -22.51
C VAL D 108 28.59 -23.24 -21.43
N PHE D 109 29.17 -22.35 -20.65
CA PHE D 109 30.14 -22.73 -19.61
C PHE D 109 29.64 -22.00 -18.36
N ALA D 110 28.84 -22.69 -17.52
CA ALA D 110 28.20 -22.00 -16.42
C ALA D 110 27.59 -23.01 -15.45
N TRP D 111 27.81 -22.77 -14.14
CA TRP D 111 27.10 -23.51 -13.10
C TRP D 111 26.96 -22.65 -11.85
N LYS D 112 25.98 -23.01 -11.02
CA LYS D 112 25.79 -22.30 -9.78
C LYS D 112 26.86 -22.72 -8.79
N GLY D 113 27.50 -21.74 -8.15
CA GLY D 113 28.55 -22.07 -7.20
C GLY D 113 29.95 -22.19 -7.76
N GLU D 114 30.28 -21.46 -8.82
CA GLU D 114 31.64 -21.41 -9.35
C GLU D 114 32.59 -20.79 -8.33
N THR D 115 33.85 -21.24 -8.33
CA THR D 115 34.91 -20.46 -7.70
C THR D 115 35.31 -19.30 -8.62
N GLU D 116 36.12 -18.38 -8.09
CA GLU D 116 36.55 -17.27 -8.93
C GLU D 116 37.42 -17.75 -10.09
N GLU D 117 38.28 -18.74 -9.83
CA GLU D 117 39.08 -19.33 -10.91
C GLU D 117 38.20 -19.96 -11.97
N GLU D 118 37.13 -20.66 -11.56
CA GLU D 118 36.22 -21.26 -12.52
C GLU D 118 35.49 -20.20 -13.32
N TYR D 119 35.07 -19.11 -12.65
CA TYR D 119 34.37 -18.03 -13.33
C TYR D 119 35.19 -17.47 -14.49
N GLU D 120 36.47 -17.19 -14.25
CA GLU D 120 37.33 -16.67 -15.29
C GLU D 120 37.56 -17.71 -16.38
N TRP D 121 37.74 -18.98 -15.98
CA TRP D 121 37.90 -20.05 -16.97
C TRP D 121 36.70 -20.10 -17.91
N CYS D 122 35.47 -20.00 -17.36
CA CYS D 122 34.28 -20.05 -18.20
C CYS D 122 34.25 -18.92 -19.22
N ILE D 123 34.61 -17.70 -18.82
CA ILE D 123 34.64 -16.62 -19.81
C ILE D 123 35.67 -16.95 -20.90
N GLU D 124 36.84 -17.45 -20.50
CA GLU D 124 37.85 -17.78 -21.49
CA GLU D 124 37.86 -17.80 -21.48
C GLU D 124 37.39 -18.89 -22.43
N GLN D 125 36.54 -19.80 -21.96
CA GLN D 125 36.06 -20.85 -22.85
C GLN D 125 35.12 -20.30 -23.92
N THR D 126 34.47 -19.17 -23.68
CA THR D 126 33.69 -18.59 -24.76
C THR D 126 34.59 -17.89 -25.76
N ILE D 127 35.61 -17.19 -25.25
CA ILE D 127 36.53 -16.42 -26.09
C ILE D 127 37.34 -17.34 -27.00
N LEU D 128 37.82 -18.47 -26.48
CA LEU D 128 38.66 -19.39 -27.22
C LEU D 128 37.84 -20.58 -27.68
N LYS D 129 37.99 -20.97 -28.93
CA LYS D 129 37.44 -22.22 -29.39
C LYS D 129 38.57 -23.06 -29.95
N ASP D 130 38.74 -24.28 -29.41
CA ASP D 130 39.82 -25.17 -29.81
C ASP D 130 41.17 -24.50 -29.55
N GLY D 131 41.24 -23.72 -28.47
CA GLY D 131 42.50 -23.14 -28.05
C GLY D 131 42.91 -21.89 -28.78
N GLN D 132 42.09 -21.41 -29.72
CA GLN D 132 42.40 -20.20 -30.47
C GLN D 132 41.21 -19.25 -30.38
N PRO D 133 41.43 -17.96 -30.63
CA PRO D 133 40.32 -17.01 -30.59
C PRO D 133 39.17 -17.44 -31.50
N TRP D 134 37.96 -17.50 -30.93
CA TRP D 134 36.77 -17.68 -31.75
C TRP D 134 36.65 -16.54 -32.74
N ASP D 135 35.97 -16.79 -33.87
CA ASP D 135 35.71 -15.71 -34.83
C ASP D 135 34.47 -14.90 -34.41
N ALA D 136 34.56 -14.37 -33.21
CA ALA D 136 33.51 -13.54 -32.63
C ALA D 136 33.37 -12.24 -33.42
N ASN D 137 32.13 -11.73 -33.53
CA ASN D 137 31.99 -10.40 -34.10
C ASN D 137 30.99 -9.54 -33.34
N MET D 138 30.46 -10.03 -32.22
CA MET D 138 29.50 -9.31 -31.39
C MET D 138 29.71 -9.69 -29.93
N VAL D 139 29.40 -8.77 -29.03
CA VAL D 139 29.53 -8.99 -27.59
C VAL D 139 28.20 -8.61 -26.92
N LEU D 140 27.70 -9.49 -26.05
CA LEU D 140 26.58 -9.19 -25.18
C LEU D 140 27.10 -9.39 -23.76
N ASP D 141 27.02 -8.35 -22.94
CA ASP D 141 27.66 -8.33 -21.62
C ASP D 141 26.73 -7.77 -20.57
N ASP D 142 26.97 -8.20 -19.33
CA ASP D 142 26.18 -7.79 -18.16
C ASP D 142 27.21 -7.52 -17.08
N GLY D 143 27.61 -6.25 -16.95
CA GLY D 143 28.51 -5.84 -15.89
C GLY D 143 29.93 -5.56 -16.36
N GLY D 144 30.26 -5.91 -17.61
CA GLY D 144 31.51 -5.48 -18.22
C GLY D 144 32.73 -6.36 -18.04
N ASP D 145 32.61 -7.53 -17.40
CA ASP D 145 33.79 -8.37 -17.15
C ASP D 145 34.32 -8.95 -18.46
N LEU D 146 33.43 -9.46 -19.30
CA LEU D 146 33.85 -9.95 -20.62
C LEU D 146 34.45 -8.83 -21.45
N THR D 147 33.82 -7.65 -21.43
CA THR D 147 34.34 -6.49 -22.15
C THR D 147 35.74 -6.12 -21.70
N GLU D 148 35.98 -6.16 -20.38
CA GLU D 148 37.28 -5.79 -19.86
C GLU D 148 38.36 -6.78 -20.29
N ILE D 149 38.07 -8.09 -20.17
CA ILE D 149 39.02 -9.12 -20.61
C ILE D 149 39.35 -8.97 -22.08
N LEU D 150 38.34 -8.70 -22.93
CA LEU D 150 38.65 -8.54 -24.36
C LEU D 150 39.57 -7.34 -24.59
N HIS D 151 39.28 -6.20 -23.95
CA HIS D 151 40.12 -5.04 -24.16
C HIS D 151 41.53 -5.25 -23.61
N LYS D 152 41.67 -5.94 -22.48
CA LYS D 152 43.00 -6.06 -21.90
C LYS D 152 43.79 -7.19 -22.56
N LYS D 153 43.13 -8.30 -22.89
CA LYS D 153 43.84 -9.51 -23.28
C LYS D 153 43.67 -9.90 -24.75
N TYR D 154 42.59 -9.46 -25.41
CA TYR D 154 42.32 -9.87 -26.79
C TYR D 154 41.99 -8.70 -27.72
N PRO D 155 42.84 -7.66 -27.76
CA PRO D 155 42.57 -6.54 -28.68
C PRO D 155 42.45 -6.96 -30.15
N GLN D 156 43.19 -7.97 -30.60
CA GLN D 156 43.07 -8.38 -31.99
C GLN D 156 41.65 -8.88 -32.31
N MET D 157 40.99 -9.53 -31.33
CA MET D 157 39.60 -9.95 -31.53
C MET D 157 38.66 -8.75 -31.65
N LEU D 158 38.92 -7.68 -30.89
CA LEU D 158 38.03 -6.52 -30.97
C LEU D 158 38.08 -5.85 -32.33
N GLU D 159 39.19 -5.99 -33.08
CA GLU D 159 39.26 -5.43 -34.43
C GLU D 159 38.12 -5.93 -35.31
N ARG D 160 37.67 -7.17 -35.08
CA ARG D 160 36.65 -7.77 -35.92
C ARG D 160 35.28 -7.78 -35.24
N ILE D 161 35.11 -7.06 -34.14
CA ILE D 161 33.85 -7.05 -33.41
C ILE D 161 33.11 -5.77 -33.74
N HIS D 162 31.80 -5.89 -34.06
CA HIS D 162 31.02 -4.75 -34.49
C HIS D 162 30.42 -3.96 -33.34
N GLY D 163 30.34 -4.52 -32.15
CA GLY D 163 29.73 -3.76 -31.06
C GLY D 163 29.49 -4.61 -29.84
N ILE D 164 29.19 -3.89 -28.75
CA ILE D 164 28.89 -4.45 -27.43
C ILE D 164 27.48 -3.99 -27.07
N THR D 165 26.64 -4.91 -26.58
CA THR D 165 25.35 -4.51 -26.02
C THR D 165 25.39 -4.82 -24.53
N GLU D 166 25.38 -3.77 -23.70
CA GLU D 166 25.64 -3.93 -22.28
C GLU D 166 24.35 -3.76 -21.47
N GLU D 167 24.11 -4.74 -20.58
CA GLU D 167 22.87 -4.92 -19.85
C GLU D 167 22.67 -3.92 -18.70
N THR D 168 23.70 -3.64 -17.89
CA THR D 168 23.42 -3.13 -16.55
C THR D 168 24.19 -1.86 -16.25
N THR D 169 23.66 -1.08 -15.30
CA THR D 169 24.24 0.20 -14.92
C THR D 169 25.76 0.15 -14.74
N THR D 170 26.23 -0.81 -13.94
CA THR D 170 27.67 -0.88 -13.66
C THR D 170 28.48 -1.07 -14.93
N GLY D 171 27.99 -1.93 -15.84
CA GLY D 171 28.72 -2.16 -17.08
C GLY D 171 28.73 -0.92 -17.95
N VAL D 172 27.64 -0.15 -17.93
CA VAL D 172 27.60 1.08 -18.72
C VAL D 172 28.61 2.08 -18.18
N HIS D 173 28.67 2.22 -16.86
CA HIS D 173 29.66 3.12 -16.28
C HIS D 173 31.06 2.76 -16.74
N ARG D 174 31.39 1.47 -16.73
CA ARG D 174 32.71 1.03 -17.18
C ARG D 174 32.94 1.36 -18.65
N LEU D 175 31.90 1.22 -19.49
CA LEU D 175 32.04 1.59 -20.90
C LEU D 175 32.31 3.07 -21.05
N LEU D 176 31.62 3.90 -20.28
CA LEU D 176 31.81 5.33 -20.37
C LEU D 176 33.18 5.74 -19.90
N ASP D 177 33.73 5.05 -18.89
CA ASP D 177 35.10 5.32 -18.49
C ASP D 177 36.08 5.01 -19.62
N MET D 178 35.86 3.90 -20.33
CA MET D 178 36.73 3.59 -21.45
C MET D 178 36.64 4.65 -22.53
N LEU D 179 35.40 5.04 -22.87
CA LEU D 179 35.20 6.04 -23.90
C LEU D 179 35.90 7.34 -23.53
N LYS D 180 35.72 7.76 -22.27
CA LYS D 180 36.39 8.96 -21.79
C LYS D 180 37.91 8.86 -21.95
N ASN D 181 38.47 7.70 -21.62
CA ASN D 181 39.92 7.55 -21.69
C ASN D 181 40.42 7.19 -23.07
N GLY D 182 39.52 7.07 -24.05
CA GLY D 182 39.93 6.74 -25.40
C GLY D 182 40.40 5.31 -25.56
N THR D 183 39.99 4.41 -24.67
CA THR D 183 40.38 3.00 -24.74
C THR D 183 39.25 2.07 -25.18
N LEU D 184 38.03 2.56 -25.35
CA LEU D 184 36.97 1.72 -25.88
C LEU D 184 37.21 1.47 -27.36
N LYS D 185 37.19 0.19 -27.77
CA LYS D 185 37.61 -0.14 -29.13
C LYS D 185 36.45 -0.36 -30.11
N VAL D 186 35.24 -0.61 -29.61
CA VAL D 186 34.08 -0.83 -30.47
C VAL D 186 32.88 -0.11 -29.89
N PRO D 187 31.94 0.29 -30.74
CA PRO D 187 30.78 1.03 -30.23
C PRO D 187 29.90 0.12 -29.38
N ALA D 188 29.05 0.75 -28.57
CA ALA D 188 28.21 -0.01 -27.68
C ALA D 188 26.80 0.57 -27.67
N ILE D 189 25.83 -0.30 -27.40
CA ILE D 189 24.49 0.15 -27.00
C ILE D 189 24.33 -0.07 -25.52
N ASN D 190 23.94 0.98 -24.83
CA ASN D 190 23.55 0.94 -23.43
C ASN D 190 22.12 0.41 -23.40
N VAL D 191 21.96 -0.88 -23.13
CA VAL D 191 20.65 -1.50 -23.07
C VAL D 191 19.96 -1.08 -21.78
N ASN D 192 20.75 -0.86 -20.72
CA ASN D 192 20.20 -0.51 -19.40
C ASN D 192 19.22 0.64 -19.47
N ASP D 193 19.50 1.64 -20.31
CA ASP D 193 18.75 2.86 -20.16
C ASP D 193 17.63 3.02 -21.19
N SER D 194 17.20 1.94 -21.82
CA SER D 194 15.82 1.90 -22.31
C SER D 194 14.89 1.98 -21.11
N VAL D 195 13.76 2.67 -21.27
CA VAL D 195 12.85 2.76 -20.12
C VAL D 195 12.29 1.38 -19.81
N THR D 196 12.01 0.59 -20.84
CA THR D 196 11.58 -0.79 -20.63
C THR D 196 12.70 -1.71 -20.09
N LYS D 197 13.88 -1.20 -19.81
CA LYS D 197 14.88 -1.94 -19.03
C LYS D 197 15.00 -1.27 -17.65
N SER D 198 15.66 -0.11 -17.58
CA SER D 198 15.94 0.56 -16.31
C SER D 198 14.71 0.69 -15.41
N LYS D 199 13.57 1.12 -15.97
CA LYS D 199 12.42 1.42 -15.11
C LYS D 199 11.44 0.27 -15.07
N ASN D 200 11.87 -0.91 -15.53
CA ASN D 200 11.12 -2.16 -15.47
C ASN D 200 11.97 -3.19 -14.72
N ASP D 201 13.07 -3.63 -15.31
CA ASP D 201 14.00 -4.58 -14.71
C ASP D 201 14.59 -4.04 -13.39
N ASN D 202 15.28 -2.89 -13.45
CA ASN D 202 16.05 -2.49 -12.27
C ASN D 202 15.16 -2.25 -11.07
N LYS D 203 13.96 -1.70 -11.31
CA LYS D 203 13.04 -1.34 -10.23
C LYS D 203 12.08 -2.48 -9.93
N TYR D 204 11.17 -2.79 -10.86
CA TYR D 204 10.16 -3.82 -10.59
C TYR D 204 10.77 -5.21 -10.45
N GLY D 205 11.88 -5.50 -11.14
CA GLY D 205 12.46 -6.82 -10.98
C GLY D 205 12.95 -7.03 -9.56
N CYS D 206 13.62 -6.02 -8.99
CA CYS D 206 14.07 -6.12 -7.60
C CYS D 206 12.90 -6.11 -6.63
N ARG D 207 11.83 -5.41 -6.96
CA ARG D 207 10.63 -5.46 -6.13
CA ARG D 207 10.64 -5.47 -6.12
C ARG D 207 10.14 -6.90 -6.01
N HIS D 208 10.12 -7.63 -7.13
CA HIS D 208 9.69 -9.01 -7.11
C HIS D 208 10.70 -9.89 -6.40
N SER D 209 11.99 -9.74 -6.72
CA SER D 209 12.93 -10.80 -6.40
C SER D 209 13.74 -10.57 -5.10
N LEU D 210 13.74 -9.36 -4.51
CA LEU D 210 14.50 -9.17 -3.28
C LEU D 210 13.87 -9.89 -2.11
N ASN D 211 12.58 -9.58 -1.78
CA ASN D 211 11.95 -10.31 -0.69
CA ASN D 211 11.94 -10.31 -0.70
C ASN D 211 11.89 -11.81 -0.99
N ASP D 212 11.80 -12.18 -2.27
CA ASP D 212 11.87 -13.59 -2.70
C ASP D 212 13.15 -14.25 -2.18
N ALA D 213 14.30 -13.64 -2.50
CA ALA D 213 15.58 -14.20 -2.10
C ALA D 213 15.75 -14.22 -0.58
N ILE D 214 15.27 -13.19 0.11
CA ILE D 214 15.40 -13.18 1.56
C ILE D 214 14.57 -14.29 2.17
N LYS D 215 13.34 -14.47 1.68
CA LYS D 215 12.51 -15.57 2.16
C LYS D 215 13.14 -16.93 1.88
N ARG D 216 13.68 -17.16 0.67
CA ARG D 216 14.26 -18.47 0.40
C ARG D 216 15.47 -18.75 1.27
N GLY D 217 16.27 -17.72 1.54
CA GLY D 217 17.50 -17.93 2.28
C GLY D 217 17.30 -18.10 3.77
N THR D 218 16.36 -17.33 4.34
CA THR D 218 16.16 -17.27 5.80
C THR D 218 14.78 -17.71 6.27
N ASP D 219 13.77 -17.67 5.41
CA ASP D 219 12.35 -17.83 5.78
C ASP D 219 11.94 -16.90 6.93
N HIS D 220 12.64 -15.77 7.07
CA HIS D 220 12.30 -14.77 8.08
C HIS D 220 11.01 -14.04 7.76
N LEU D 221 10.16 -13.90 8.77
CA LEU D 221 9.11 -12.90 8.71
C LEU D 221 9.75 -11.53 8.50
N LEU D 222 9.24 -10.77 7.53
CA LEU D 222 9.73 -9.40 7.36
C LEU D 222 8.82 -8.35 7.98
N SER D 223 7.50 -8.59 7.99
CA SER D 223 6.54 -7.65 8.52
C SER D 223 6.89 -7.26 9.94
N GLY D 224 6.85 -5.96 10.23
CA GLY D 224 7.09 -5.49 11.58
C GLY D 224 8.55 -5.27 11.94
N LYS D 225 9.49 -5.71 11.09
CA LYS D 225 10.92 -5.59 11.36
C LYS D 225 11.51 -4.35 10.69
N GLN D 226 12.72 -3.98 11.10
CA GLN D 226 13.35 -2.75 10.62
C GLN D 226 14.35 -3.05 9.52
N ALA D 227 14.24 -2.35 8.38
CA ALA D 227 15.19 -2.49 7.29
C ALA D 227 15.90 -1.17 7.01
N LEU D 228 17.13 -1.28 6.52
CA LEU D 228 17.89 -0.12 6.04
C LEU D 228 18.32 -0.42 4.61
N VAL D 229 17.82 0.35 3.65
CA VAL D 229 18.21 0.19 2.26
C VAL D 229 19.23 1.27 1.93
N ILE D 230 20.41 0.87 1.49
CA ILE D 230 21.45 1.84 1.12
C ILE D 230 21.30 2.10 -0.37
N GLY D 231 20.83 3.28 -0.71
CA GLY D 231 20.62 3.62 -2.11
C GLY D 231 19.16 3.76 -2.47
N TYR D 232 18.87 4.70 -3.37
CA TYR D 232 17.48 4.89 -3.80
C TYR D 232 17.46 5.29 -5.27
N GLY D 233 18.33 4.64 -6.06
CA GLY D 233 18.23 4.68 -7.50
C GLY D 233 17.15 3.69 -7.91
N ASP D 234 17.23 3.20 -9.16
CA ASP D 234 16.18 2.31 -9.62
C ASP D 234 16.16 1.03 -8.80
N VAL D 235 17.33 0.46 -8.51
CA VAL D 235 17.38 -0.77 -7.71
C VAL D 235 16.94 -0.49 -6.27
N GLY D 236 17.42 0.62 -5.71
CA GLY D 236 17.05 0.98 -4.35
C GLY D 236 15.56 1.28 -4.20
N LYS D 237 14.97 1.90 -5.22
CA LYS D 237 13.51 2.12 -5.20
C LYS D 237 12.76 0.79 -5.21
N GLY D 238 13.12 -0.11 -6.12
CA GLY D 238 12.42 -1.38 -6.19
C GLY D 238 12.65 -2.22 -4.95
N SER D 239 13.87 -2.14 -4.40
CA SER D 239 14.20 -2.90 -3.20
C SER D 239 13.42 -2.41 -2.00
N SER D 240 13.33 -1.09 -1.84
CA SER D 240 12.59 -0.52 -0.71
C SER D 240 11.12 -0.91 -0.78
N GLN D 241 10.54 -0.87 -1.99
CA GLN D 241 9.16 -1.33 -2.14
C GLN D 241 9.02 -2.82 -1.82
N SER D 242 9.98 -3.64 -2.27
CA SER D 242 9.97 -5.08 -1.97
C SER D 242 9.81 -5.33 -0.48
N LEU D 243 10.48 -4.53 0.33
CA LEU D 243 10.44 -4.71 1.77
C LEU D 243 9.25 -3.98 2.39
N ARG D 244 8.94 -2.75 1.93
CA ARG D 244 7.77 -2.05 2.49
C ARG D 244 6.47 -2.80 2.23
N GLN D 245 6.32 -3.40 1.04
CA GLN D 245 5.06 -4.07 0.72
C GLN D 245 4.84 -5.30 1.56
N GLU D 246 5.91 -5.86 2.14
CA GLU D 246 5.86 -6.95 3.10
C GLU D 246 5.58 -6.47 4.51
N GLY D 247 5.52 -5.17 4.75
CA GLY D 247 5.30 -4.65 6.09
C GLY D 247 6.56 -4.29 6.86
N MET D 248 7.74 -4.29 6.23
CA MET D 248 8.90 -3.80 6.96
C MET D 248 8.78 -2.30 7.17
N ILE D 249 9.42 -1.84 8.24
CA ILE D 249 9.61 -0.43 8.50
C ILE D 249 10.96 -0.09 7.85
N VAL D 250 10.92 0.59 6.71
CA VAL D 250 12.08 0.78 5.85
C VAL D 250 12.62 2.19 6.03
N LYS D 251 13.93 2.28 6.29
CA LYS D 251 14.65 3.53 6.22
C LYS D 251 15.62 3.46 5.05
N VAL D 252 15.91 4.63 4.47
CA VAL D 252 16.63 4.74 3.21
C VAL D 252 17.82 5.66 3.43
N ALA D 253 18.99 5.24 2.94
CA ALA D 253 20.17 6.10 2.94
C ALA D 253 20.47 6.52 1.50
N GLU D 254 20.94 7.75 1.32
CA GLU D 254 21.31 8.17 -0.03
C GLU D 254 22.39 9.23 0.06
N VAL D 255 23.18 9.34 -1.02
CA VAL D 255 24.09 10.48 -1.18
C VAL D 255 23.52 11.51 -2.16
N ASP D 256 22.51 11.15 -2.95
CA ASP D 256 21.95 12.03 -3.96
C ASP D 256 20.68 12.66 -3.39
N PRO D 257 20.64 13.96 -3.15
CA PRO D 257 19.48 14.52 -2.42
C PRO D 257 18.20 14.49 -3.23
N ILE D 258 18.27 14.45 -4.56
CA ILE D 258 17.06 14.27 -5.37
C ILE D 258 16.46 12.89 -5.11
N CYS D 259 17.30 11.85 -5.15
CA CYS D 259 16.81 10.52 -4.83
C CYS D 259 16.29 10.44 -3.39
N ALA D 260 16.97 11.11 -2.46
CA ALA D 260 16.48 11.15 -1.07
C ALA D 260 15.13 11.86 -0.97
N MET D 261 14.95 12.94 -1.75
N MET D 261 14.95 12.94 -1.75
CA MET D 261 13.65 13.60 -1.78
CA MET D 261 13.67 13.61 -1.79
C MET D 261 12.57 12.63 -2.20
C MET D 261 12.56 12.62 -2.19
N GLN D 262 12.84 11.81 -3.22
CA GLN D 262 11.84 10.83 -3.66
C GLN D 262 11.54 9.83 -2.56
N ALA D 263 12.58 9.42 -1.82
CA ALA D 263 12.36 8.49 -0.71
C ALA D 263 11.46 9.10 0.36
N CYS D 264 11.69 10.37 0.71
CA CYS D 264 10.82 11.03 1.69
C CYS D 264 9.38 11.06 1.20
N MET D 265 9.18 11.55 -0.04
CA MET D 265 7.83 11.67 -0.58
C MET D 265 7.18 10.31 -0.77
N ASP D 266 7.97 9.25 -0.98
CA ASP D 266 7.44 7.89 -1.07
C ASP D 266 7.11 7.30 0.28
N GLY D 267 7.33 8.03 1.36
CA GLY D 267 6.92 7.59 2.67
C GLY D 267 7.99 6.90 3.47
N PHE D 268 9.27 7.10 3.14
CA PHE D 268 10.35 6.53 3.91
C PHE D 268 11.08 7.60 4.71
N GLU D 269 11.62 7.16 5.85
CA GLU D 269 12.49 8.01 6.66
C GLU D 269 13.91 7.88 6.10
N VAL D 270 14.56 9.03 5.87
CA VAL D 270 15.87 9.04 5.22
C VAL D 270 16.91 9.27 6.30
N VAL D 271 17.83 8.33 6.43
CA VAL D 271 18.81 8.28 7.51
C VAL D 271 20.17 7.99 6.90
N SER D 272 21.22 8.27 7.68
CA SER D 272 22.58 7.91 7.32
C SER D 272 23.16 6.99 8.37
N PRO D 273 23.99 6.01 7.98
CA PRO D 273 24.70 5.20 8.98
C PRO D 273 25.67 6.01 9.81
N TYR D 274 26.07 7.18 9.34
CA TYR D 274 27.06 8.02 9.98
C TYR D 274 26.38 9.22 10.59
N LYS D 275 26.88 9.62 11.75
CA LYS D 275 26.33 10.80 12.40
C LYS D 275 26.46 12.02 11.48
N ASN D 276 25.35 12.73 11.28
CA ASN D 276 25.27 13.86 10.36
C ASN D 276 25.77 13.49 8.95
N GLY D 277 25.74 12.21 8.61
CA GLY D 277 26.09 11.76 7.27
C GLY D 277 27.56 11.84 6.96
N ILE D 278 28.43 12.01 7.96
CA ILE D 278 29.86 12.25 7.72
C ILE D 278 30.65 10.98 8.01
N ASN D 279 31.18 10.35 6.96
CA ASN D 279 31.87 9.06 7.01
C ASN D 279 33.36 9.37 7.08
N ASP D 280 33.89 9.52 8.29
CA ASP D 280 35.30 9.85 8.48
C ASP D 280 36.16 8.65 8.90
N GLY D 281 35.64 7.43 8.79
CA GLY D 281 36.43 6.24 9.01
C GLY D 281 36.58 5.82 10.46
N THR D 282 36.11 6.61 11.41
CA THR D 282 36.18 6.26 12.81
C THR D 282 34.93 5.52 13.24
N GLU D 283 35.08 4.64 14.22
CA GLU D 283 33.92 4.03 14.86
C GLU D 283 33.03 5.08 15.50
N ALA D 284 33.62 6.15 16.03
CA ALA D 284 32.83 7.21 16.65
C ALA D 284 31.83 7.84 15.68
N SER D 285 32.11 7.79 14.38
CA SER D 285 31.21 8.35 13.38
C SER D 285 29.96 7.50 13.12
N ILE D 286 29.92 6.26 13.60
CA ILE D 286 28.78 5.38 13.31
C ILE D 286 27.61 5.76 14.20
N ASP D 287 26.41 5.84 13.62
CA ASP D 287 25.20 5.99 14.43
C ASP D 287 24.86 4.60 14.98
N ALA D 288 25.44 4.28 16.15
CA ALA D 288 25.28 2.94 16.72
C ALA D 288 23.85 2.69 17.19
N ALA D 289 23.16 3.74 17.66
CA ALA D 289 21.77 3.57 18.08
C ALA D 289 20.88 3.20 16.91
N LEU D 290 21.12 3.81 15.75
CA LEU D 290 20.37 3.46 14.55
C LEU D 290 20.69 2.04 14.09
N LEU D 291 21.99 1.72 13.92
CA LEU D 291 22.31 0.43 13.33
C LEU D 291 21.99 -0.71 14.30
N GLY D 292 22.01 -0.44 15.61
CA GLY D 292 21.62 -1.41 16.61
C GLY D 292 20.15 -1.80 16.58
N LYS D 293 19.35 -1.15 15.73
CA LYS D 293 17.92 -1.45 15.62
C LYS D 293 17.55 -2.05 14.28
N ILE D 294 18.52 -2.22 13.39
CA ILE D 294 18.26 -2.64 12.01
C ILE D 294 18.31 -4.16 11.96
N ASP D 295 17.22 -4.77 11.45
CA ASP D 295 17.16 -6.22 11.28
C ASP D 295 17.64 -6.68 9.92
N LEU D 296 17.74 -5.79 8.95
CA LEU D 296 18.06 -6.18 7.59
C LEU D 296 18.67 -4.98 6.90
N ILE D 297 19.84 -5.16 6.29
CA ILE D 297 20.46 -4.12 5.48
C ILE D 297 20.67 -4.64 4.08
N VAL D 298 20.34 -3.81 3.10
CA VAL D 298 20.43 -4.15 1.68
C VAL D 298 21.16 -3.02 0.98
N THR D 299 22.20 -3.38 0.21
CA THR D 299 22.95 -2.40 -0.54
C THR D 299 22.51 -2.44 -1.99
N THR D 300 22.36 -1.26 -2.60
CA THR D 300 21.75 -1.12 -3.93
C THR D 300 22.49 -0.11 -4.79
N THR D 301 23.75 0.20 -4.45
CA THR D 301 24.34 1.43 -4.98
C THR D 301 25.18 1.28 -6.25
N GLY D 302 25.78 0.10 -6.50
CA GLY D 302 26.88 0.06 -7.46
C GLY D 302 28.14 0.77 -7.03
N ASN D 303 28.25 1.16 -5.76
CA ASN D 303 29.39 1.86 -5.20
C ASN D 303 30.20 0.90 -4.33
N VAL D 304 31.29 1.40 -3.74
CA VAL D 304 32.20 0.55 -2.98
C VAL D 304 32.02 0.85 -1.49
N ASN D 305 31.95 -0.21 -0.69
CA ASN D 305 32.06 -0.12 0.77
C ASN D 305 30.98 0.76 1.38
N VAL D 306 29.74 0.55 0.95
CA VAL D 306 28.63 1.32 1.51
C VAL D 306 27.98 0.61 2.68
N CYS D 307 28.39 -0.63 2.96
CA CYS D 307 28.12 -1.30 4.23
C CYS D 307 29.49 -1.73 4.74
N ASP D 308 30.12 -0.85 5.55
CA ASP D 308 31.54 -0.99 5.83
C ASP D 308 31.74 -1.75 7.14
N ALA D 309 33.02 -1.88 7.54
CA ALA D 309 33.35 -2.72 8.69
C ALA D 309 32.73 -2.19 9.97
N ASN D 310 32.83 -0.88 10.21
CA ASN D 310 32.27 -0.32 11.44
C ASN D 310 30.74 -0.42 11.47
N MET D 311 30.09 -0.26 10.32
CA MET D 311 28.65 -0.56 10.24
C MET D 311 28.36 -2.01 10.60
N LEU D 312 29.16 -2.94 10.07
CA LEU D 312 28.94 -4.34 10.36
C LEU D 312 29.12 -4.63 11.84
N LYS D 313 30.06 -3.94 12.49
CA LYS D 313 30.31 -4.18 13.90
C LYS D 313 29.17 -3.67 14.77
N ALA D 314 28.45 -2.67 14.28
CA ALA D 314 27.41 -1.99 15.04
C ALA D 314 26.01 -2.58 14.81
N LEU D 315 25.82 -3.37 13.76
CA LEU D 315 24.49 -3.91 13.46
C LEU D 315 23.93 -4.72 14.62
N LYS D 316 22.62 -4.62 14.77
CA LYS D 316 21.86 -5.47 15.70
C LYS D 316 22.29 -6.93 15.54
N LYS D 317 22.43 -7.62 16.67
CA LYS D 317 22.67 -9.06 16.61
C LYS D 317 21.62 -9.76 15.75
N ARG D 318 22.10 -10.69 14.92
CA ARG D 318 21.32 -11.55 14.04
C ARG D 318 20.65 -10.79 12.89
N ALA D 319 21.11 -9.59 12.57
CA ALA D 319 20.63 -8.92 11.37
C ALA D 319 21.07 -9.68 10.12
N VAL D 320 20.26 -9.55 9.06
CA VAL D 320 20.56 -10.06 7.73
C VAL D 320 21.23 -8.95 6.92
N VAL D 321 22.32 -9.31 6.25
CA VAL D 321 23.11 -8.44 5.41
C VAL D 321 23.08 -9.02 4.00
N CYS D 322 22.73 -8.19 3.02
CA CYS D 322 22.80 -8.67 1.65
C CYS D 322 22.99 -7.48 0.70
N ASN D 323 23.34 -7.82 -0.53
CA ASN D 323 23.69 -6.86 -1.57
C ASN D 323 22.91 -7.24 -2.81
N ILE D 324 22.29 -6.26 -3.47
CA ILE D 324 21.62 -6.50 -4.75
C ILE D 324 22.20 -5.62 -5.85
N GLY D 325 23.28 -4.87 -5.57
CA GLY D 325 24.04 -4.25 -6.64
C GLY D 325 24.86 -5.31 -7.37
N HIS D 326 25.51 -4.91 -8.47
CA HIS D 326 26.15 -5.90 -9.35
C HIS D 326 27.31 -6.63 -8.68
N PHE D 327 28.10 -5.96 -7.84
CA PHE D 327 29.35 -6.53 -7.36
C PHE D 327 29.36 -6.61 -5.84
N ASP D 328 30.05 -7.62 -5.32
CA ASP D 328 29.98 -7.83 -3.88
C ASP D 328 30.78 -6.83 -3.05
N ASN D 329 31.57 -5.95 -3.65
CA ASN D 329 32.36 -5.04 -2.83
C ASN D 329 31.53 -3.89 -2.24
N GLU D 330 30.20 -3.88 -2.41
CA GLU D 330 29.37 -2.93 -1.67
C GLU D 330 29.43 -3.19 -0.16
N ILE D 331 29.64 -4.45 0.23
CA ILE D 331 29.77 -4.85 1.62
C ILE D 331 31.22 -5.22 1.86
N ASP D 332 31.78 -4.80 3.00
CA ASP D 332 33.14 -5.21 3.36
C ASP D 332 33.13 -6.66 3.86
N THR D 333 32.92 -7.59 2.93
CA THR D 333 33.02 -9.01 3.28
C THR D 333 34.46 -9.44 3.53
N ALA D 334 35.44 -8.77 2.92
CA ALA D 334 36.84 -9.06 3.21
C ALA D 334 37.15 -8.89 4.68
N PHE D 335 36.69 -7.78 5.28
CA PHE D 335 36.85 -7.59 6.71
C PHE D 335 36.23 -8.75 7.49
N MET D 336 35.07 -9.23 7.06
CA MET D 336 34.41 -10.30 7.78
C MET D 336 35.15 -11.63 7.63
N ARG D 337 35.75 -11.89 6.47
CA ARG D 337 36.55 -13.10 6.29
C ARG D 337 37.82 -13.06 7.14
N LYS D 338 38.40 -11.86 7.32
CA LYS D 338 39.63 -11.72 8.07
C LYS D 338 39.39 -11.82 9.57
N ASN D 339 38.23 -11.40 10.05
CA ASN D 339 38.06 -11.23 11.49
C ASN D 339 37.07 -12.18 12.13
N TRP D 340 36.10 -12.70 11.39
CA TRP D 340 34.97 -13.38 12.01
C TRP D 340 34.80 -14.78 11.44
N ALA D 341 34.16 -15.65 12.21
CA ALA D 341 34.04 -17.05 11.85
C ALA D 341 32.75 -17.30 11.09
N TRP D 342 32.86 -17.94 9.94
CA TRP D 342 31.71 -18.17 9.07
C TRP D 342 31.16 -19.57 9.30
N GLU D 343 29.86 -19.65 9.52
CA GLU D 343 29.18 -20.93 9.67
C GLU D 343 28.17 -21.05 8.54
N GLU D 344 28.40 -21.98 7.62
CA GLU D 344 27.43 -22.17 6.55
C GLU D 344 26.14 -22.75 7.13
N VAL D 345 25.00 -22.08 6.87
CA VAL D 345 23.71 -22.65 7.20
C VAL D 345 23.29 -23.64 6.13
N LYS D 346 23.39 -23.23 4.87
CA LYS D 346 23.10 -23.99 3.67
C LYS D 346 23.73 -23.16 2.55
N PRO D 347 23.79 -23.63 1.30
CA PRO D 347 24.46 -22.86 0.25
C PRO D 347 23.95 -21.43 0.17
N GLN D 348 24.89 -20.48 0.08
CA GLN D 348 24.61 -19.05 -0.03
C GLN D 348 23.93 -18.48 1.21
N VAL D 349 24.01 -19.16 2.37
CA VAL D 349 23.51 -18.58 3.61
C VAL D 349 24.55 -18.86 4.70
N HIS D 350 25.17 -17.81 5.23
CA HIS D 350 26.23 -17.96 6.21
C HIS D 350 25.93 -17.15 7.45
N LYS D 351 26.13 -17.74 8.63
CA LYS D 351 26.19 -16.97 9.86
C LYS D 351 27.62 -16.51 10.08
N ILE D 352 27.78 -15.23 10.37
CA ILE D 352 29.09 -14.61 10.58
C ILE D 352 29.17 -14.29 12.05
N HIS D 353 30.04 -14.98 12.77
CA HIS D 353 30.06 -14.89 14.22
C HIS D 353 31.08 -13.83 14.63
N ARG D 354 30.59 -12.78 15.29
CA ARG D 354 31.41 -11.65 15.66
C ARG D 354 32.21 -11.88 16.93
N THR D 355 32.15 -13.08 17.48
CA THR D 355 32.94 -13.44 18.65
C THR D 355 34.41 -13.71 18.32
N GLY D 356 34.78 -13.86 17.07
CA GLY D 356 36.18 -14.10 16.75
C GLY D 356 36.31 -14.89 15.47
N LYS D 357 37.56 -15.09 15.07
CA LYS D 357 37.86 -15.70 13.79
C LYS D 357 38.04 -17.20 13.88
N ASP D 358 38.54 -17.71 15.00
CA ASP D 358 38.94 -19.10 15.13
C ASP D 358 37.86 -19.84 15.91
N GLY D 359 36.93 -20.45 15.18
CA GLY D 359 35.87 -21.22 15.79
C GLY D 359 34.71 -20.35 16.21
N PHE D 360 33.61 -21.02 16.55
CA PHE D 360 32.42 -20.34 17.03
C PHE D 360 31.68 -21.27 17.96
N ASP D 361 30.86 -20.69 18.84
CA ASP D 361 29.91 -21.46 19.61
C ASP D 361 28.67 -21.69 18.78
N ALA D 362 28.26 -22.96 18.65
CA ALA D 362 27.10 -23.28 17.82
C ALA D 362 25.85 -22.53 18.25
N HIS D 363 25.78 -22.11 19.51
CA HIS D 363 24.64 -21.37 20.07
C HIS D 363 24.97 -19.91 20.34
N ASN D 364 26.08 -19.42 19.82
CA ASN D 364 26.38 -18.00 19.93
C ASN D 364 25.20 -17.16 19.42
N ASP D 365 24.86 -16.10 20.17
CA ASP D 365 23.78 -15.22 19.72
C ASP D 365 24.27 -14.04 18.88
N ASP D 366 25.60 -13.83 18.81
CA ASP D 366 26.15 -12.59 18.27
C ASP D 366 26.71 -12.90 16.88
N TYR D 367 25.80 -12.99 15.92
CA TYR D 367 26.16 -13.25 14.54
C TYR D 367 25.33 -12.37 13.61
N LEU D 368 25.81 -12.24 12.39
CA LEU D 368 25.03 -11.70 11.29
C LEU D 368 24.74 -12.82 10.32
N ILE D 369 23.67 -12.69 9.54
CA ILE D 369 23.40 -13.62 8.46
C ILE D 369 23.68 -12.92 7.14
N LEU D 370 24.70 -13.39 6.45
CA LEU D 370 25.07 -12.86 5.14
C LEU D 370 24.51 -13.76 4.07
N LEU D 371 23.89 -13.16 3.05
CA LEU D 371 23.30 -13.91 1.95
C LEU D 371 24.20 -13.86 0.72
N ALA D 372 24.36 -15.01 0.07
CA ALA D 372 25.07 -15.15 -1.21
C ALA D 372 26.51 -14.65 -1.12
N GLU D 373 27.12 -14.72 0.07
CA GLU D 373 28.47 -14.21 0.30
C GLU D 373 28.62 -12.78 -0.21
N GLY D 374 27.53 -12.01 -0.20
CA GLY D 374 27.54 -10.62 -0.62
C GLY D 374 27.35 -10.38 -2.09
N ARG D 375 27.21 -11.44 -2.90
CA ARG D 375 26.94 -11.31 -4.33
C ARG D 375 25.47 -11.02 -4.54
N LEU D 376 25.11 -10.62 -5.77
CA LEU D 376 23.73 -10.23 -6.07
C LEU D 376 22.73 -11.19 -5.45
N VAL D 377 21.94 -10.71 -4.48
CA VAL D 377 21.19 -11.66 -3.65
C VAL D 377 19.97 -12.24 -4.36
N ASN D 378 19.31 -11.46 -5.23
CA ASN D 378 18.13 -11.98 -5.92
C ASN D 378 18.48 -13.18 -6.79
N LEU D 379 19.61 -13.12 -7.50
CA LEU D 379 20.05 -14.23 -8.33
C LEU D 379 20.76 -15.31 -7.50
N GLY D 380 21.38 -14.92 -6.38
CA GLY D 380 22.17 -15.89 -5.65
C GLY D 380 21.30 -16.78 -4.77
N ASN D 381 20.26 -16.21 -4.20
CA ASN D 381 19.40 -16.95 -3.28
C ASN D 381 18.03 -17.25 -3.85
N ALA D 382 17.68 -16.70 -5.02
CA ALA D 382 16.43 -17.09 -5.65
C ALA D 382 16.70 -17.23 -7.14
N THR D 383 15.83 -16.70 -8.02
CA THR D 383 16.03 -16.91 -9.45
C THR D 383 16.15 -15.58 -10.20
N GLY D 384 16.51 -14.50 -9.49
CA GLY D 384 16.53 -13.22 -10.16
C GLY D 384 15.13 -12.77 -10.57
N HIS D 385 15.10 -11.87 -11.55
CA HIS D 385 13.85 -11.28 -11.98
C HIS D 385 13.00 -12.32 -12.70
N PRO D 386 11.68 -12.15 -12.72
CA PRO D 386 10.82 -13.10 -13.42
C PRO D 386 10.83 -12.88 -14.93
N SER D 387 10.46 -13.96 -15.62
CA SER D 387 10.44 -13.95 -17.08
C SER D 387 9.73 -12.74 -17.68
N ARG D 388 8.53 -12.39 -17.17
CA ARG D 388 7.76 -11.33 -17.82
C ARG D 388 8.40 -9.95 -17.69
N ILE D 389 9.27 -9.75 -16.70
CA ILE D 389 10.06 -8.53 -16.58
C ILE D 389 11.29 -8.62 -17.48
N MET D 390 12.02 -9.74 -17.40
CA MET D 390 13.21 -9.91 -18.26
C MET D 390 12.88 -9.83 -19.74
N ASP D 391 11.62 -10.08 -20.11
CA ASP D 391 11.14 -9.91 -21.47
C ASP D 391 11.53 -8.54 -22.04
N GLY D 392 11.29 -7.49 -21.24
CA GLY D 392 11.61 -6.14 -21.70
C GLY D 392 13.11 -5.95 -21.87
N SER D 393 13.90 -6.32 -20.87
CA SER D 393 15.35 -6.17 -20.98
C SER D 393 15.87 -6.92 -22.20
N PHE D 394 15.37 -8.12 -22.42
CA PHE D 394 16.00 -8.96 -23.43
C PHE D 394 15.43 -8.71 -24.83
N ALA D 395 14.20 -8.17 -24.95
CA ALA D 395 13.81 -7.61 -26.25
C ALA D 395 14.73 -6.47 -26.64
N ASN D 396 15.05 -5.59 -25.70
CA ASN D 396 16.05 -4.54 -26.00
C ASN D 396 17.39 -5.15 -26.41
N GLN D 397 17.85 -6.19 -25.71
CA GLN D 397 19.13 -6.80 -26.09
C GLN D 397 19.10 -7.26 -27.54
N VAL D 398 18.03 -7.93 -27.93
CA VAL D 398 17.96 -8.49 -29.28
C VAL D 398 17.96 -7.37 -30.31
N LEU D 399 17.19 -6.31 -30.07
CA LEU D 399 17.15 -5.19 -31.01
C LEU D 399 18.50 -4.52 -31.11
N ALA D 400 19.21 -4.38 -29.99
CA ALA D 400 20.53 -3.76 -29.96
C ALA D 400 21.56 -4.60 -30.71
N GLN D 401 21.51 -5.92 -30.53
CA GLN D 401 22.36 -6.83 -31.33
C GLN D 401 22.07 -6.67 -32.82
N ILE D 402 20.78 -6.63 -33.20
CA ILE D 402 20.44 -6.48 -34.62
C ILE D 402 21.02 -5.18 -35.16
N HIS D 403 20.87 -4.09 -34.39
CA HIS D 403 21.31 -2.79 -34.91
C HIS D 403 22.83 -2.74 -35.09
N LEU D 404 23.59 -3.17 -34.08
CA LEU D 404 25.03 -3.05 -34.16
C LEU D 404 25.59 -4.03 -35.18
N PHE D 405 25.04 -5.24 -35.24
CA PHE D 405 25.56 -6.17 -36.24
C PHE D 405 25.28 -5.68 -37.66
N GLU D 406 24.10 -5.07 -37.91
CA GLU D 406 23.83 -4.56 -39.25
C GLU D 406 24.67 -3.34 -39.57
N GLN D 407 25.12 -2.59 -38.53
CA GLN D 407 25.95 -1.42 -38.78
C GLN D 407 27.37 -1.82 -39.21
N LYS D 408 27.84 -3.00 -38.81
CA LYS D 408 29.09 -3.56 -39.34
C LYS D 408 30.29 -2.65 -39.10
N TYR D 409 30.40 -2.12 -37.88
CA TYR D 409 31.48 -1.19 -37.53
C TYR D 409 32.86 -1.72 -37.89
N ALA D 410 33.09 -3.01 -37.67
CA ALA D 410 34.45 -3.53 -37.87
C ALA D 410 34.87 -3.42 -39.32
N ASP D 411 33.91 -3.35 -40.22
CA ASP D 411 34.23 -3.25 -41.63
C ASP D 411 34.40 -1.82 -42.12
N LEU D 412 34.13 -0.83 -41.29
CA LEU D 412 34.20 0.54 -41.74
C LEU D 412 35.65 0.98 -41.87
N PRO D 413 35.94 1.89 -42.81
CA PRO D 413 37.26 2.54 -42.81
C PRO D 413 37.49 3.29 -41.51
N ALA D 414 38.77 3.58 -41.23
CA ALA D 414 39.16 4.21 -39.97
C ALA D 414 38.44 5.54 -39.75
N ALA D 415 38.37 6.38 -40.79
CA ALA D 415 37.70 7.67 -40.68
C ALA D 415 36.23 7.51 -40.32
N GLU D 416 35.58 6.48 -40.84
CA GLU D 416 34.18 6.26 -40.51
C GLU D 416 34.01 5.62 -39.14
N LYS D 417 34.97 4.80 -38.73
CA LYS D 417 34.91 4.26 -37.36
C LYS D 417 34.91 5.40 -36.35
N ALA D 418 35.82 6.37 -36.53
CA ALA D 418 35.93 7.46 -35.57
C ALA D 418 34.62 8.19 -35.40
N LYS D 419 33.80 8.25 -36.45
CA LYS D 419 32.52 8.95 -36.36
C LYS D 419 31.43 8.12 -35.69
N ARG D 420 31.60 6.80 -35.59
CA ARG D 420 30.59 5.92 -35.03
C ARG D 420 30.96 5.35 -33.68
N LEU D 421 32.12 5.69 -33.14
CA LEU D 421 32.58 5.09 -31.89
C LEU D 421 31.89 5.81 -30.74
N SER D 422 30.86 5.18 -30.19
CA SER D 422 30.04 5.85 -29.20
C SER D 422 29.34 4.81 -28.36
N VAL D 423 28.70 5.31 -27.30
CA VAL D 423 27.80 4.53 -26.47
C VAL D 423 26.44 5.18 -26.61
N GLU D 424 25.48 4.44 -27.15
CA GLU D 424 24.18 5.00 -27.48
C GLU D 424 23.07 4.15 -26.89
N VAL D 425 21.87 4.73 -26.86
CA VAL D 425 20.67 4.01 -26.45
C VAL D 425 19.82 3.75 -27.69
N LEU D 426 18.88 2.81 -27.55
CA LEU D 426 17.94 2.54 -28.64
C LEU D 426 16.98 3.71 -28.82
N PRO D 427 16.51 3.96 -30.05
CA PRO D 427 15.52 5.03 -30.25
C PRO D 427 14.27 4.78 -29.43
N LYS D 428 13.61 5.87 -29.04
CA LYS D 428 12.44 5.76 -28.19
C LYS D 428 11.34 4.94 -28.87
N LYS D 429 11.19 5.07 -30.20
CA LYS D 429 10.17 4.27 -30.88
C LYS D 429 10.31 2.78 -30.59
N LEU D 430 11.56 2.26 -30.60
CA LEU D 430 11.74 0.84 -30.28
C LEU D 430 11.44 0.55 -28.82
N ASP D 431 11.83 1.46 -27.91
CA ASP D 431 11.49 1.31 -26.50
C ASP D 431 9.99 1.17 -26.34
N GLU D 432 9.24 2.02 -27.06
CA GLU D 432 7.77 1.98 -27.02
C GLU D 432 7.23 0.67 -27.59
N GLU D 433 7.86 0.16 -28.66
CA GLU D 433 7.37 -1.06 -29.26
C GLU D 433 7.56 -2.24 -28.32
N VAL D 434 8.69 -2.27 -27.60
CA VAL D 434 8.88 -3.26 -26.53
C VAL D 434 7.80 -3.11 -25.47
N ALA D 435 7.54 -1.88 -25.05
CA ALA D 435 6.57 -1.65 -24.00
C ALA D 435 5.18 -2.13 -24.43
N LEU D 436 4.80 -1.90 -25.68
CA LEU D 436 3.46 -2.29 -26.10
C LEU D 436 3.30 -3.81 -26.04
N GLU D 437 4.35 -4.55 -26.40
CA GLU D 437 4.22 -6.01 -26.31
C GLU D 437 4.08 -6.43 -24.84
N MET D 438 4.75 -5.72 -23.94
CA MET D 438 4.62 -6.05 -22.52
C MET D 438 3.19 -5.79 -22.05
N VAL D 439 2.62 -4.65 -22.45
CA VAL D 439 1.26 -4.28 -22.04
C VAL D 439 0.24 -5.28 -22.58
N LYS D 440 0.39 -5.66 -23.85
CA LYS D 440 -0.47 -6.69 -24.43
C LYS D 440 -0.36 -7.99 -23.66
N GLY D 441 0.84 -8.31 -23.17
CA GLY D 441 1.00 -9.51 -22.35
C GLY D 441 0.14 -9.50 -21.11
N PHE D 442 -0.14 -8.32 -20.57
CA PHE D 442 -1.02 -8.19 -19.41
C PHE D 442 -2.48 -8.13 -19.81
N GLY D 443 -2.78 -8.10 -21.11
CA GLY D 443 -4.14 -7.86 -21.51
C GLY D 443 -4.51 -6.40 -21.58
N GLY D 444 -3.53 -5.51 -21.45
CA GLY D 444 -3.82 -4.09 -21.45
C GLY D 444 -4.20 -3.59 -22.83
N VAL D 445 -5.06 -2.56 -22.86
CA VAL D 445 -5.55 -1.99 -24.12
C VAL D 445 -5.17 -0.52 -24.15
N VAL D 446 -4.19 -0.18 -24.96
CA VAL D 446 -3.73 1.19 -25.18
C VAL D 446 -4.73 1.88 -26.10
N THR D 447 -4.99 3.16 -25.85
CA THR D 447 -5.87 3.95 -26.70
C THR D 447 -5.09 4.52 -27.87
N GLN D 448 -5.74 4.60 -29.03
CA GLN D 448 -5.13 5.25 -30.19
C GLN D 448 -5.60 6.71 -30.23
N LEU D 449 -4.63 7.62 -30.33
CA LEU D 449 -4.94 9.03 -30.54
C LEU D 449 -5.72 9.23 -31.82
N THR D 450 -6.68 10.16 -31.80
CA THR D 450 -7.20 10.65 -33.06
C THR D 450 -6.13 11.56 -33.70
N PRO D 451 -6.21 11.79 -35.01
CA PRO D 451 -5.23 12.71 -35.62
C PRO D 451 -5.20 14.09 -34.96
N LYS D 452 -6.37 14.61 -34.57
CA LYS D 452 -6.42 15.93 -33.94
C LYS D 452 -5.70 15.93 -32.60
N GLN D 453 -5.91 14.88 -31.80
CA GLN D 453 -5.25 14.77 -30.50
C GLN D 453 -3.74 14.62 -30.68
N ALA D 454 -3.33 13.84 -31.68
CA ALA D 454 -1.90 13.71 -31.93
C ALA D 454 -1.30 15.03 -32.35
N GLU D 455 -1.99 15.77 -33.24
CA GLU D 455 -1.52 17.09 -33.59
C GLU D 455 -1.49 18.01 -32.37
N TYR D 456 -2.49 17.92 -31.49
CA TYR D 456 -2.58 18.82 -30.34
C TYR D 456 -1.34 18.70 -29.45
N ILE D 457 -0.88 17.48 -29.19
CA ILE D 457 0.30 17.29 -28.34
C ILE D 457 1.58 17.13 -29.16
N GLY D 458 1.51 17.23 -30.48
CA GLY D 458 2.70 17.28 -31.30
C GLY D 458 3.39 15.96 -31.58
N VAL D 459 2.62 14.88 -31.74
CA VAL D 459 3.20 13.57 -31.99
C VAL D 459 2.50 12.91 -33.17
N SER D 460 3.18 11.91 -33.74
CA SER D 460 2.55 10.99 -34.66
C SER D 460 1.63 10.05 -33.89
N VAL D 461 0.53 9.67 -34.53
CA VAL D 461 -0.41 8.75 -33.88
C VAL D 461 0.30 7.48 -33.42
N GLU D 462 1.24 6.97 -34.22
CA GLU D 462 1.92 5.72 -33.86
C GLU D 462 3.08 5.94 -32.88
N GLY D 463 3.38 7.19 -32.53
CA GLY D 463 4.48 7.50 -31.65
C GLY D 463 5.73 7.86 -32.45
N PRO D 464 6.82 8.22 -31.77
CA PRO D 464 7.02 8.28 -30.31
C PRO D 464 6.19 9.37 -29.63
N PHE D 465 5.80 9.11 -28.39
CA PHE D 465 4.83 9.99 -27.74
C PHE D 465 5.46 11.04 -26.84
N LYS D 466 6.76 10.98 -26.61
CA LYS D 466 7.43 11.83 -25.63
C LYS D 466 8.74 12.31 -26.23
N PRO D 467 9.20 13.52 -25.88
CA PRO D 467 10.55 13.94 -26.27
C PRO D 467 11.58 13.09 -25.58
N ASP D 468 12.80 13.08 -26.14
CA ASP D 468 13.86 12.24 -25.56
C ASP D 468 14.24 12.65 -24.14
N THR D 469 13.93 13.89 -23.73
CA THR D 469 14.21 14.34 -22.37
C THR D 469 13.23 13.82 -21.33
N TYR D 470 12.16 13.16 -21.74
CA TYR D 470 11.10 12.80 -20.80
C TYR D 470 11.60 11.73 -19.84
N ARG D 471 11.24 11.88 -18.56
CA ARG D 471 11.80 11.02 -17.52
C ARG D 471 10.89 9.88 -17.08
N TYR D 472 9.59 9.91 -17.39
CA TYR D 472 8.65 8.87 -16.96
C TYR D 472 8.61 8.76 -15.43
PA NAD E . 2.73 14.18 -19.06
O1A NAD E . 3.76 13.66 -18.15
O2A NAD E . 3.12 14.49 -20.49
O5B NAD E . 1.41 13.23 -19.03
C5B NAD E . 0.31 13.36 -19.94
C4B NAD E . 0.01 11.93 -20.30
O4B NAD E . -1.26 11.83 -20.95
C3B NAD E . 1.04 11.28 -21.25
O3B NAD E . 1.64 10.12 -20.67
C2B NAD E . 0.22 10.92 -22.50
O2B NAD E . 0.61 9.71 -23.16
C1B NAD E . -1.18 10.78 -21.90
N9A NAD E . -2.26 10.97 -22.86
C8A NAD E . -2.36 11.94 -23.82
N7A NAD E . -3.44 11.85 -24.55
C5A NAD E . -4.10 10.74 -24.05
C6A NAD E . -5.33 10.13 -24.38
N6A NAD E . -6.12 10.53 -25.38
N1A NAD E . -5.72 9.07 -23.65
C2A NAD E . -4.92 8.64 -22.65
N3A NAD E . -3.74 9.14 -22.26
C4A NAD E . -3.39 10.19 -22.99
O3 NAD E . 2.11 15.50 -18.41
PN NAD E . 1.91 15.83 -16.85
O1N NAD E . 3.11 16.49 -16.30
O2N NAD E . 1.39 14.60 -16.23
O5D NAD E . 0.76 16.95 -16.94
C5D NAD E . -0.55 16.65 -17.43
C4D NAD E . -1.43 17.87 -17.33
O4D NAD E . -1.64 18.25 -15.95
C3D NAD E . -0.86 19.13 -18.01
O3D NAD E . -1.94 19.87 -18.56
C2D NAD E . -0.19 19.85 -16.84
O2D NAD E . 0.06 21.23 -17.14
C1D NAD E . -1.21 19.58 -15.74
N1N NAD E . -0.70 19.70 -14.32
C2N NAD E . -1.64 19.91 -13.38
C3N NAD E . -1.29 19.98 -12.05
C7N NAD E . -2.32 20.24 -10.98
O7N NAD E . -1.95 20.59 -9.86
N7N NAD E . -3.61 20.18 -11.32
C4N NAD E . 0.05 19.81 -11.71
C5N NAD E . 0.99 19.59 -12.69
C6N NAD E . 0.60 19.56 -14.02
N9 ADE F . -0.24 24.27 -8.53
C8 ADE F . -0.76 23.18 -7.87
N7 ADE F . -1.04 23.40 -6.59
C5 ADE F . -0.68 24.72 -6.41
C6 ADE F . -0.73 25.57 -5.29
N6 ADE F . -1.13 25.19 -4.08
N1 ADE F . -0.31 26.84 -5.46
C2 ADE F . 0.11 27.23 -6.66
N3 ADE F . 0.21 26.53 -7.78
C4 ADE F . -0.21 25.28 -7.59
C10 UI7 G . -20.75 0.49 -37.24
C01 UI7 G . -13.28 0.92 -35.86
C02 UI7 G . -14.32 0.44 -36.86
C05 UI7 G . -16.91 0.51 -37.59
C06 UI7 G . -16.73 -0.06 -38.91
C07 UI7 G . -17.87 -0.42 -39.66
C08 UI7 G . -19.15 -0.25 -39.14
C09 UI7 G . -19.33 0.30 -37.81
C12 UI7 G . -18.21 0.68 -37.06
N04 UI7 G . -15.71 0.92 -36.72
O03 UI7 G . -14.00 -0.31 -37.74
O11 UI7 G . -20.98 1.92 -37.09
K K H . -2.53 24.08 -0.51
P PO4 I . -26.10 4.73 -17.74
O1 PO4 I . -25.12 3.58 -17.83
O2 PO4 I . -25.74 5.62 -16.59
O3 PO4 I . -27.51 4.24 -17.60
O4 PO4 I . -25.95 5.53 -19.02
P PO4 J . 5.69 36.98 7.54
O1 PO4 J . 6.75 37.70 6.74
O2 PO4 J . 6.39 35.95 8.40
O3 PO4 J . 4.68 36.39 6.60
O4 PO4 J . 4.97 37.91 8.49
P PO4 K . 1.79 23.36 -11.10
O1 PO4 K . 2.33 22.96 -12.47
O2 PO4 K . 2.88 23.86 -10.15
O3 PO4 K . 1.18 22.22 -10.35
O4 PO4 K . 0.70 24.39 -11.28
P PO4 L . 28.12 13.19 -13.62
O1 PO4 L . 29.54 13.51 -13.99
O2 PO4 L . 27.51 12.28 -14.66
O3 PO4 L . 28.08 12.49 -12.30
O4 PO4 L . 27.35 14.48 -13.50
C10 UI7 M . 20.88 7.27 -17.69
C01 UI7 M . 24.42 7.01 -23.95
C02 UI7 M . 23.55 6.81 -22.70
C05 UI7 M . 21.17 7.51 -21.56
C06 UI7 M . 19.77 7.65 -21.93
C07 UI7 M . 18.76 7.65 -20.94
C08 UI7 M . 19.12 7.53 -19.58
C09 UI7 M . 20.53 7.40 -19.20
C12 UI7 M . 21.52 7.38 -20.19
N04 UI7 M . 22.24 7.53 -22.69
O03 UI7 M . 23.96 6.11 -21.82
O11 UI7 M . 21.60 8.43 -17.23
C1 GOL N . -20.35 19.88 2.80
O1 GOL N . -20.65 20.24 1.45
C2 GOL N . -19.49 21.03 3.49
O2 GOL N . -18.26 21.22 2.91
C3 GOL N . -19.34 20.67 4.99
O3 GOL N . -20.57 20.85 5.63
PA NAD O . -11.53 0.25 21.16
O1A NAD O . -11.67 -0.77 20.09
O2A NAD O . -11.76 -0.18 22.59
O5B NAD O . -10.04 0.84 21.04
C5B NAD O . -9.44 1.75 21.99
C4B NAD O . -8.03 1.24 22.11
O4B NAD O . -7.23 2.18 22.88
C3B NAD O . -7.90 -0.11 22.83
O3B NAD O . -7.23 -1.11 22.05
C2B NAD O . -7.08 0.22 24.09
O2B NAD O . -6.20 -0.85 24.44
C1B NAD O . -6.29 1.43 23.61
N9A NAD O . -5.79 2.27 24.70
C8A NAD O . -6.48 2.61 25.83
N7A NAD O . -5.80 3.38 26.66
C5A NAD O . -4.59 3.55 26.02
C6A NAD O . -3.44 4.27 26.37
N6A NAD O . -3.29 4.93 27.52
N1A NAD O . -2.40 4.26 25.50
C2A NAD O . -2.52 3.56 24.35
N3A NAD O . -3.56 2.84 23.92
C4A NAD O . -4.57 2.88 24.80
O3 NAD O . -12.49 1.46 20.83
PN NAD O . -12.84 2.14 19.43
O1N NAD O . -11.55 2.20 18.69
O2N NAD O . -14.02 1.46 18.85
O5D NAD O . -13.29 3.59 19.94
C5D NAD O . -12.29 4.47 20.48
C4D NAD O . -12.93 5.82 20.72
O4D NAD O . -13.29 6.42 19.45
C3D NAD O . -14.20 5.77 21.54
O3D NAD O . -14.28 6.93 22.38
C2D NAD O . -15.29 5.76 20.46
O2D NAD O . -16.54 6.18 21.00
C1D NAD O . -14.65 6.73 19.46
N1N NAD O . -15.16 6.66 18.06
C2N NAD O . -15.00 7.76 17.30
C3N NAD O . -15.41 7.76 15.98
C7N NAD O . -15.28 8.97 15.11
O7N NAD O . -15.96 9.06 14.06
N7N NAD O . -14.54 9.98 15.54
C4N NAD O . -15.94 6.58 15.44
C5N NAD O . -16.08 5.46 16.25
C6N NAD O . -15.70 5.52 17.57
N9 ADE P . -20.00 9.53 13.34
C8 ADE P . -18.91 9.63 12.53
N7 ADE P . -19.17 10.21 11.36
C5 ADE P . -20.50 10.52 11.43
C6 ADE P . -21.38 11.14 10.52
N6 ADE P . -21.01 11.54 9.29
N1 ADE P . -22.66 11.31 10.90
C2 ADE P . -23.04 10.87 12.12
N3 ADE P . -22.29 10.28 13.06
C4 ADE P . -21.04 10.12 12.64
C1 GOL Q . -31.09 -19.61 9.83
O1 GOL Q . -31.43 -18.34 9.50
C2 GOL Q . -32.12 -20.56 9.21
O2 GOL Q . -31.54 -21.78 9.07
C3 GOL Q . -33.32 -20.61 10.21
O3 GOL Q . -33.64 -21.98 10.39
C1 GOL R . -35.91 22.02 2.38
O1 GOL R . -35.82 22.81 1.24
C2 GOL R . -37.17 21.09 2.27
O2 GOL R . -37.01 20.07 1.31
C3 GOL R . -37.33 20.48 3.69
O3 GOL R . -35.99 20.22 4.13
C10 UI7 S . -14.38 -18.50 16.39
C01 UI7 S . -15.52 -21.56 23.33
C02 UI7 S . -15.17 -20.32 22.50
C05 UI7 S . -14.26 -19.35 20.18
C06 UI7 S . -13.66 -18.16 20.73
C07 UI7 S . -13.32 -17.10 19.86
C08 UI7 S . -13.55 -17.19 18.47
C09 UI7 S . -14.15 -18.40 17.92
C12 UI7 S . -14.48 -19.45 18.78
N04 UI7 S . -14.65 -20.52 21.11
O03 UI7 S . -15.33 -19.23 22.97
O11 UI7 S . -15.80 -18.54 16.08
K K T . -19.76 13.03 5.73
P PO4 U . 10.70 21.18 21.48
O1 PO4 U . 11.85 22.14 21.46
O2 PO4 U . 10.09 21.17 22.85
O3 PO4 U . 11.12 19.76 21.17
O4 PO4 U . 9.70 21.64 20.46
P PO4 V . -19.82 6.86 15.45
O1 PO4 V . -18.62 7.03 14.55
O2 PO4 V . -19.55 5.92 16.61
O3 PO4 V . -20.85 6.30 14.48
O4 PO4 V . -20.17 8.26 15.93
P PO4 W . -23.46 -21.04 12.39
O1 PO4 W . -22.31 -20.82 11.46
O2 PO4 W . -22.82 -21.38 13.71
O3 PO4 W . -24.34 -22.19 11.93
O4 PO4 W . -24.31 -19.80 12.50
P PO4 X . -35.91 13.48 -0.38
O1 PO4 X . -35.49 12.56 -1.51
O2 PO4 X . -36.46 14.72 -1.07
O3 PO4 X . -34.73 13.93 0.44
O4 PO4 X . -36.95 12.82 0.51
PA NAD Y . -12.76 -18.85 7.90
O1A NAD Y . -12.41 -17.69 8.72
O2A NAD Y . -14.05 -19.56 8.32
O5B NAD Y . -12.94 -18.41 6.38
C5B NAD Y . -13.39 -19.26 5.32
C4B NAD Y . -14.21 -18.32 4.48
O4B NAD Y . -14.64 -19.01 3.29
C3B NAD Y . -15.50 -17.81 5.17
O3B NAD Y . -15.50 -16.39 5.29
C2B NAD Y . -16.62 -18.34 4.27
O2B NAD Y . -17.74 -17.47 4.15
C1B NAD Y . -15.90 -18.49 2.94
N9A NAD Y . -16.52 -19.42 2.01
C8A NAD Y . -17.06 -20.65 2.29
N7A NAD Y . -17.57 -21.25 1.24
C5A NAD Y . -17.36 -20.36 0.20
C6A NAD Y . -17.65 -20.40 -1.17
N6A NAD Y . -18.32 -21.40 -1.76
N1A NAD Y . -17.23 -19.36 -1.93
C2A NAD Y . -16.60 -18.34 -1.35
N3A NAD Y . -16.31 -18.17 -0.05
C4A NAD Y . -16.69 -19.23 0.67
O3 NAD Y . -11.60 -19.92 7.96
PN NAD Y . -10.02 -19.66 7.90
O1N NAD Y . -9.86 -18.56 6.92
O2N NAD Y . -9.48 -19.53 9.27
O5D NAD Y . -9.54 -21.05 7.32
C5D NAD Y . -9.77 -21.39 5.93
C4D NAD Y . -9.09 -22.71 5.63
O4D NAD Y . -7.64 -22.56 5.65
C3D NAD Y . -9.40 -23.82 6.64
O3D NAD Y . -9.45 -25.07 5.94
C2D NAD Y . -8.21 -23.71 7.60
O2D NAD Y . -8.03 -24.89 8.38
C1D NAD Y . -7.09 -23.44 6.59
N1N NAD Y . -5.88 -22.82 7.14
C2N NAD Y . -4.77 -22.96 6.39
C3N NAD Y . -3.59 -22.35 6.77
C7N NAD Y . -2.34 -22.51 5.94
O7N NAD Y . -1.24 -22.30 6.45
N7N NAD Y . -2.47 -23.05 4.74
C4N NAD Y . -3.59 -21.55 7.92
C5N NAD Y . -4.75 -21.42 8.66
C6N NAD Y . -5.90 -22.09 8.27
N9 ADE Z . 1.03 -24.14 9.45
C8 ADE Z . 1.33 -23.16 8.53
N7 ADE Z . 2.63 -22.93 8.41
C5 ADE Z . 3.21 -23.83 9.30
C6 ADE Z . 4.57 -24.10 9.64
N6 ADE Z . 5.61 -23.44 9.11
N1 ADE Z . 4.81 -25.06 10.53
C2 ADE Z . 3.75 -25.71 11.08
N3 ADE Z . 2.45 -25.55 10.84
C4 ADE Z . 2.25 -24.59 9.94
C10 UI7 AA . -17.45 -5.77 21.83
C01 UI7 AA . -23.74 -6.87 24.89
C02 UI7 AA . -22.54 -6.53 24.00
C05 UI7 AA . -20.84 -7.54 22.15
C06 UI7 AA . -20.86 -8.34 20.95
C07 UI7 AA . -19.79 -8.30 20.05
C08 UI7 AA . -18.68 -7.46 20.31
C09 UI7 AA . -18.67 -6.67 21.53
C12 UI7 AA . -19.73 -6.69 22.44
N04 UI7 AA . -22.03 -7.63 23.13
O03 UI7 AA . -22.07 -5.44 24.06
O11 UI7 AA . -16.69 -6.46 22.85
K K BA . 8.68 -21.51 7.48
P PO4 CA . -9.87 -20.72 -22.37
O1 PO4 CA . -8.54 -20.96 -21.72
O2 PO4 CA . -9.75 -20.73 -23.85
O3 PO4 CA . -10.81 -21.82 -21.93
O4 PO4 CA . -10.46 -19.43 -21.85
P PO4 DA . -2.06 -23.59 10.89
O1 PO4 DA . -1.60 -24.93 10.32
O2 PO4 DA . -1.76 -22.49 9.91
O3 PO4 DA . -1.29 -23.23 12.14
O4 PO4 DA . -3.57 -23.64 11.19
P PO4 EA . -12.71 -6.38 30.58
O1 PO4 EA . -11.87 -7.61 30.79
O2 PO4 EA . -12.08 -5.49 29.55
O3 PO4 EA . -12.80 -5.64 31.90
O4 PO4 EA . -14.07 -6.75 30.05
P PO4 FA . 19.23 -26.06 20.45
O1 PO4 FA . 20.57 -26.74 20.23
O2 PO4 FA . 18.53 -26.66 21.65
O3 PO4 FA . 18.40 -26.28 19.21
O4 PO4 FA . 19.54 -24.60 20.71
PA NAD GA . 21.46 4.04 -9.89
O1A NAD GA . 22.58 4.89 -10.37
O2A NAD GA . 20.07 4.34 -10.45
O5B NAD GA . 21.35 4.00 -8.31
C5B NAD GA . 22.44 3.80 -7.41
C4B NAD GA . 22.15 4.78 -6.30
O4B NAD GA . 23.10 4.60 -5.23
C3B NAD GA . 22.26 6.26 -6.71
O3B NAD GA . 21.03 6.98 -6.61
C2B NAD GA . 23.32 6.83 -5.76
O2B NAD GA . 23.08 8.17 -5.34
C1B NAD GA . 23.27 5.85 -4.60
N9A NAD GA . 24.47 5.81 -3.81
C8A NAD GA . 25.76 5.83 -4.26
N7A NAD GA . 26.66 5.78 -3.31
C5A NAD GA . 25.91 5.72 -2.15
C6A NAD GA . 26.27 5.65 -0.78
N6A NAD GA . 27.53 5.61 -0.34
N1A NAD GA . 25.26 5.63 0.12
C2A NAD GA . 24.00 5.66 -0.31
N3A NAD GA . 23.54 5.72 -1.56
C4A NAD GA . 24.55 5.74 -2.45
O3 NAD GA . 21.79 2.54 -10.30
PN NAD GA . 20.80 1.29 -10.39
O1N NAD GA . 20.28 1.18 -11.76
O2N NAD GA . 19.86 1.40 -9.24
O5D NAD GA . 21.82 0.10 -10.15
C5D NAD GA . 22.47 -0.11 -8.86
C4D NAD GA . 23.34 -1.34 -8.94
O4D NAD GA . 22.50 -2.52 -9.06
C3D NAD GA . 24.29 -1.40 -10.14
O3D NAD GA . 25.43 -2.16 -9.73
C2D NAD GA . 23.49 -2.19 -11.16
O2D NAD GA . 24.30 -2.78 -12.17
C1D NAD GA . 22.83 -3.21 -10.24
N1N NAD GA . 21.58 -3.88 -10.76
C2N NAD GA . 21.26 -5.06 -10.19
C3N NAD GA . 20.10 -5.72 -10.57
C7N NAD GA . 19.75 -7.05 -9.98
O7N NAD GA . 18.98 -7.80 -10.60
N7N NAD GA . 20.41 -7.45 -8.88
C4N NAD GA . 19.27 -5.13 -11.52
C5N NAD GA . 19.63 -3.92 -12.10
C6N NAD GA . 20.81 -3.31 -11.71
N9 ADE HA . 19.12 -9.97 -14.16
C8 ADE HA . 18.20 -9.95 -13.14
N7 ADE HA . 17.42 -11.02 -13.10
C5 ADE HA . 17.88 -11.79 -14.19
C6 ADE HA . 17.46 -13.03 -14.70
N6 ADE HA . 16.45 -13.74 -14.20
N1 ADE HA . 18.11 -13.51 -15.79
C2 ADE HA . 19.12 -12.78 -16.30
N3 ADE HA . 19.60 -11.59 -15.90
C4 ADE HA . 18.92 -11.16 -14.83
C1 GOL IA . 15.40 -22.57 -9.13
O1 GOL IA . 16.30 -22.79 -10.16
C2 GOL IA . 14.21 -23.55 -9.23
O2 GOL IA . 13.49 -23.48 -8.06
C3 GOL IA . 13.37 -23.12 -10.50
O3 GOL IA . 12.30 -24.03 -10.65
C10 UI7 JA . 10.75 16.84 -20.27
C01 UI7 JA . 14.31 22.34 -22.81
C02 UI7 JA . 13.61 21.24 -22.01
C05 UI7 JA . 13.93 19.02 -20.49
C06 UI7 JA . 14.75 18.47 -19.45
C07 UI7 JA . 14.27 17.39 -18.68
C08 UI7 JA . 13.00 16.85 -18.93
C09 UI7 JA . 12.16 17.41 -19.99
C12 UI7 JA . 12.64 18.49 -20.73
N04 UI7 JA . 14.46 20.21 -21.34
O03 UI7 JA . 12.43 21.23 -21.96
O11 UI7 JA . 10.73 16.10 -21.52
K K KA . 13.49 -15.91 -12.60
P PO4 LA . 25.37 -5.30 18.80
O1 PO4 LA . 26.75 -4.93 18.30
O2 PO4 LA . 25.43 -5.74 20.24
O3 PO4 LA . 24.85 -6.45 17.98
O4 PO4 LA . 24.43 -4.14 18.64
P PO4 MA . 20.12 -6.91 -14.88
O1 PO4 MA . 21.15 -8.01 -14.70
O2 PO4 MA . 20.82 -5.57 -14.90
O3 PO4 MA . 19.26 -7.04 -16.14
O4 PO4 MA . 19.18 -7.04 -13.73
P PO4 NA . 8.12 13.98 -29.95
O1 PO4 NA . 9.25 13.14 -30.48
O2 PO4 NA . 7.44 14.73 -31.08
O3 PO4 NA . 8.66 14.98 -28.97
O4 PO4 NA . 7.13 13.09 -29.29
P PO4 OA . 10.87 -24.55 -27.35
O1 PO4 OA . 11.56 -23.98 -28.58
O2 PO4 OA . 11.61 -24.13 -26.09
O3 PO4 OA . 10.87 -26.07 -27.34
O4 PO4 OA . 9.41 -24.13 -27.29
C10 UI7 PA . 7.65 -7.66 -32.14
C01 UI7 PA . 11.67 -2.78 -35.15
C02 UI7 PA . 11.10 -3.81 -34.17
C05 UI7 PA . 9.73 -4.41 -32.00
C06 UI7 PA . 9.96 -4.29 -30.58
C07 UI7 PA . 9.44 -5.25 -29.70
C08 UI7 PA . 8.68 -6.34 -30.19
C09 UI7 PA . 8.47 -6.46 -31.63
C12 UI7 PA . 8.99 -5.51 -32.50
N04 UI7 PA . 10.31 -3.38 -32.98
O03 UI7 PA . 11.31 -4.95 -34.40
O11 UI7 PA . 7.26 -8.31 -30.88
#